data_2DIB
#
_entry.id   2DIB
#
_entity_poly.entity_id   1
_entity_poly.type   'polypeptide(L)'
_entity_poly.pdbx_seq_one_letter_code
;GSSGSSGHFPARVKVEPAVDTSRIKVFGPGIEGKDVFREATTDFTVDSRPLTQVGGDHIKAHIANPSGASTECFVTDNAD
GTYQVEYTPFEKGLHVVEVTYDDVPIPNSPFKVAVTEGCQPSSGPSSG
;
_entity_poly.pdbx_strand_id   A
#
# COMPACT_ATOMS: atom_id res chain seq x y z
N GLY A 1 -47.09 -3.00 -17.14
CA GLY A 1 -46.09 -3.09 -18.19
C GLY A 1 -45.62 -1.72 -18.66
N SER A 2 -44.30 -1.53 -18.70
CA SER A 2 -43.74 -0.26 -19.13
C SER A 2 -42.38 -0.47 -19.79
N SER A 3 -42.32 -0.20 -21.10
CA SER A 3 -41.09 -0.38 -21.86
C SER A 3 -41.17 0.37 -23.19
N GLY A 4 -40.14 1.17 -23.48
CA GLY A 4 -40.11 1.92 -24.72
C GLY A 4 -38.75 1.91 -25.37
N SER A 5 -38.20 0.73 -25.60
CA SER A 5 -36.88 0.59 -26.21
C SER A 5 -36.65 -0.84 -26.68
N SER A 6 -36.12 -0.97 -27.89
CA SER A 6 -35.85 -2.29 -28.46
C SER A 6 -34.51 -2.30 -29.19
N GLY A 7 -33.95 -3.49 -29.39
CA GLY A 7 -32.68 -3.61 -30.08
C GLY A 7 -31.59 -2.80 -29.43
N HIS A 8 -31.55 -2.81 -28.09
CA HIS A 8 -30.55 -2.07 -27.35
C HIS A 8 -30.55 -2.47 -25.88
N PHE A 9 -29.39 -2.85 -25.37
CA PHE A 9 -29.27 -3.26 -23.97
C PHE A 9 -28.49 -2.21 -23.17
N PRO A 10 -29.19 -1.16 -22.74
CA PRO A 10 -28.59 -0.07 -21.96
C PRO A 10 -28.22 -0.52 -20.55
N ALA A 11 -26.93 -0.71 -20.31
CA ALA A 11 -26.44 -1.14 -19.00
C ALA A 11 -25.47 -0.12 -18.42
N ARG A 12 -25.78 1.16 -18.61
CA ARG A 12 -24.93 2.23 -18.10
C ARG A 12 -25.51 2.84 -16.83
N VAL A 13 -24.82 2.62 -15.71
CA VAL A 13 -25.27 3.15 -14.43
C VAL A 13 -24.10 3.47 -13.52
N LYS A 14 -24.23 4.54 -12.75
CA LYS A 14 -23.18 4.95 -11.83
C LYS A 14 -23.39 4.37 -10.44
N VAL A 15 -22.32 3.84 -9.85
CA VAL A 15 -22.39 3.24 -8.52
C VAL A 15 -21.90 4.23 -7.46
N GLU A 16 -22.78 4.53 -6.51
CA GLU A 16 -22.43 5.45 -5.42
C GLU A 16 -21.59 4.76 -4.36
N PRO A 17 -20.65 5.50 -3.77
CA PRO A 17 -19.76 4.99 -2.73
C PRO A 17 -20.49 4.71 -1.42
N ALA A 18 -20.30 3.51 -0.89
CA ALA A 18 -20.95 3.12 0.36
C ALA A 18 -20.01 3.28 1.54
N VAL A 19 -18.97 4.10 1.36
CA VAL A 19 -18.00 4.35 2.41
C VAL A 19 -17.49 5.80 2.35
N ASP A 20 -17.03 6.30 3.49
CA ASP A 20 -16.51 7.65 3.57
C ASP A 20 -15.05 7.70 3.17
N THR A 21 -14.20 7.00 3.92
CA THR A 21 -12.77 6.97 3.64
C THR A 21 -12.25 8.35 3.27
N SER A 22 -12.72 9.37 3.97
CA SER A 22 -12.31 10.74 3.72
C SER A 22 -11.45 11.28 4.86
N ARG A 23 -11.47 10.57 5.98
CA ARG A 23 -10.69 10.97 7.15
C ARG A 23 -9.62 9.94 7.48
N ILE A 24 -9.10 9.29 6.45
CA ILE A 24 -8.07 8.28 6.62
C ILE A 24 -6.68 8.92 6.74
N LYS A 25 -5.94 8.51 7.78
CA LYS A 25 -4.60 9.05 8.00
C LYS A 25 -3.56 7.92 7.99
N VAL A 26 -2.53 8.09 7.18
CA VAL A 26 -1.46 7.09 7.07
C VAL A 26 -0.13 7.66 7.52
N PHE A 27 0.49 7.03 8.51
CA PHE A 27 1.78 7.47 9.03
C PHE A 27 2.80 6.35 8.97
N GLY A 28 4.05 6.70 8.63
CA GLY A 28 5.10 5.72 8.55
C GLY A 28 6.09 6.02 7.43
N PRO A 29 7.25 5.35 7.47
CA PRO A 29 8.30 5.53 6.47
C PRO A 29 7.91 4.97 5.11
N GLY A 30 7.15 3.88 5.12
CA GLY A 30 6.72 3.27 3.88
C GLY A 30 5.88 4.20 3.03
N ILE A 31 5.27 5.19 3.67
CA ILE A 31 4.43 6.15 2.96
C ILE A 31 5.10 7.53 2.92
N GLU A 32 5.97 7.79 3.89
CA GLU A 32 6.68 9.06 3.97
C GLU A 32 7.92 9.05 3.10
N GLY A 33 8.73 8.00 3.24
CA GLY A 33 9.95 7.88 2.44
C GLY A 33 11.19 8.09 3.28
N LYS A 34 11.24 7.45 4.44
CA LYS A 34 12.38 7.57 5.34
C LYS A 34 13.32 6.38 5.18
N ASP A 35 12.86 5.22 5.64
CA ASP A 35 13.66 3.99 5.55
C ASP A 35 13.17 3.11 4.41
N VAL A 36 12.65 3.74 3.36
CA VAL A 36 12.15 3.01 2.21
C VAL A 36 13.25 2.78 1.18
N PHE A 37 14.50 2.86 1.63
CA PHE A 37 15.65 2.65 0.75
C PHE A 37 15.47 1.39 -0.09
N ARG A 38 16.14 1.34 -1.24
CA ARG A 38 16.06 0.19 -2.13
C ARG A 38 16.43 -1.08 -1.39
N GLU A 39 15.66 -2.14 -1.64
CA GLU A 39 15.91 -3.43 -0.99
C GLU A 39 15.81 -3.31 0.53
N ALA A 40 14.86 -2.49 0.99
CA ALA A 40 14.67 -2.30 2.41
C ALA A 40 13.23 -2.62 2.83
N THR A 41 13.08 -3.14 4.04
CA THR A 41 11.76 -3.51 4.55
C THR A 41 11.07 -2.31 5.19
N THR A 42 10.18 -1.68 4.44
CA THR A 42 9.45 -0.52 4.93
C THR A 42 7.94 -0.78 4.93
N ASP A 43 7.25 -0.20 5.91
CA ASP A 43 5.81 -0.37 6.03
C ASP A 43 5.17 0.85 6.69
N PHE A 44 3.89 1.07 6.39
CA PHE A 44 3.17 2.21 6.94
C PHE A 44 1.98 1.74 7.76
N THR A 45 1.29 2.68 8.40
CA THR A 45 0.13 2.37 9.22
C THR A 45 -1.08 3.19 8.80
N VAL A 46 -2.21 2.51 8.59
CA VAL A 46 -3.44 3.19 8.18
C VAL A 46 -4.46 3.19 9.31
N ASP A 47 -4.68 4.36 9.90
CA ASP A 47 -5.64 4.49 10.99
C ASP A 47 -7.01 4.89 10.47
N SER A 48 -8.01 4.05 10.73
CA SER A 48 -9.37 4.32 10.28
C SER A 48 -10.38 4.10 11.42
N ARG A 49 -11.23 5.09 11.63
CA ARG A 49 -12.23 5.01 12.68
C ARG A 49 -13.58 4.55 12.12
N PRO A 50 -14.22 5.42 11.32
CA PRO A 50 -15.51 5.14 10.71
C PRO A 50 -15.41 4.07 9.61
N LEU A 51 -14.24 3.46 9.50
CA LEU A 51 -14.00 2.43 8.50
C LEU A 51 -13.81 1.07 9.16
N THR A 52 -13.20 1.07 10.35
CA THR A 52 -12.96 -0.16 11.09
C THR A 52 -12.64 0.13 12.55
N GLN A 53 -12.97 -0.83 13.42
CA GLN A 53 -12.73 -0.67 14.85
C GLN A 53 -11.92 -1.84 15.39
N VAL A 54 -12.00 -2.98 14.71
CA VAL A 54 -11.28 -4.17 15.12
C VAL A 54 -10.54 -4.81 13.94
N GLY A 55 -9.98 -3.96 13.09
CA GLY A 55 -9.25 -4.46 11.94
C GLY A 55 -10.16 -5.10 10.91
N GLY A 56 -9.75 -5.08 9.65
CA GLY A 56 -10.54 -5.65 8.58
C GLY A 56 -9.71 -6.20 7.45
N ASP A 57 -10.36 -6.75 6.44
CA ASP A 57 -9.66 -7.31 5.28
C ASP A 57 -10.17 -6.70 3.98
N HIS A 58 -10.38 -5.39 3.99
CA HIS A 58 -10.86 -4.69 2.81
C HIS A 58 -9.85 -3.64 2.34
N ILE A 59 -8.58 -3.90 2.60
CA ILE A 59 -7.51 -2.99 2.20
C ILE A 59 -6.64 -3.59 1.10
N LYS A 60 -6.14 -2.74 0.22
CA LYS A 60 -5.29 -3.19 -0.87
C LYS A 60 -4.52 -2.02 -1.48
N ALA A 61 -3.22 -2.21 -1.69
CA ALA A 61 -2.37 -1.18 -2.26
C ALA A 61 -1.60 -1.71 -3.47
N HIS A 62 -1.08 -0.79 -4.28
CA HIS A 62 -0.33 -1.16 -5.47
C HIS A 62 0.76 -0.13 -5.77
N ILE A 63 2.01 -0.55 -5.59
CA ILE A 63 3.15 0.34 -5.83
C ILE A 63 3.52 0.35 -7.31
N ALA A 64 3.91 1.52 -7.81
CA ALA A 64 4.29 1.66 -9.21
C ALA A 64 5.65 2.36 -9.34
N ASN A 65 6.66 1.58 -9.69
CA ASN A 65 8.01 2.12 -9.85
C ASN A 65 8.06 3.14 -10.98
N PRO A 66 9.06 4.03 -10.93
CA PRO A 66 9.25 5.08 -11.94
C PRO A 66 9.71 4.50 -13.28
N SER A 67 9.97 3.20 -13.30
CA SER A 67 10.42 2.53 -14.52
C SER A 67 9.27 1.77 -15.18
N GLY A 68 8.32 1.33 -14.37
CA GLY A 68 7.18 0.59 -14.89
C GLY A 68 6.81 -0.60 -14.04
N ALA A 69 7.82 -1.18 -13.39
CA ALA A 69 7.59 -2.34 -12.53
C ALA A 69 6.73 -1.98 -11.32
N SER A 70 6.41 -2.98 -10.50
CA SER A 70 5.58 -2.76 -9.33
C SER A 70 6.08 -3.61 -8.16
N THR A 71 6.08 -3.02 -6.97
CA THR A 71 6.53 -3.72 -5.76
C THR A 71 5.36 -4.37 -5.04
N GLU A 72 5.43 -5.68 -4.87
CA GLU A 72 4.37 -6.42 -4.18
C GLU A 72 4.10 -5.85 -2.80
N CYS A 73 2.84 -5.59 -2.50
CA CYS A 73 2.45 -5.03 -1.22
C CYS A 73 1.89 -6.12 -0.30
N PHE A 74 2.21 -6.02 0.99
CA PHE A 74 1.74 -7.01 1.96
C PHE A 74 1.00 -6.32 3.10
N VAL A 75 -0.32 -6.33 3.04
CA VAL A 75 -1.15 -5.71 4.06
C VAL A 75 -1.32 -6.63 5.26
N THR A 76 -1.15 -6.07 6.45
CA THR A 76 -1.29 -6.83 7.68
C THR A 76 -2.16 -6.10 8.69
N ASP A 77 -3.36 -6.63 8.92
CA ASP A 77 -4.30 -6.04 9.87
C ASP A 77 -3.97 -6.45 11.30
N ASN A 78 -3.82 -5.46 12.18
CA ASN A 78 -3.51 -5.73 13.58
C ASN A 78 -4.76 -6.09 14.36
N ALA A 79 -5.84 -6.40 13.64
CA ALA A 79 -7.10 -6.76 14.27
C ALA A 79 -7.42 -5.84 15.44
N ASP A 80 -7.05 -4.57 15.30
CA ASP A 80 -7.30 -3.59 16.35
C ASP A 80 -8.02 -2.37 15.79
N GLY A 81 -7.78 -2.07 14.52
CA GLY A 81 -8.42 -0.93 13.89
C GLY A 81 -7.54 -0.29 12.83
N THR A 82 -6.25 -0.54 12.90
CA THR A 82 -5.31 0.01 11.93
C THR A 82 -4.72 -1.08 11.04
N TYR A 83 -4.18 -0.67 9.90
CA TYR A 83 -3.59 -1.61 8.95
C TYR A 83 -2.10 -1.34 8.78
N GLN A 84 -1.33 -2.42 8.61
CA GLN A 84 0.11 -2.31 8.44
C GLN A 84 0.56 -2.99 7.14
N VAL A 85 0.89 -2.18 6.14
CA VAL A 85 1.33 -2.70 4.86
C VAL A 85 2.85 -2.62 4.73
N GLU A 86 3.48 -3.76 4.43
CA GLU A 86 4.93 -3.82 4.27
C GLU A 86 5.31 -4.20 2.85
N TYR A 87 6.31 -3.51 2.31
CA TYR A 87 6.77 -3.77 0.95
C TYR A 87 8.25 -3.43 0.80
N THR A 88 8.93 -4.14 -0.10
CA THR A 88 10.35 -3.92 -0.34
C THR A 88 10.60 -3.48 -1.77
N PRO A 89 10.80 -2.17 -1.97
CA PRO A 89 11.06 -1.60 -3.30
C PRO A 89 12.43 -1.98 -3.83
N PHE A 90 12.43 -2.65 -4.98
CA PHE A 90 13.68 -3.08 -5.61
C PHE A 90 14.19 -2.04 -6.59
N GLU A 91 13.80 -0.78 -6.36
CA GLU A 91 14.21 0.31 -7.23
C GLU A 91 14.23 1.63 -6.46
N LYS A 92 15.36 2.34 -6.53
CA LYS A 92 15.50 3.62 -5.84
C LYS A 92 14.91 4.75 -6.67
N GLY A 93 13.65 5.08 -6.39
CA GLY A 93 12.98 6.14 -7.12
C GLY A 93 11.61 6.47 -6.54
N LEU A 94 10.91 7.38 -7.20
CA LEU A 94 9.58 7.79 -6.74
C LEU A 94 8.50 6.90 -7.34
N HIS A 95 7.81 6.16 -6.48
CA HIS A 95 6.74 5.26 -6.93
C HIS A 95 5.37 5.85 -6.61
N VAL A 96 4.35 5.38 -7.33
CA VAL A 96 2.99 5.86 -7.14
C VAL A 96 2.13 4.80 -6.45
N VAL A 97 1.85 5.01 -5.17
CA VAL A 97 1.04 4.07 -4.40
C VAL A 97 -0.43 4.47 -4.43
N GLU A 98 -1.27 3.57 -4.94
CA GLU A 98 -2.70 3.82 -5.03
C GLU A 98 -3.47 2.97 -4.03
N VAL A 99 -4.09 3.62 -3.05
CA VAL A 99 -4.86 2.92 -2.02
C VAL A 99 -6.35 3.00 -2.31
N THR A 100 -7.06 1.90 -2.08
CA THR A 100 -8.49 1.85 -2.31
C THR A 100 -9.20 1.07 -1.20
N TYR A 101 -10.01 1.77 -0.42
CA TYR A 101 -10.75 1.14 0.67
C TYR A 101 -12.17 0.78 0.23
N ASP A 102 -12.43 -0.51 0.11
CA ASP A 102 -13.75 -1.00 -0.30
C ASP A 102 -14.09 -0.52 -1.71
N ASP A 103 -13.12 -0.62 -2.61
CA ASP A 103 -13.32 -0.21 -3.99
C ASP A 103 -13.49 1.31 -4.08
N VAL A 104 -12.88 2.03 -3.14
CA VAL A 104 -12.97 3.48 -3.11
C VAL A 104 -11.64 4.11 -2.70
N PRO A 105 -11.10 4.97 -3.57
CA PRO A 105 -9.82 5.65 -3.31
C PRO A 105 -9.94 6.70 -2.20
N ILE A 106 -8.82 6.97 -1.54
CA ILE A 106 -8.80 7.94 -0.46
C ILE A 106 -8.32 9.30 -0.95
N PRO A 107 -8.70 10.37 -0.22
CA PRO A 107 -8.31 11.73 -0.56
C PRO A 107 -6.82 12.00 -0.35
N ASN A 108 -6.10 10.95 0.05
CA ASN A 108 -4.66 11.07 0.30
C ASN A 108 -3.87 10.46 -0.86
N SER A 109 -4.52 9.59 -1.62
CA SER A 109 -3.87 8.93 -2.75
C SER A 109 -4.24 9.62 -4.06
N PRO A 110 -3.43 9.39 -5.10
CA PRO A 110 -2.25 8.52 -5.00
C PRO A 110 -1.14 9.13 -4.16
N PHE A 111 -0.22 8.30 -3.70
CA PHE A 111 0.89 8.76 -2.88
C PHE A 111 2.18 8.81 -3.68
N LYS A 112 3.20 9.46 -3.13
CA LYS A 112 4.49 9.58 -3.79
C LYS A 112 5.63 9.29 -2.82
N VAL A 113 6.22 8.10 -2.94
CA VAL A 113 7.32 7.70 -2.08
C VAL A 113 8.66 7.81 -2.80
N ALA A 114 9.41 8.85 -2.48
CA ALA A 114 10.72 9.08 -3.10
C ALA A 114 11.81 8.35 -2.33
N VAL A 115 12.24 7.21 -2.87
CA VAL A 115 13.29 6.43 -2.24
C VAL A 115 14.66 7.08 -2.42
N THR A 116 15.53 6.92 -1.42
CA THR A 116 16.86 7.49 -1.47
C THR A 116 17.93 6.44 -1.22
N GLU A 117 19.09 6.61 -1.83
CA GLU A 117 20.19 5.67 -1.69
C GLU A 117 20.61 5.55 -0.23
N GLY A 118 20.37 4.38 0.36
CA GLY A 118 20.73 4.16 1.75
C GLY A 118 21.81 3.10 1.91
N CYS A 119 21.39 1.87 2.14
CA CYS A 119 22.32 0.76 2.32
C CYS A 119 21.79 -0.52 1.68
N GLN A 120 22.60 -1.56 1.68
CA GLN A 120 22.21 -2.84 1.10
C GLN A 120 22.22 -3.94 2.16
N PRO A 121 21.18 -4.79 2.13
CA PRO A 121 21.05 -5.89 3.08
C PRO A 121 22.07 -7.00 2.83
N SER A 122 22.95 -6.77 1.87
CA SER A 122 23.98 -7.75 1.53
C SER A 122 24.47 -8.49 2.78
N SER A 123 24.40 -9.81 2.74
CA SER A 123 24.82 -10.63 3.87
C SER A 123 26.34 -10.78 3.89
N GLY A 124 26.91 -10.73 5.09
CA GLY A 124 28.35 -10.86 5.24
C GLY A 124 28.77 -11.12 6.66
N PRO A 125 29.14 -10.04 7.38
CA PRO A 125 29.57 -10.13 8.77
C PRO A 125 28.42 -10.48 9.72
N SER A 126 28.59 -11.56 10.48
CA SER A 126 27.57 -12.02 11.41
C SER A 126 27.96 -11.65 12.85
N SER A 127 26.95 -11.38 13.67
CA SER A 127 27.18 -11.03 15.07
C SER A 127 27.48 -12.26 15.90
N GLY A 128 26.57 -13.23 15.87
CA GLY A 128 26.77 -14.45 16.64
C GLY A 128 26.41 -15.69 15.85
N GLY A 1 -19.16 -4.89 -34.75
CA GLY A 1 -18.36 -6.05 -34.43
C GLY A 1 -18.90 -6.80 -33.22
N SER A 2 -18.68 -8.11 -33.20
CA SER A 2 -19.16 -8.95 -32.10
C SER A 2 -18.19 -10.10 -31.83
N SER A 3 -17.76 -10.22 -30.59
CA SER A 3 -16.82 -11.27 -30.20
C SER A 3 -16.95 -11.59 -28.71
N GLY A 4 -16.98 -12.87 -28.38
CA GLY A 4 -17.10 -13.29 -26.99
C GLY A 4 -18.29 -14.21 -26.76
N SER A 5 -18.78 -14.23 -25.52
CA SER A 5 -19.91 -15.06 -25.17
C SER A 5 -20.99 -14.25 -24.46
N SER A 6 -22.15 -14.85 -24.27
CA SER A 6 -23.27 -14.19 -23.61
C SER A 6 -23.09 -14.22 -22.09
N GLY A 7 -23.30 -13.07 -21.45
CA GLY A 7 -23.16 -12.98 -20.01
C GLY A 7 -22.31 -11.81 -19.58
N HIS A 8 -21.02 -11.85 -19.91
CA HIS A 8 -20.10 -10.78 -19.56
C HIS A 8 -20.66 -9.42 -19.98
N PHE A 9 -20.43 -8.41 -19.15
CA PHE A 9 -20.91 -7.06 -19.43
C PHE A 9 -19.77 -6.05 -19.29
N PRO A 10 -19.13 -5.72 -20.42
CA PRO A 10 -18.03 -4.76 -20.46
C PRO A 10 -18.49 -3.33 -20.20
N ALA A 11 -19.78 -3.18 -19.91
CA ALA A 11 -20.36 -1.86 -19.64
C ALA A 11 -20.47 -1.61 -18.15
N ARG A 12 -19.51 -0.87 -17.59
CA ARG A 12 -19.51 -0.56 -16.17
C ARG A 12 -20.54 0.53 -15.85
N VAL A 13 -21.37 0.27 -14.85
CA VAL A 13 -22.39 1.22 -14.43
C VAL A 13 -21.87 2.16 -13.35
N LYS A 14 -22.65 3.19 -13.04
CA LYS A 14 -22.26 4.15 -12.01
C LYS A 14 -22.57 3.61 -10.61
N VAL A 15 -21.53 3.45 -9.80
CA VAL A 15 -21.69 2.95 -8.44
C VAL A 15 -21.09 3.92 -7.42
N GLU A 16 -21.97 4.65 -6.73
CA GLU A 16 -21.53 5.62 -5.73
C GLU A 16 -21.03 4.90 -4.48
N PRO A 17 -20.02 5.51 -3.82
CA PRO A 17 -19.44 4.95 -2.60
C PRO A 17 -20.38 5.02 -1.41
N ALA A 18 -20.61 3.86 -0.79
CA ALA A 18 -21.51 3.79 0.37
C ALA A 18 -20.72 3.86 1.67
N VAL A 19 -19.48 4.32 1.59
CA VAL A 19 -18.62 4.45 2.76
C VAL A 19 -17.89 5.78 2.77
N ASP A 20 -17.48 6.21 3.96
CA ASP A 20 -16.76 7.48 4.11
C ASP A 20 -15.26 7.23 4.22
N THR A 21 -14.52 7.65 3.19
CA THR A 21 -13.08 7.48 3.18
C THR A 21 -12.38 8.78 2.79
N SER A 22 -12.51 9.79 3.65
CA SER A 22 -11.89 11.09 3.40
C SER A 22 -11.03 11.51 4.58
N ARG A 23 -11.34 10.97 5.75
CA ARG A 23 -10.59 11.30 6.96
C ARG A 23 -9.50 10.27 7.23
N ILE A 24 -9.34 9.33 6.29
CA ILE A 24 -8.33 8.29 6.42
C ILE A 24 -6.92 8.88 6.41
N LYS A 25 -6.16 8.61 7.47
CA LYS A 25 -4.80 9.10 7.57
C LYS A 25 -3.79 7.96 7.52
N VAL A 26 -2.53 8.29 7.30
CA VAL A 26 -1.47 7.28 7.24
C VAL A 26 -0.14 7.86 7.72
N PHE A 27 0.54 7.12 8.58
CA PHE A 27 1.83 7.55 9.11
C PHE A 27 2.85 6.42 9.06
N GLY A 28 4.05 6.74 8.60
CA GLY A 28 5.11 5.74 8.51
C GLY A 28 6.07 6.02 7.38
N PRO A 29 7.24 5.37 7.42
CA PRO A 29 8.29 5.54 6.40
C PRO A 29 7.88 4.93 5.06
N GLY A 30 7.13 3.84 5.11
CA GLY A 30 6.70 3.18 3.89
C GLY A 30 5.85 4.09 3.02
N ILE A 31 5.25 5.11 3.63
CA ILE A 31 4.41 6.05 2.90
C ILE A 31 5.04 7.44 2.86
N GLU A 32 5.97 7.68 3.77
CA GLU A 32 6.65 8.97 3.85
C GLU A 32 7.89 8.98 2.95
N GLY A 33 8.70 7.93 3.07
CA GLY A 33 9.91 7.85 2.27
C GLY A 33 11.16 8.08 3.09
N LYS A 34 11.24 7.44 4.25
CA LYS A 34 12.39 7.58 5.13
C LYS A 34 13.36 6.41 4.95
N ASP A 35 12.93 5.23 5.40
CA ASP A 35 13.76 4.04 5.29
C ASP A 35 13.28 3.15 4.14
N VAL A 36 12.66 3.76 3.14
CA VAL A 36 12.15 3.04 1.99
C VAL A 36 13.27 2.74 0.99
N PHE A 37 14.50 2.94 1.43
CA PHE A 37 15.66 2.68 0.58
C PHE A 37 15.51 1.37 -0.19
N ARG A 38 16.08 1.31 -1.38
CA ARG A 38 16.01 0.12 -2.22
C ARG A 38 16.43 -1.11 -1.43
N GLU A 39 15.68 -2.20 -1.60
CA GLU A 39 15.99 -3.45 -0.90
C GLU A 39 15.83 -3.28 0.60
N ALA A 40 14.98 -2.34 1.01
CA ALA A 40 14.74 -2.09 2.43
C ALA A 40 13.31 -2.44 2.81
N THR A 41 13.15 -2.99 4.01
CA THR A 41 11.83 -3.38 4.49
C THR A 41 11.11 -2.21 5.15
N THR A 42 10.23 -1.56 4.41
CA THR A 42 9.47 -0.42 4.91
C THR A 42 7.97 -0.71 4.93
N ASP A 43 7.28 -0.18 5.92
CA ASP A 43 5.84 -0.36 6.05
C ASP A 43 5.19 0.83 6.73
N PHE A 44 3.90 1.03 6.47
CA PHE A 44 3.16 2.13 7.06
C PHE A 44 1.94 1.62 7.83
N THR A 45 1.26 2.53 8.51
CA THR A 45 0.07 2.18 9.29
C THR A 45 -1.12 3.03 8.88
N VAL A 46 -2.24 2.37 8.60
CA VAL A 46 -3.46 3.07 8.20
C VAL A 46 -4.45 3.16 9.36
N ASP A 47 -4.70 4.39 9.82
CA ASP A 47 -5.62 4.61 10.92
C ASP A 47 -7.06 4.72 10.42
N SER A 48 -7.93 3.84 10.93
CA SER A 48 -9.33 3.83 10.52
C SER A 48 -10.24 3.73 11.74
N ARG A 49 -11.34 4.50 11.71
CA ARG A 49 -12.30 4.49 12.81
C ARG A 49 -13.70 4.17 12.31
N PRO A 50 -14.31 5.12 11.59
CA PRO A 50 -15.65 4.96 11.04
C PRO A 50 -15.70 3.94 9.91
N LEU A 51 -14.57 3.29 9.66
CA LEU A 51 -14.48 2.30 8.60
C LEU A 51 -14.38 0.89 9.18
N THR A 52 -13.48 0.73 10.16
CA THR A 52 -13.29 -0.57 10.80
C THR A 52 -13.09 -0.41 12.31
N GLN A 53 -13.10 -1.53 13.02
CA GLN A 53 -12.91 -1.52 14.46
C GLN A 53 -11.92 -2.59 14.90
N VAL A 54 -12.02 -3.77 14.26
CA VAL A 54 -11.13 -4.88 14.59
C VAL A 54 -10.18 -5.17 13.45
N GLY A 55 -9.65 -4.11 12.84
CA GLY A 55 -8.73 -4.26 11.73
C GLY A 55 -9.43 -4.49 10.40
N GLY A 56 -9.80 -5.74 10.13
CA GLY A 56 -10.47 -6.06 8.89
C GLY A 56 -9.51 -6.39 7.77
N ASP A 57 -10.04 -6.81 6.63
CA ASP A 57 -9.22 -7.15 5.47
C ASP A 57 -9.78 -6.52 4.20
N HIS A 58 -10.24 -5.28 4.32
CA HIS A 58 -10.79 -4.57 3.18
C HIS A 58 -9.81 -3.51 2.67
N ILE A 59 -8.53 -3.78 2.81
CA ILE A 59 -7.49 -2.86 2.37
C ILE A 59 -6.68 -3.44 1.23
N LYS A 60 -6.30 -2.61 0.27
CA LYS A 60 -5.51 -3.05 -0.87
C LYS A 60 -4.63 -1.92 -1.39
N ALA A 61 -3.37 -2.24 -1.68
CA ALA A 61 -2.44 -1.25 -2.18
C ALA A 61 -1.70 -1.77 -3.43
N HIS A 62 -1.11 -0.86 -4.19
CA HIS A 62 -0.38 -1.21 -5.39
C HIS A 62 0.72 -0.21 -5.69
N ILE A 63 1.97 -0.62 -5.49
CA ILE A 63 3.10 0.26 -5.74
C ILE A 63 3.50 0.24 -7.22
N ALA A 64 3.97 1.38 -7.71
CA ALA A 64 4.38 1.50 -9.10
C ALA A 64 5.74 2.20 -9.22
N ASN A 65 6.74 1.45 -9.66
CA ASN A 65 8.08 2.00 -9.81
C ASN A 65 8.17 2.89 -11.05
N PRO A 66 9.09 3.87 -11.01
CA PRO A 66 9.30 4.80 -12.13
C PRO A 66 9.92 4.12 -13.34
N SER A 67 10.29 2.85 -13.18
CA SER A 67 10.91 2.09 -14.27
C SER A 67 9.86 1.28 -15.02
N GLY A 68 8.74 1.02 -14.36
CA GLY A 68 7.67 0.25 -14.98
C GLY A 68 7.32 -0.99 -14.19
N ALA A 69 8.22 -1.41 -13.31
CA ALA A 69 8.00 -2.60 -12.50
C ALA A 69 6.96 -2.32 -11.41
N SER A 70 6.66 -3.34 -10.62
CA SER A 70 5.67 -3.21 -9.55
C SER A 70 6.12 -4.00 -8.31
N THR A 71 6.13 -3.32 -7.17
CA THR A 71 6.54 -3.94 -5.90
C THR A 71 5.33 -4.48 -5.15
N GLU A 72 5.37 -5.77 -4.84
CA GLU A 72 4.28 -6.41 -4.12
C GLU A 72 4.02 -5.72 -2.79
N CYS A 73 2.78 -5.81 -2.31
CA CYS A 73 2.40 -5.18 -1.04
C CYS A 73 1.85 -6.21 -0.07
N PHE A 74 2.27 -6.12 1.18
CA PHE A 74 1.82 -7.04 2.21
C PHE A 74 1.04 -6.32 3.30
N VAL A 75 -0.29 -6.34 3.20
CA VAL A 75 -1.14 -5.68 4.17
C VAL A 75 -1.43 -6.59 5.36
N THR A 76 -1.22 -6.07 6.56
CA THR A 76 -1.46 -6.83 7.78
C THR A 76 -2.29 -6.04 8.78
N ASP A 77 -3.46 -6.57 9.13
CA ASP A 77 -4.34 -5.91 10.08
C ASP A 77 -3.99 -6.28 11.51
N ASN A 78 -3.88 -5.28 12.37
CA ASN A 78 -3.54 -5.50 13.77
C ASN A 78 -4.77 -5.88 14.58
N ALA A 79 -5.82 -6.33 13.89
CA ALA A 79 -7.06 -6.73 14.54
C ALA A 79 -7.41 -5.77 15.67
N ASP A 80 -6.98 -4.52 15.55
CA ASP A 80 -7.25 -3.51 16.57
C ASP A 80 -8.02 -2.34 15.97
N GLY A 81 -7.85 -2.12 14.68
CA GLY A 81 -8.54 -1.02 14.00
C GLY A 81 -7.70 -0.40 12.91
N THR A 82 -6.41 -0.72 12.90
CA THR A 82 -5.51 -0.17 11.90
C THR A 82 -4.86 -1.28 11.08
N TYR A 83 -4.23 -0.91 9.97
CA TYR A 83 -3.58 -1.87 9.09
C TYR A 83 -2.08 -1.58 8.98
N GLN A 84 -1.33 -2.58 8.52
CA GLN A 84 0.11 -2.43 8.37
C GLN A 84 0.58 -3.03 7.05
N VAL A 85 0.90 -2.16 6.09
CA VAL A 85 1.36 -2.60 4.78
C VAL A 85 2.88 -2.53 4.68
N GLU A 86 3.51 -3.67 4.40
CA GLU A 86 4.95 -3.73 4.27
C GLU A 86 5.37 -4.10 2.84
N TYR A 87 6.34 -3.37 2.32
CA TYR A 87 6.82 -3.62 0.97
C TYR A 87 8.30 -3.24 0.83
N THR A 88 9.01 -3.94 -0.04
CA THR A 88 10.42 -3.68 -0.27
C THR A 88 10.70 -3.32 -1.72
N PRO A 89 10.85 -2.01 -1.99
CA PRO A 89 11.12 -1.51 -3.34
C PRO A 89 12.52 -1.88 -3.83
N PHE A 90 12.58 -2.53 -4.98
CA PHE A 90 13.85 -2.94 -5.56
C PHE A 90 14.34 -1.92 -6.58
N GLU A 91 13.84 -0.70 -6.48
CA GLU A 91 14.22 0.37 -7.39
C GLU A 91 14.26 1.71 -6.67
N LYS A 92 15.35 2.45 -6.87
CA LYS A 92 15.51 3.76 -6.25
C LYS A 92 14.85 4.85 -7.07
N GLY A 93 13.66 5.26 -6.64
CA GLY A 93 12.93 6.30 -7.35
C GLY A 93 11.59 6.60 -6.72
N LEU A 94 10.82 7.49 -7.36
CA LEU A 94 9.51 7.87 -6.85
C LEU A 94 8.43 6.94 -7.40
N HIS A 95 7.79 6.20 -6.49
CA HIS A 95 6.72 5.28 -6.88
C HIS A 95 5.34 5.85 -6.56
N VAL A 96 4.32 5.35 -7.23
CA VAL A 96 2.96 5.80 -7.01
C VAL A 96 2.13 4.75 -6.28
N VAL A 97 1.85 5.00 -5.00
CA VAL A 97 1.06 4.08 -4.20
C VAL A 97 -0.42 4.42 -4.25
N GLU A 98 -1.22 3.52 -4.81
CA GLU A 98 -2.66 3.74 -4.91
C GLU A 98 -3.40 2.94 -3.84
N VAL A 99 -4.05 3.65 -2.93
CA VAL A 99 -4.80 3.02 -1.85
C VAL A 99 -6.31 3.14 -2.09
N THR A 100 -7.03 2.05 -1.85
CA THR A 100 -8.47 2.03 -2.04
C THR A 100 -9.16 1.29 -0.91
N TYR A 101 -10.05 1.98 -0.20
CA TYR A 101 -10.79 1.39 0.91
C TYR A 101 -12.24 1.12 0.53
N ASP A 102 -12.60 -0.15 0.43
CA ASP A 102 -13.96 -0.53 0.08
C ASP A 102 -14.32 -0.03 -1.32
N ASP A 103 -13.41 -0.24 -2.26
CA ASP A 103 -13.64 0.19 -3.64
C ASP A 103 -13.78 1.70 -3.72
N VAL A 104 -13.09 2.41 -2.84
CA VAL A 104 -13.15 3.87 -2.79
C VAL A 104 -11.80 4.46 -2.40
N PRO A 105 -11.20 5.23 -3.32
CA PRO A 105 -9.90 5.87 -3.09
C PRO A 105 -9.99 7.00 -2.06
N ILE A 106 -8.88 7.24 -1.38
CA ILE A 106 -8.82 8.29 -0.37
C ILE A 106 -8.29 9.60 -0.96
N PRO A 107 -8.65 10.72 -0.33
CA PRO A 107 -8.21 12.05 -0.76
C PRO A 107 -6.72 12.28 -0.52
N ASN A 108 -6.03 11.25 -0.03
CA ASN A 108 -4.60 11.34 0.23
C ASN A 108 -3.81 10.61 -0.85
N SER A 109 -4.49 9.79 -1.63
CA SER A 109 -3.84 9.03 -2.69
C SER A 109 -4.20 9.60 -4.06
N PRO A 110 -3.39 9.26 -5.07
CA PRO A 110 -2.22 8.39 -4.90
C PRO A 110 -1.11 9.07 -4.11
N PHE A 111 -0.26 8.27 -3.49
CA PHE A 111 0.85 8.79 -2.69
C PHE A 111 2.14 8.82 -3.51
N LYS A 112 3.14 9.52 -2.99
CA LYS A 112 4.43 9.62 -3.67
C LYS A 112 5.57 9.30 -2.70
N VAL A 113 6.22 8.16 -2.91
CA VAL A 113 7.33 7.75 -2.07
C VAL A 113 8.66 7.94 -2.78
N ALA A 114 9.37 9.02 -2.44
CA ALA A 114 10.66 9.32 -3.04
C ALA A 114 11.78 8.57 -2.34
N VAL A 115 12.15 7.41 -2.88
CA VAL A 115 13.21 6.60 -2.31
C VAL A 115 14.57 7.22 -2.55
N THR A 116 15.46 7.12 -1.56
CA THR A 116 16.80 7.68 -1.67
C THR A 116 17.85 6.64 -1.33
N GLU A 117 18.96 6.65 -2.07
CA GLU A 117 20.05 5.71 -1.85
C GLU A 117 20.40 5.63 -0.36
N GLY A 118 20.06 4.51 0.26
CA GLY A 118 20.35 4.32 1.67
C GLY A 118 21.44 3.31 1.91
N CYS A 119 21.05 2.03 1.96
CA CYS A 119 22.00 0.95 2.20
C CYS A 119 21.57 -0.32 1.47
N GLN A 120 22.56 -1.11 1.03
CA GLN A 120 22.28 -2.35 0.32
C GLN A 120 22.61 -3.56 1.18
N PRO A 121 21.68 -4.53 1.21
CA PRO A 121 21.85 -5.75 1.99
C PRO A 121 22.94 -6.66 1.43
N SER A 122 23.05 -7.87 1.98
CA SER A 122 24.05 -8.83 1.54
C SER A 122 23.58 -10.26 1.75
N SER A 123 24.30 -11.22 1.18
CA SER A 123 23.94 -12.62 1.30
C SER A 123 24.71 -13.27 2.46
N GLY A 124 24.24 -14.44 2.89
CA GLY A 124 24.89 -15.15 3.97
C GLY A 124 24.74 -16.65 3.85
N PRO A 125 24.84 -17.35 5.00
CA PRO A 125 24.72 -18.81 5.05
C PRO A 125 23.30 -19.28 4.76
N SER A 126 23.16 -20.56 4.44
CA SER A 126 21.85 -21.14 4.14
C SER A 126 20.83 -20.75 5.20
N SER A 127 19.96 -19.80 4.85
CA SER A 127 18.94 -19.33 5.77
C SER A 127 17.67 -18.93 5.02
N GLY A 128 16.52 -19.21 5.62
CA GLY A 128 15.25 -18.87 4.99
C GLY A 128 14.28 -20.04 4.98
N GLY A 1 4.90 -20.94 -18.17
CA GLY A 1 3.85 -19.96 -18.37
C GLY A 1 4.30 -18.55 -18.06
N SER A 2 3.84 -17.60 -18.85
CA SER A 2 4.21 -16.19 -18.66
C SER A 2 3.71 -15.67 -17.32
N SER A 3 4.04 -14.43 -17.01
CA SER A 3 3.62 -13.81 -15.75
C SER A 3 2.52 -12.78 -16.00
N GLY A 4 1.68 -12.58 -15.00
CA GLY A 4 0.60 -11.61 -15.12
C GLY A 4 -0.68 -12.23 -15.67
N SER A 5 -1.75 -12.14 -14.90
CA SER A 5 -3.03 -12.71 -15.31
C SER A 5 -3.80 -11.73 -16.20
N SER A 6 -4.42 -12.25 -17.24
CA SER A 6 -5.19 -11.42 -18.17
C SER A 6 -6.42 -12.17 -18.68
N GLY A 7 -7.42 -11.41 -19.13
CA GLY A 7 -8.63 -12.02 -19.65
C GLY A 7 -9.74 -11.01 -19.86
N HIS A 8 -10.95 -11.50 -20.12
CA HIS A 8 -12.09 -10.63 -20.34
C HIS A 8 -12.39 -9.80 -19.11
N PHE A 9 -11.82 -8.60 -19.05
CA PHE A 9 -12.02 -7.70 -17.93
C PHE A 9 -13.03 -6.61 -18.27
N PRO A 10 -14.28 -6.80 -17.82
CA PRO A 10 -15.37 -5.85 -18.07
C PRO A 10 -15.18 -4.55 -17.29
N ALA A 11 -15.90 -3.51 -17.71
CA ALA A 11 -15.82 -2.21 -17.06
C ALA A 11 -17.21 -1.66 -16.76
N ARG A 12 -17.49 -1.41 -15.48
CA ARG A 12 -18.79 -0.88 -15.08
C ARG A 12 -18.78 0.65 -15.11
N VAL A 13 -19.95 1.24 -14.93
CA VAL A 13 -20.08 2.69 -14.93
C VAL A 13 -19.91 3.26 -13.53
N LYS A 14 -19.07 4.29 -13.41
CA LYS A 14 -18.81 4.93 -12.13
C LYS A 14 -20.07 4.91 -11.24
N VAL A 15 -19.87 4.75 -9.94
CA VAL A 15 -20.98 4.72 -9.00
C VAL A 15 -20.62 5.45 -7.71
N GLU A 16 -21.61 6.13 -7.13
CA GLU A 16 -21.39 6.86 -5.88
C GLU A 16 -20.74 5.97 -4.83
N PRO A 17 -19.81 6.55 -4.05
CA PRO A 17 -19.10 5.84 -2.99
C PRO A 17 -20.01 5.47 -1.82
N ALA A 18 -20.01 4.20 -1.45
CA ALA A 18 -20.82 3.71 -0.35
C ALA A 18 -20.05 3.74 0.96
N VAL A 19 -18.95 4.48 0.97
CA VAL A 19 -18.12 4.60 2.17
C VAL A 19 -17.53 6.00 2.30
N ASP A 20 -17.15 6.37 3.52
CA ASP A 20 -16.57 7.69 3.77
C ASP A 20 -15.10 7.72 3.39
N THR A 21 -14.29 6.94 4.10
CA THR A 21 -12.86 6.89 3.83
C THR A 21 -12.31 8.26 3.43
N SER A 22 -12.84 9.30 4.08
CA SER A 22 -12.40 10.66 3.79
C SER A 22 -11.53 11.20 4.93
N ARG A 23 -11.48 10.47 6.03
CA ARG A 23 -10.69 10.87 7.18
C ARG A 23 -9.63 9.82 7.51
N ILE A 24 -9.11 9.17 6.48
CA ILE A 24 -8.09 8.14 6.65
C ILE A 24 -6.70 8.75 6.68
N LYS A 25 -5.96 8.49 7.76
CA LYS A 25 -4.61 9.01 7.91
C LYS A 25 -3.58 7.89 7.80
N VAL A 26 -2.40 8.23 7.27
CA VAL A 26 -1.33 7.25 7.11
C VAL A 26 0.00 7.80 7.61
N PHE A 27 0.57 7.13 8.61
CA PHE A 27 1.85 7.55 9.18
C PHE A 27 2.89 6.45 9.06
N GLY A 28 4.11 6.83 8.71
CA GLY A 28 5.18 5.85 8.57
C GLY A 28 6.03 6.10 7.34
N PRO A 29 7.19 5.43 7.29
CA PRO A 29 8.12 5.57 6.15
C PRO A 29 7.58 4.93 4.88
N GLY A 30 6.96 3.77 5.02
CA GLY A 30 6.40 3.09 3.87
C GLY A 30 5.50 3.98 3.03
N ILE A 31 5.08 5.10 3.62
CA ILE A 31 4.22 6.04 2.92
C ILE A 31 4.84 7.43 2.87
N GLU A 32 5.74 7.70 3.81
CA GLU A 32 6.41 8.99 3.87
C GLU A 32 7.64 9.01 2.97
N GLY A 33 8.52 8.02 3.16
CA GLY A 33 9.73 7.94 2.36
C GLY A 33 10.98 8.24 3.17
N LYS A 34 11.10 7.58 4.31
CA LYS A 34 12.26 7.77 5.18
C LYS A 34 13.25 6.63 5.02
N ASP A 35 12.87 5.44 5.49
CA ASP A 35 13.72 4.27 5.39
C ASP A 35 13.23 3.31 4.31
N VAL A 36 12.57 3.87 3.29
CA VAL A 36 12.04 3.06 2.20
C VAL A 36 13.10 2.83 1.13
N PHE A 37 14.36 3.03 1.50
CA PHE A 37 15.46 2.84 0.56
C PHE A 37 15.29 1.55 -0.25
N ARG A 38 16.09 1.41 -1.29
CA ARG A 38 16.02 0.22 -2.15
C ARG A 38 16.46 -1.02 -1.40
N GLU A 39 15.79 -2.13 -1.65
CA GLU A 39 16.12 -3.39 -0.99
C GLU A 39 16.00 -3.26 0.52
N ALA A 40 15.02 -2.50 0.98
CA ALA A 40 14.81 -2.29 2.41
C ALA A 40 13.36 -2.59 2.79
N THR A 41 13.18 -3.15 3.98
CA THR A 41 11.84 -3.49 4.47
C THR A 41 11.16 -2.26 5.09
N THR A 42 10.20 -1.71 4.36
CA THR A 42 9.47 -0.54 4.84
C THR A 42 7.96 -0.80 4.85
N ASP A 43 7.28 -0.22 5.83
CA ASP A 43 5.84 -0.38 5.95
C ASP A 43 5.21 0.83 6.62
N PHE A 44 3.91 1.02 6.38
CA PHE A 44 3.19 2.15 6.95
C PHE A 44 2.00 1.67 7.77
N THR A 45 1.32 2.62 8.42
CA THR A 45 0.16 2.30 9.25
C THR A 45 -1.05 3.13 8.84
N VAL A 46 -2.18 2.46 8.61
CA VAL A 46 -3.41 3.13 8.22
C VAL A 46 -4.37 3.25 9.40
N ASP A 47 -4.75 4.48 9.72
CA ASP A 47 -5.67 4.74 10.83
C ASP A 47 -7.10 4.92 10.32
N SER A 48 -8.01 4.09 10.80
CA SER A 48 -9.41 4.16 10.38
C SER A 48 -10.34 4.08 11.60
N ARG A 49 -11.35 4.94 11.61
CA ARG A 49 -12.31 4.97 12.71
C ARG A 49 -13.70 4.54 12.23
N PRO A 50 -14.35 5.42 11.46
CA PRO A 50 -15.68 5.16 10.92
C PRO A 50 -15.68 4.06 9.85
N LEU A 51 -14.51 3.49 9.61
CA LEU A 51 -14.37 2.42 8.62
C LEU A 51 -14.25 1.06 9.29
N THR A 52 -13.46 0.99 10.35
CA THR A 52 -13.26 -0.25 11.08
C THR A 52 -12.95 0.01 12.55
N GLN A 53 -13.28 -0.95 13.40
CA GLN A 53 -13.04 -0.82 14.83
C GLN A 53 -12.23 -2.00 15.36
N VAL A 54 -12.50 -3.18 14.82
CA VAL A 54 -11.79 -4.40 15.23
C VAL A 54 -10.98 -4.97 14.08
N GLY A 55 -10.38 -4.09 13.28
CA GLY A 55 -9.58 -4.54 12.15
C GLY A 55 -10.41 -5.14 11.05
N GLY A 56 -9.82 -5.28 9.86
CA GLY A 56 -10.53 -5.83 8.73
C GLY A 56 -9.61 -6.35 7.65
N ASP A 57 -10.18 -6.82 6.55
CA ASP A 57 -9.39 -7.35 5.44
C ASP A 57 -9.88 -6.76 4.12
N HIS A 58 -10.17 -5.47 4.12
CA HIS A 58 -10.64 -4.79 2.91
C HIS A 58 -9.65 -3.72 2.47
N ILE A 59 -8.37 -3.95 2.75
CA ILE A 59 -7.32 -3.00 2.39
C ILE A 59 -6.40 -3.58 1.33
N LYS A 60 -6.18 -2.83 0.26
CA LYS A 60 -5.31 -3.28 -0.82
C LYS A 60 -4.44 -2.14 -1.33
N ALA A 61 -3.16 -2.43 -1.56
CA ALA A 61 -2.22 -1.42 -2.03
C ALA A 61 -1.50 -1.90 -3.28
N HIS A 62 -1.12 -0.96 -4.15
CA HIS A 62 -0.42 -1.29 -5.38
C HIS A 62 0.68 -0.27 -5.67
N ILE A 63 1.93 -0.71 -5.54
CA ILE A 63 3.07 0.15 -5.79
C ILE A 63 3.40 0.22 -7.28
N ALA A 64 3.85 1.39 -7.73
CA ALA A 64 4.21 1.58 -9.13
C ALA A 64 5.56 2.27 -9.27
N ASN A 65 6.56 1.51 -9.70
CA ASN A 65 7.91 2.05 -9.86
C ASN A 65 7.96 3.03 -11.02
N PRO A 66 8.90 3.99 -10.96
CA PRO A 66 9.08 5.01 -11.99
C PRO A 66 9.63 4.43 -13.29
N SER A 67 9.89 3.12 -13.29
CA SER A 67 10.41 2.45 -14.47
C SER A 67 9.32 1.64 -15.18
N GLY A 68 8.24 1.37 -14.46
CA GLY A 68 7.14 0.61 -15.03
C GLY A 68 6.83 -0.64 -14.25
N ALA A 69 7.78 -1.08 -13.43
CA ALA A 69 7.60 -2.28 -12.62
C ALA A 69 6.70 -2.01 -11.43
N SER A 70 6.38 -3.06 -10.67
CA SER A 70 5.53 -2.93 -9.50
C SER A 70 6.06 -3.77 -8.35
N THR A 71 6.12 -3.16 -7.16
CA THR A 71 6.61 -3.86 -5.97
C THR A 71 5.48 -4.59 -5.26
N GLU A 72 5.79 -5.75 -4.71
CA GLU A 72 4.81 -6.55 -3.99
C GLU A 72 4.48 -5.94 -2.64
N CYS A 73 3.20 -5.90 -2.29
CA CYS A 73 2.76 -5.34 -1.03
C CYS A 73 2.22 -6.43 -0.11
N PHE A 74 2.45 -6.26 1.18
CA PHE A 74 1.98 -7.23 2.17
C PHE A 74 1.14 -6.57 3.25
N VAL A 75 -0.17 -6.79 3.20
CA VAL A 75 -1.09 -6.21 4.16
C VAL A 75 -1.11 -7.00 5.46
N THR A 76 -1.01 -6.30 6.59
CA THR A 76 -1.01 -6.94 7.89
C THR A 76 -1.96 -6.24 8.85
N ASP A 77 -3.08 -6.89 9.16
CA ASP A 77 -4.06 -6.32 10.07
C ASP A 77 -3.74 -6.66 11.52
N ASN A 78 -3.63 -5.63 12.35
CA ASN A 78 -3.31 -5.82 13.76
C ASN A 78 -4.55 -6.22 14.54
N ALA A 79 -5.69 -6.24 13.87
CA ALA A 79 -6.95 -6.61 14.51
C ALA A 79 -7.32 -5.63 15.60
N ASP A 80 -6.91 -4.38 15.44
CA ASP A 80 -7.19 -3.34 16.43
C ASP A 80 -7.97 -2.19 15.79
N GLY A 81 -7.75 -1.98 14.49
CA GLY A 81 -8.44 -0.92 13.79
C GLY A 81 -7.59 -0.30 12.70
N THR A 82 -6.28 -0.57 12.74
CA THR A 82 -5.36 -0.04 11.75
C THR A 82 -4.74 -1.16 10.93
N TYR A 83 -4.14 -0.79 9.78
CA TYR A 83 -3.51 -1.77 8.91
C TYR A 83 -2.02 -1.48 8.76
N GLN A 84 -1.26 -2.53 8.51
CA GLN A 84 0.19 -2.40 8.34
C GLN A 84 0.65 -3.05 7.05
N VAL A 85 0.96 -2.23 6.06
CA VAL A 85 1.42 -2.73 4.76
C VAL A 85 2.94 -2.61 4.63
N GLU A 86 3.60 -3.75 4.39
CA GLU A 86 5.05 -3.76 4.25
C GLU A 86 5.45 -4.17 2.83
N TYR A 87 6.44 -3.48 2.27
CA TYR A 87 6.91 -3.77 0.93
C TYR A 87 8.39 -3.42 0.78
N THR A 88 9.07 -4.12 -0.12
CA THR A 88 10.49 -3.89 -0.36
C THR A 88 10.75 -3.49 -1.80
N PRO A 89 10.88 -2.17 -2.05
CA PRO A 89 11.13 -1.63 -3.38
C PRO A 89 12.53 -1.96 -3.89
N PHE A 90 12.60 -2.56 -5.08
CA PHE A 90 13.87 -2.93 -5.68
C PHE A 90 14.31 -1.90 -6.71
N GLU A 91 13.97 -0.64 -6.47
CA GLU A 91 14.32 0.45 -7.37
C GLU A 91 14.34 1.79 -6.64
N LYS A 92 15.40 2.56 -6.87
CA LYS A 92 15.55 3.86 -6.23
C LYS A 92 14.84 4.94 -7.04
N GLY A 93 13.64 5.33 -6.59
CA GLY A 93 12.89 6.35 -7.28
C GLY A 93 11.55 6.62 -6.64
N LEU A 94 10.75 7.48 -7.27
CA LEU A 94 9.43 7.82 -6.75
C LEU A 94 8.36 6.91 -7.33
N HIS A 95 7.72 6.13 -6.47
CA HIS A 95 6.66 5.22 -6.91
C HIS A 95 5.28 5.77 -6.57
N VAL A 96 4.26 5.29 -7.27
CA VAL A 96 2.90 5.74 -7.06
C VAL A 96 2.07 4.66 -6.36
N VAL A 97 1.81 4.88 -5.07
CA VAL A 97 1.03 3.93 -4.28
C VAL A 97 -0.44 4.32 -4.26
N GLU A 98 -1.29 3.48 -4.84
CA GLU A 98 -2.72 3.74 -4.88
C GLU A 98 -3.46 2.89 -3.85
N VAL A 99 -4.04 3.54 -2.86
CA VAL A 99 -4.78 2.84 -1.81
C VAL A 99 -6.28 2.96 -2.02
N THR A 100 -6.99 1.86 -1.84
CA THR A 100 -8.44 1.84 -2.01
C THR A 100 -9.12 1.04 -0.90
N TYR A 101 -9.93 1.72 -0.10
CA TYR A 101 -10.64 1.07 1.00
C TYR A 101 -12.05 0.67 0.58
N ASP A 102 -12.30 -0.63 0.59
CA ASP A 102 -13.62 -1.15 0.21
C ASP A 102 -13.95 -0.78 -1.24
N ASP A 103 -12.96 -0.89 -2.11
CA ASP A 103 -13.16 -0.56 -3.52
C ASP A 103 -13.38 0.93 -3.71
N VAL A 104 -12.69 1.74 -2.89
CA VAL A 104 -12.83 3.18 -2.97
C VAL A 104 -11.53 3.88 -2.55
N PRO A 105 -11.03 4.76 -3.42
CA PRO A 105 -9.79 5.51 -3.16
C PRO A 105 -9.95 6.54 -2.06
N ILE A 106 -8.83 6.93 -1.44
CA ILE A 106 -8.86 7.91 -0.36
C ILE A 106 -8.42 9.28 -0.86
N PRO A 107 -8.79 10.32 -0.11
CA PRO A 107 -8.43 11.71 -0.45
C PRO A 107 -6.94 11.99 -0.28
N ASN A 108 -6.19 10.95 0.10
CA ASN A 108 -4.76 11.09 0.29
C ASN A 108 -3.99 10.37 -0.81
N SER A 109 -4.68 9.51 -1.54
CA SER A 109 -4.07 8.75 -2.63
C SER A 109 -4.37 9.39 -3.98
N PRO A 110 -3.52 9.09 -4.97
CA PRO A 110 -2.37 8.20 -4.80
C PRO A 110 -1.29 8.82 -3.94
N PHE A 111 -0.27 8.03 -3.61
CA PHE A 111 0.83 8.51 -2.78
C PHE A 111 2.14 8.50 -3.56
N LYS A 112 3.12 9.27 -3.09
CA LYS A 112 4.42 9.34 -3.75
C LYS A 112 5.55 9.06 -2.77
N VAL A 113 6.17 7.89 -2.92
CA VAL A 113 7.27 7.49 -2.05
C VAL A 113 8.62 7.73 -2.72
N ALA A 114 9.25 8.84 -2.37
CA ALA A 114 10.55 9.20 -2.94
C ALA A 114 11.67 8.43 -2.24
N VAL A 115 12.03 7.27 -2.81
CA VAL A 115 13.09 6.45 -2.24
C VAL A 115 14.46 7.06 -2.50
N THR A 116 15.31 7.05 -1.48
CA THR A 116 16.66 7.60 -1.60
C THR A 116 17.71 6.56 -1.23
N GLU A 117 18.94 6.79 -1.69
CA GLU A 117 20.04 5.87 -1.41
C GLU A 117 20.26 5.75 0.09
N GLY A 118 20.03 4.55 0.63
CA GLY A 118 20.22 4.32 2.04
C GLY A 118 21.12 3.13 2.34
N CYS A 119 20.63 1.93 2.04
CA CYS A 119 21.39 0.71 2.26
C CYS A 119 22.45 0.53 1.19
N GLN A 120 23.70 0.36 1.62
CA GLN A 120 24.81 0.18 0.69
C GLN A 120 24.75 -1.19 0.03
N PRO A 121 24.92 -1.21 -1.30
CA PRO A 121 24.89 -2.46 -2.08
C PRO A 121 26.10 -3.34 -1.80
N SER A 122 27.28 -2.72 -1.76
CA SER A 122 28.51 -3.46 -1.52
C SER A 122 28.80 -3.56 -0.02
N SER A 123 29.09 -4.77 0.44
CA SER A 123 29.39 -4.99 1.86
C SER A 123 30.62 -5.87 2.01
N GLY A 124 31.26 -5.78 3.19
CA GLY A 124 32.45 -6.56 3.45
C GLY A 124 32.12 -8.01 3.78
N PRO A 125 33.16 -8.84 3.89
CA PRO A 125 33.01 -10.27 4.20
C PRO A 125 32.54 -10.50 5.63
N SER A 126 31.23 -10.47 5.83
CA SER A 126 30.66 -10.68 7.16
C SER A 126 30.67 -12.15 7.54
N SER A 127 30.39 -12.44 8.80
CA SER A 127 30.38 -13.81 9.29
C SER A 127 29.56 -13.92 10.58
N GLY A 128 29.22 -15.15 10.95
CA GLY A 128 28.44 -15.37 12.16
C GLY A 128 27.07 -15.92 11.87
N GLY A 1 -0.08 10.95 -25.69
CA GLY A 1 -1.49 10.74 -25.43
C GLY A 1 -1.78 9.37 -24.86
N SER A 2 -2.68 8.64 -25.51
CA SER A 2 -3.05 7.31 -25.06
C SER A 2 -3.65 6.49 -26.21
N SER A 3 -3.46 5.18 -26.15
CA SER A 3 -3.97 4.29 -27.19
C SER A 3 -5.49 4.20 -27.12
N GLY A 4 -6.02 4.06 -25.91
CA GLY A 4 -7.46 3.97 -25.74
C GLY A 4 -8.05 2.75 -26.42
N SER A 5 -7.92 1.59 -25.79
CA SER A 5 -8.44 0.35 -26.36
C SER A 5 -8.90 -0.59 -25.24
N SER A 6 -10.09 -1.17 -25.43
CA SER A 6 -10.66 -2.09 -24.44
C SER A 6 -11.57 -3.10 -25.12
N GLY A 7 -12.00 -4.10 -24.35
CA GLY A 7 -12.88 -5.12 -24.89
C GLY A 7 -14.16 -5.26 -24.08
N HIS A 8 -14.71 -4.14 -23.64
CA HIS A 8 -15.94 -4.14 -22.85
C HIS A 8 -16.48 -2.74 -22.69
N PHE A 9 -17.64 -2.62 -22.03
CA PHE A 9 -18.27 -1.32 -21.81
C PHE A 9 -17.25 -0.31 -21.28
N PRO A 10 -17.39 0.94 -21.72
CA PRO A 10 -16.50 2.04 -21.30
C PRO A 10 -16.69 2.41 -19.84
N ALA A 11 -17.56 1.68 -19.15
CA ALA A 11 -17.82 1.93 -17.74
C ALA A 11 -18.09 3.42 -17.50
N ARG A 12 -19.03 3.98 -18.24
CA ARG A 12 -19.37 5.39 -18.11
C ARG A 12 -20.66 5.56 -17.30
N VAL A 13 -20.77 4.81 -16.22
CA VAL A 13 -21.96 4.88 -15.37
C VAL A 13 -21.64 5.56 -14.04
N LYS A 14 -22.48 6.52 -13.66
CA LYS A 14 -22.29 7.26 -12.42
C LYS A 14 -22.17 6.30 -11.24
N VAL A 15 -21.02 6.35 -10.57
CA VAL A 15 -20.78 5.49 -9.41
C VAL A 15 -20.75 6.30 -8.12
N GLU A 16 -21.53 5.85 -7.14
CA GLU A 16 -21.59 6.54 -5.85
C GLU A 16 -20.86 5.74 -4.77
N PRO A 17 -20.04 6.44 -3.98
CA PRO A 17 -19.27 5.80 -2.90
C PRO A 17 -20.16 5.36 -1.74
N ALA A 18 -19.97 4.12 -1.30
CA ALA A 18 -20.74 3.57 -0.20
C ALA A 18 -19.98 3.67 1.12
N VAL A 19 -18.94 4.49 1.14
CA VAL A 19 -18.13 4.67 2.34
C VAL A 19 -17.61 6.10 2.43
N ASP A 20 -17.28 6.52 3.65
CA ASP A 20 -16.76 7.87 3.88
C ASP A 20 -15.34 8.00 3.35
N THR A 21 -14.41 7.25 3.94
CA THR A 21 -13.02 7.30 3.53
C THR A 21 -12.56 8.72 3.26
N SER A 22 -12.84 9.62 4.20
CA SER A 22 -12.46 11.02 4.07
C SER A 22 -11.64 11.48 5.27
N ARG A 23 -11.44 10.58 6.21
CA ARG A 23 -10.67 10.90 7.41
C ARG A 23 -9.58 9.86 7.65
N ILE A 24 -9.20 9.15 6.59
CA ILE A 24 -8.17 8.13 6.69
C ILE A 24 -6.78 8.74 6.69
N LYS A 25 -6.03 8.49 7.76
CA LYS A 25 -4.68 9.03 7.89
C LYS A 25 -3.64 7.91 7.80
N VAL A 26 -2.49 8.22 7.24
CA VAL A 26 -1.42 7.24 7.09
C VAL A 26 -0.07 7.82 7.54
N PHE A 27 0.57 7.15 8.49
CA PHE A 27 1.85 7.60 9.01
C PHE A 27 2.90 6.49 8.91
N GLY A 28 4.14 6.87 8.61
CA GLY A 28 5.20 5.90 8.50
C GLY A 28 6.09 6.15 7.28
N PRO A 29 7.26 5.50 7.25
CA PRO A 29 8.21 5.65 6.15
C PRO A 29 7.71 5.00 4.86
N GLY A 30 7.03 3.87 5.01
CA GLY A 30 6.51 3.18 3.84
C GLY A 30 5.59 4.05 3.01
N ILE A 31 5.11 5.13 3.60
CA ILE A 31 4.21 6.04 2.90
C ILE A 31 4.82 7.45 2.81
N GLU A 32 5.76 7.73 3.70
CA GLU A 32 6.42 9.03 3.73
C GLU A 32 7.64 9.04 2.81
N GLY A 33 8.55 8.10 3.05
CA GLY A 33 9.75 8.02 2.23
C GLY A 33 11.01 8.29 3.04
N LYS A 34 11.05 7.78 4.26
CA LYS A 34 12.20 7.97 5.13
C LYS A 34 13.17 6.80 5.02
N ASP A 35 12.76 5.66 5.55
CA ASP A 35 13.58 4.46 5.50
C ASP A 35 13.12 3.51 4.39
N VAL A 36 12.63 4.09 3.30
CA VAL A 36 12.15 3.32 2.17
C VAL A 36 13.27 3.05 1.17
N PHE A 37 14.51 3.17 1.63
CA PHE A 37 15.68 2.95 0.78
C PHE A 37 15.51 1.67 -0.04
N ARG A 38 16.13 1.66 -1.23
CA ARG A 38 16.05 0.50 -2.11
C ARG A 38 16.49 -0.77 -1.38
N GLU A 39 15.79 -1.87 -1.64
CA GLU A 39 16.10 -3.15 -1.01
C GLU A 39 15.98 -3.05 0.51
N ALA A 40 15.09 -2.17 0.97
CA ALA A 40 14.87 -1.99 2.40
C ALA A 40 13.44 -2.35 2.78
N THR A 41 13.27 -2.84 4.01
CA THR A 41 11.96 -3.22 4.51
C THR A 41 11.21 -2.03 5.09
N THR A 42 10.29 -1.46 4.32
CA THR A 42 9.52 -0.32 4.76
C THR A 42 8.04 -0.65 4.85
N ASP A 43 7.37 -0.11 5.86
CA ASP A 43 5.94 -0.35 6.06
C ASP A 43 5.28 0.85 6.72
N PHE A 44 3.97 0.99 6.50
CA PHE A 44 3.21 2.09 7.08
C PHE A 44 2.01 1.58 7.86
N THR A 45 1.34 2.49 8.57
CA THR A 45 0.17 2.13 9.37
C THR A 45 -1.03 2.98 8.99
N VAL A 46 -2.15 2.33 8.70
CA VAL A 46 -3.38 3.03 8.34
C VAL A 46 -4.36 3.07 9.51
N ASP A 47 -4.70 4.28 9.94
CA ASP A 47 -5.64 4.46 11.05
C ASP A 47 -7.06 4.62 10.54
N SER A 48 -7.95 3.76 11.02
CA SER A 48 -9.36 3.80 10.61
C SER A 48 -10.27 3.71 11.82
N ARG A 49 -11.22 4.64 11.91
CA ARG A 49 -12.17 4.67 13.01
C ARG A 49 -13.59 4.38 12.52
N PRO A 50 -14.18 5.36 11.81
CA PRO A 50 -15.53 5.23 11.27
C PRO A 50 -15.62 4.22 10.14
N LEU A 51 -14.50 3.57 9.85
CA LEU A 51 -14.44 2.58 8.78
C LEU A 51 -14.36 1.16 9.36
N THR A 52 -13.52 1.00 10.38
CA THR A 52 -13.36 -0.31 11.02
C THR A 52 -13.22 -0.15 12.53
N GLN A 53 -13.36 -1.26 13.25
CA GLN A 53 -13.25 -1.24 14.71
C GLN A 53 -12.28 -2.33 15.19
N VAL A 54 -12.31 -3.48 14.50
CA VAL A 54 -11.44 -4.60 14.86
C VAL A 54 -10.66 -5.08 13.64
N GLY A 55 -10.19 -4.15 12.83
CA GLY A 55 -9.43 -4.51 11.65
C GLY A 55 -10.26 -5.26 10.63
N GLY A 56 -9.76 -5.35 9.41
CA GLY A 56 -10.48 -6.05 8.35
C GLY A 56 -9.59 -6.40 7.18
N ASP A 57 -10.20 -6.89 6.10
CA ASP A 57 -9.46 -7.27 4.90
C ASP A 57 -9.96 -6.49 3.69
N HIS A 58 -10.27 -5.21 3.90
CA HIS A 58 -10.76 -4.36 2.82
C HIS A 58 -9.70 -3.33 2.43
N ILE A 59 -8.44 -3.65 2.67
CA ILE A 59 -7.34 -2.75 2.35
C ILE A 59 -6.46 -3.33 1.25
N LYS A 60 -6.28 -2.56 0.18
CA LYS A 60 -5.46 -3.00 -0.94
C LYS A 60 -4.50 -1.89 -1.38
N ALA A 61 -3.26 -2.26 -1.65
CA ALA A 61 -2.25 -1.30 -2.08
C ALA A 61 -1.53 -1.78 -3.33
N HIS A 62 -1.17 -0.83 -4.20
CA HIS A 62 -0.48 -1.16 -5.44
C HIS A 62 0.60 -0.14 -5.74
N ILE A 63 1.86 -0.56 -5.58
CA ILE A 63 2.99 0.32 -5.83
C ILE A 63 3.34 0.36 -7.32
N ALA A 64 3.88 1.49 -7.76
CA ALA A 64 4.26 1.65 -9.16
C ALA A 64 5.64 2.28 -9.29
N ASN A 65 6.62 1.46 -9.66
CA ASN A 65 8.00 1.94 -9.81
C ASN A 65 8.16 2.70 -11.12
N PRO A 66 9.17 3.58 -11.16
CA PRO A 66 9.46 4.39 -12.36
C PRO A 66 10.02 3.55 -13.50
N SER A 67 10.36 2.30 -13.20
CA SER A 67 10.91 1.40 -14.20
C SER A 67 9.80 0.70 -14.97
N GLY A 68 8.62 0.66 -14.37
CA GLY A 68 7.48 0.01 -15.02
C GLY A 68 7.03 -1.23 -14.27
N ALA A 69 7.82 -1.66 -13.30
CA ALA A 69 7.49 -2.85 -12.52
C ALA A 69 6.58 -2.50 -11.35
N SER A 70 6.25 -3.50 -10.54
CA SER A 70 5.38 -3.30 -9.38
C SER A 70 5.91 -4.06 -8.17
N THR A 71 6.08 -3.34 -7.06
CA THR A 71 6.57 -3.94 -5.84
C THR A 71 5.46 -4.69 -5.10
N GLU A 72 5.76 -5.90 -4.66
CA GLU A 72 4.79 -6.72 -3.94
C GLU A 72 4.47 -6.11 -2.59
N CYS A 73 3.19 -5.92 -2.30
CA CYS A 73 2.76 -5.35 -1.04
C CYS A 73 2.23 -6.44 -0.10
N PHE A 74 2.47 -6.26 1.20
CA PHE A 74 2.02 -7.22 2.20
C PHE A 74 1.20 -6.55 3.28
N VAL A 75 -0.12 -6.67 3.18
CA VAL A 75 -1.02 -6.06 4.15
C VAL A 75 -1.16 -6.94 5.39
N THR A 76 -1.09 -6.31 6.56
CA THR A 76 -1.20 -7.03 7.82
C THR A 76 -2.16 -6.32 8.77
N ASP A 77 -3.32 -6.94 9.00
CA ASP A 77 -4.33 -6.38 9.89
C ASP A 77 -4.05 -6.77 11.34
N ASN A 78 -4.03 -5.77 12.22
CA ASN A 78 -3.77 -6.01 13.64
C ASN A 78 -5.06 -6.34 14.37
N ALA A 79 -6.14 -6.56 13.61
CA ALA A 79 -7.43 -6.89 14.19
C ALA A 79 -7.76 -5.98 15.36
N ASP A 80 -7.22 -4.76 15.32
CA ASP A 80 -7.45 -3.79 16.38
C ASP A 80 -8.18 -2.55 15.84
N GLY A 81 -7.92 -2.23 14.58
CA GLY A 81 -8.55 -1.07 13.97
C GLY A 81 -7.67 -0.41 12.94
N THR A 82 -6.39 -0.81 12.91
CA THR A 82 -5.44 -0.24 11.95
C THR A 82 -4.88 -1.31 11.04
N TYR A 83 -4.20 -0.88 9.98
CA TYR A 83 -3.60 -1.81 9.03
C TYR A 83 -2.10 -1.54 8.86
N GLN A 84 -1.33 -2.61 8.67
CA GLN A 84 0.10 -2.49 8.50
C GLN A 84 0.56 -3.11 7.19
N VAL A 85 1.03 -2.29 6.27
CA VAL A 85 1.48 -2.77 4.97
C VAL A 85 3.00 -2.64 4.85
N GLU A 86 3.64 -3.73 4.45
CA GLU A 86 5.09 -3.74 4.29
C GLU A 86 5.48 -4.14 2.87
N TYR A 87 6.46 -3.43 2.31
CA TYR A 87 6.92 -3.71 0.95
C TYR A 87 8.39 -3.34 0.80
N THR A 88 9.08 -4.05 -0.10
CA THR A 88 10.49 -3.79 -0.35
C THR A 88 10.74 -3.44 -1.81
N PRO A 89 10.90 -2.12 -2.08
CA PRO A 89 11.14 -1.62 -3.43
C PRO A 89 12.52 -2.00 -3.95
N PHE A 90 12.58 -2.52 -5.17
CA PHE A 90 13.84 -2.92 -5.78
C PHE A 90 14.33 -1.87 -6.76
N GLU A 91 13.92 -0.62 -6.53
CA GLU A 91 14.31 0.48 -7.40
C GLU A 91 14.33 1.80 -6.63
N LYS A 92 15.42 2.55 -6.75
CA LYS A 92 15.56 3.82 -6.06
C LYS A 92 14.93 4.94 -6.88
N GLY A 93 13.70 5.30 -6.54
CA GLY A 93 13.01 6.37 -7.26
C GLY A 93 11.67 6.72 -6.63
N LEU A 94 10.85 7.44 -7.38
CA LEU A 94 9.54 7.84 -6.88
C LEU A 94 8.44 6.93 -7.43
N HIS A 95 7.79 6.20 -6.54
CA HIS A 95 6.72 5.28 -6.94
C HIS A 95 5.36 5.86 -6.60
N VAL A 96 4.33 5.36 -7.27
CA VAL A 96 2.97 5.83 -7.03
C VAL A 96 2.12 4.78 -6.33
N VAL A 97 1.86 5.00 -5.05
CA VAL A 97 1.07 4.07 -4.26
C VAL A 97 -0.41 4.43 -4.29
N GLU A 98 -1.23 3.54 -4.85
CA GLU A 98 -2.67 3.76 -4.94
C GLU A 98 -3.42 2.93 -3.91
N VAL A 99 -4.04 3.59 -2.95
CA VAL A 99 -4.79 2.92 -1.90
C VAL A 99 -6.30 3.03 -2.15
N THR A 100 -7.02 1.94 -1.90
CA THR A 100 -8.46 1.91 -2.09
C THR A 100 -9.15 1.14 -0.98
N TYR A 101 -10.09 1.80 -0.31
CA TYR A 101 -10.83 1.19 0.78
C TYR A 101 -12.25 0.86 0.37
N ASP A 102 -12.51 -0.43 0.12
CA ASP A 102 -13.83 -0.87 -0.29
C ASP A 102 -14.20 -0.32 -1.66
N ASP A 103 -13.28 -0.49 -2.61
CA ASP A 103 -13.50 -0.01 -3.97
C ASP A 103 -13.67 1.51 -4.00
N VAL A 104 -13.07 2.18 -3.03
CA VAL A 104 -13.14 3.63 -2.93
C VAL A 104 -11.80 4.23 -2.53
N PRO A 105 -11.24 5.08 -3.40
CA PRO A 105 -9.95 5.73 -3.16
C PRO A 105 -10.03 6.78 -2.06
N ILE A 106 -8.92 7.01 -1.37
CA ILE A 106 -8.87 7.99 -0.30
C ILE A 106 -8.40 9.34 -0.81
N PRO A 107 -8.78 10.42 -0.10
CA PRO A 107 -8.41 11.79 -0.46
C PRO A 107 -6.92 12.06 -0.25
N ASN A 108 -6.19 11.02 0.16
CA ASN A 108 -4.76 11.15 0.41
C ASN A 108 -3.96 10.49 -0.71
N SER A 109 -4.63 9.69 -1.52
CA SER A 109 -3.99 9.00 -2.63
C SER A 109 -4.34 9.64 -3.96
N PRO A 110 -3.53 9.37 -4.99
CA PRO A 110 -2.35 8.50 -4.86
C PRO A 110 -1.25 9.14 -4.03
N PHE A 111 -0.27 8.34 -3.63
CA PHE A 111 0.85 8.82 -2.83
C PHE A 111 2.13 8.87 -3.65
N LYS A 112 3.14 9.53 -3.12
CA LYS A 112 4.43 9.66 -3.80
C LYS A 112 5.58 9.35 -2.86
N VAL A 113 6.21 8.19 -3.05
CA VAL A 113 7.33 7.78 -2.21
C VAL A 113 8.66 7.96 -2.94
N ALA A 114 9.36 9.04 -2.62
CA ALA A 114 10.65 9.32 -3.25
C ALA A 114 11.78 8.63 -2.51
N VAL A 115 12.14 7.43 -2.95
CA VAL A 115 13.22 6.67 -2.34
C VAL A 115 14.57 7.28 -2.64
N THR A 116 15.54 7.07 -1.74
CA THR A 116 16.88 7.59 -1.91
C THR A 116 17.93 6.56 -1.54
N GLU A 117 19.07 6.61 -2.23
CA GLU A 117 20.16 5.66 -1.97
C GLU A 117 20.58 5.71 -0.50
N GLY A 118 20.27 4.65 0.23
CA GLY A 118 20.63 4.59 1.64
C GLY A 118 21.45 3.36 1.97
N CYS A 119 20.77 2.28 2.34
CA CYS A 119 21.44 1.04 2.69
C CYS A 119 21.18 -0.04 1.64
N GLN A 120 22.10 -0.99 1.53
CA GLN A 120 21.97 -2.07 0.57
C GLN A 120 22.35 -3.42 1.21
N PRO A 121 21.75 -4.50 0.71
CA PRO A 121 22.01 -5.85 1.20
C PRO A 121 23.41 -6.34 0.84
N SER A 122 23.78 -7.51 1.36
CA SER A 122 25.09 -8.09 1.09
C SER A 122 24.96 -9.47 0.46
N SER A 123 24.32 -10.38 1.18
CA SER A 123 24.13 -11.74 0.68
C SER A 123 22.95 -11.80 -0.30
N GLY A 124 23.01 -12.77 -1.20
CA GLY A 124 21.95 -12.93 -2.19
C GLY A 124 20.80 -13.74 -1.67
N PRO A 125 20.06 -14.40 -2.58
CA PRO A 125 18.91 -15.24 -2.24
C PRO A 125 19.32 -16.51 -1.50
N SER A 126 18.83 -16.65 -0.27
CA SER A 126 19.14 -17.82 0.54
C SER A 126 19.12 -19.10 -0.32
N SER A 127 19.76 -20.14 0.19
CA SER A 127 19.81 -21.42 -0.52
C SER A 127 18.57 -22.26 -0.24
N GLY A 128 17.68 -22.33 -1.22
CA GLY A 128 16.45 -23.10 -1.06
C GLY A 128 15.21 -22.27 -1.26
N GLY A 1 -21.13 -23.93 0.62
CA GLY A 1 -21.67 -22.84 -0.17
C GLY A 1 -20.65 -22.24 -1.11
N SER A 2 -21.11 -21.74 -2.24
CA SER A 2 -20.24 -21.13 -3.25
C SER A 2 -20.98 -20.07 -4.05
N SER A 3 -20.27 -19.00 -4.40
CA SER A 3 -20.85 -17.91 -5.17
C SER A 3 -19.79 -17.20 -6.00
N GLY A 4 -20.16 -16.79 -7.20
CA GLY A 4 -19.22 -16.08 -8.07
C GLY A 4 -19.68 -16.06 -9.51
N SER A 5 -20.03 -14.88 -10.00
CA SER A 5 -20.50 -14.72 -11.37
C SER A 5 -19.44 -14.06 -12.24
N SER A 6 -19.30 -14.52 -13.47
CA SER A 6 -18.32 -13.97 -14.40
C SER A 6 -19.00 -13.31 -15.59
N GLY A 7 -18.57 -12.08 -15.90
CA GLY A 7 -19.15 -11.36 -17.01
C GLY A 7 -19.32 -9.88 -16.72
N HIS A 8 -18.46 -9.06 -17.30
CA HIS A 8 -18.51 -7.61 -17.09
C HIS A 8 -18.86 -6.89 -18.38
N PHE A 9 -20.15 -6.82 -18.68
CA PHE A 9 -20.62 -6.15 -19.89
C PHE A 9 -19.90 -4.82 -20.09
N PRO A 10 -19.86 -4.35 -21.35
CA PRO A 10 -19.21 -3.10 -21.71
C PRO A 10 -19.97 -1.88 -21.19
N ALA A 11 -21.04 -2.13 -20.45
CA ALA A 11 -21.86 -1.06 -19.90
C ALA A 11 -21.34 -0.65 -18.52
N ARG A 12 -21.88 0.46 -18.00
CA ARG A 12 -21.48 0.96 -16.69
C ARG A 12 -22.62 1.72 -16.03
N VAL A 13 -22.86 1.42 -14.76
CA VAL A 13 -23.92 2.08 -14.00
C VAL A 13 -23.36 2.85 -12.81
N LYS A 14 -24.03 3.95 -12.46
CA LYS A 14 -23.59 4.78 -11.34
C LYS A 14 -23.59 3.98 -10.04
N VAL A 15 -22.46 4.01 -9.34
CA VAL A 15 -22.32 3.29 -8.08
C VAL A 15 -21.81 4.21 -6.97
N GLU A 16 -22.74 4.91 -6.31
CA GLU A 16 -22.37 5.82 -5.23
C GLU A 16 -21.53 5.10 -4.18
N PRO A 17 -20.56 5.84 -3.60
CA PRO A 17 -19.67 5.30 -2.57
C PRO A 17 -20.40 5.05 -1.25
N ALA A 18 -20.22 3.85 -0.71
CA ALA A 18 -20.86 3.48 0.55
C ALA A 18 -19.91 3.66 1.73
N VAL A 19 -18.85 4.43 1.51
CA VAL A 19 -17.85 4.68 2.54
C VAL A 19 -17.27 6.08 2.42
N ASP A 20 -16.91 6.66 3.56
CA ASP A 20 -16.33 8.00 3.59
C ASP A 20 -14.85 7.97 3.19
N THR A 21 -14.06 7.26 3.98
CA THR A 21 -12.63 7.14 3.71
C THR A 21 -12.06 8.46 3.19
N SER A 22 -12.53 9.56 3.76
CA SER A 22 -12.08 10.89 3.36
C SER A 22 -11.20 11.52 4.44
N ARG A 23 -11.24 10.94 5.63
CA ARG A 23 -10.46 11.44 6.75
C ARG A 23 -9.41 10.41 7.19
N ILE A 24 -9.04 9.53 6.27
CA ILE A 24 -8.06 8.49 6.56
C ILE A 24 -6.65 9.09 6.63
N LYS A 25 -5.93 8.77 7.70
CA LYS A 25 -4.58 9.27 7.89
C LYS A 25 -3.56 8.13 7.82
N VAL A 26 -2.43 8.39 7.18
CA VAL A 26 -1.38 7.39 7.05
C VAL A 26 -0.04 7.93 7.52
N PHE A 27 0.58 7.22 8.45
CA PHE A 27 1.88 7.63 8.99
C PHE A 27 2.87 6.48 8.94
N GLY A 28 4.15 6.82 8.72
CA GLY A 28 5.19 5.82 8.64
C GLY A 28 6.13 6.04 7.48
N PRO A 29 7.28 5.36 7.51
CA PRO A 29 8.30 5.47 6.46
C PRO A 29 7.85 4.83 5.15
N GLY A 30 7.12 3.73 5.25
CA GLY A 30 6.64 3.04 4.08
C GLY A 30 5.82 3.94 3.17
N ILE A 31 5.38 5.06 3.71
CA ILE A 31 4.57 6.01 2.94
C ILE A 31 5.22 7.40 2.94
N GLU A 32 6.07 7.65 3.92
CA GLU A 32 6.76 8.93 4.03
C GLU A 32 8.00 8.97 3.15
N GLY A 33 8.83 7.92 3.27
CA GLY A 33 10.04 7.85 2.47
C GLY A 33 11.29 8.04 3.31
N LYS A 34 11.34 7.36 4.45
CA LYS A 34 12.49 7.45 5.35
C LYS A 34 13.39 6.22 5.20
N ASP A 35 12.91 5.08 5.68
CA ASP A 35 13.65 3.83 5.61
C ASP A 35 13.15 2.96 4.47
N VAL A 36 12.65 3.60 3.41
CA VAL A 36 12.14 2.88 2.25
C VAL A 36 13.24 2.63 1.23
N PHE A 37 14.48 2.86 1.64
CA PHE A 37 15.63 2.66 0.76
C PHE A 37 15.47 1.37 -0.04
N ARG A 38 16.21 1.28 -1.15
CA ARG A 38 16.16 0.10 -2.00
C ARG A 38 16.58 -1.15 -1.24
N GLU A 39 15.84 -2.24 -1.43
CA GLU A 39 16.14 -3.49 -0.76
C GLU A 39 16.02 -3.34 0.75
N ALA A 40 15.03 -2.56 1.19
CA ALA A 40 14.81 -2.33 2.61
C ALA A 40 13.36 -2.65 2.99
N THR A 41 13.19 -3.25 4.17
CA THR A 41 11.86 -3.61 4.65
C THR A 41 11.17 -2.42 5.32
N THR A 42 10.28 -1.77 4.59
CA THR A 42 9.56 -0.62 5.11
C THR A 42 8.05 -0.86 5.09
N ASP A 43 7.36 -0.26 6.06
CA ASP A 43 5.90 -0.42 6.16
C ASP A 43 5.27 0.82 6.79
N PHE A 44 3.98 1.02 6.52
CA PHE A 44 3.26 2.17 7.05
C PHE A 44 2.02 1.72 7.83
N THR A 45 1.35 2.67 8.46
CA THR A 45 0.15 2.38 9.23
C THR A 45 -1.03 3.24 8.79
N VAL A 46 -2.16 2.61 8.53
CA VAL A 46 -3.36 3.32 8.11
C VAL A 46 -4.36 3.44 9.25
N ASP A 47 -4.42 4.63 9.85
CA ASP A 47 -5.34 4.87 10.95
C ASP A 47 -6.79 4.86 10.46
N SER A 48 -7.57 3.93 10.99
CA SER A 48 -8.97 3.81 10.60
C SER A 48 -9.87 3.69 11.83
N ARG A 49 -10.93 4.50 11.86
CA ARG A 49 -11.87 4.49 12.99
C ARG A 49 -13.29 4.26 12.50
N PRO A 50 -13.87 5.27 11.85
CA PRO A 50 -15.23 5.21 11.32
C PRO A 50 -15.35 4.25 10.14
N LEU A 51 -14.26 3.56 9.83
CA LEU A 51 -14.25 2.61 8.72
C LEU A 51 -14.26 1.16 9.24
N THR A 52 -13.35 0.86 10.16
CA THR A 52 -13.27 -0.48 10.73
C THR A 52 -12.92 -0.42 12.21
N GLN A 53 -13.08 -1.55 12.90
CA GLN A 53 -12.77 -1.63 14.32
C GLN A 53 -11.91 -2.84 14.63
N VAL A 54 -12.10 -3.91 13.87
CA VAL A 54 -11.35 -5.13 14.06
C VAL A 54 -10.40 -5.39 12.89
N GLY A 55 -9.83 -4.31 12.36
CA GLY A 55 -8.91 -4.44 11.23
C GLY A 55 -9.63 -4.72 9.93
N GLY A 56 -9.83 -5.99 9.62
CA GLY A 56 -10.50 -6.36 8.39
C GLY A 56 -9.55 -6.51 7.22
N ASP A 57 -10.01 -7.16 6.16
CA ASP A 57 -9.18 -7.37 4.98
C ASP A 57 -9.80 -6.69 3.76
N HIS A 58 -10.25 -5.45 3.95
CA HIS A 58 -10.87 -4.69 2.86
C HIS A 58 -9.93 -3.60 2.36
N ILE A 59 -8.62 -3.84 2.50
CA ILE A 59 -7.63 -2.88 2.06
C ILE A 59 -6.79 -3.44 0.91
N LYS A 60 -6.45 -2.58 -0.04
CA LYS A 60 -5.66 -2.99 -1.19
C LYS A 60 -4.68 -1.89 -1.59
N ALA A 61 -3.43 -2.28 -1.89
CA ALA A 61 -2.41 -1.33 -2.29
C ALA A 61 -1.63 -1.84 -3.50
N HIS A 62 -1.07 -0.92 -4.27
CA HIS A 62 -0.31 -1.27 -5.46
C HIS A 62 0.78 -0.24 -5.73
N ILE A 63 2.04 -0.67 -5.63
CA ILE A 63 3.17 0.22 -5.87
C ILE A 63 3.49 0.31 -7.36
N ALA A 64 3.90 1.50 -7.80
CA ALA A 64 4.25 1.72 -9.20
C ALA A 64 5.61 2.39 -9.32
N ASN A 65 6.63 1.61 -9.66
CA ASN A 65 7.98 2.13 -9.81
C ASN A 65 8.04 3.16 -10.94
N PRO A 66 9.04 4.05 -10.88
CA PRO A 66 9.23 5.10 -11.88
C PRO A 66 9.68 4.54 -13.23
N SER A 67 9.83 3.22 -13.30
CA SER A 67 10.25 2.56 -14.52
C SER A 67 9.09 1.82 -15.18
N GLY A 68 8.10 1.45 -14.36
CA GLY A 68 6.94 0.75 -14.88
C GLY A 68 6.65 -0.52 -14.10
N ALA A 69 7.66 -1.06 -13.44
CA ALA A 69 7.50 -2.28 -12.64
C ALA A 69 6.63 -2.03 -11.43
N SER A 70 6.22 -3.11 -10.76
CA SER A 70 5.38 -3.01 -9.58
C SER A 70 5.91 -3.91 -8.46
N THR A 71 6.06 -3.32 -7.27
CA THR A 71 6.55 -4.07 -6.12
C THR A 71 5.41 -4.74 -5.36
N GLU A 72 5.67 -5.95 -4.88
CA GLU A 72 4.66 -6.71 -4.14
C GLU A 72 4.46 -6.12 -2.74
N CYS A 73 3.21 -5.89 -2.37
CA CYS A 73 2.89 -5.35 -1.06
C CYS A 73 2.27 -6.40 -0.16
N PHE A 74 2.42 -6.23 1.14
CA PHE A 74 1.88 -7.17 2.12
C PHE A 74 1.08 -6.44 3.20
N VAL A 75 -0.24 -6.59 3.16
CA VAL A 75 -1.11 -5.95 4.14
C VAL A 75 -1.13 -6.73 5.44
N THR A 76 -1.07 -6.02 6.56
CA THR A 76 -1.09 -6.64 7.88
C THR A 76 -2.03 -5.90 8.83
N ASP A 77 -3.18 -6.51 9.10
CA ASP A 77 -4.16 -5.91 9.99
C ASP A 77 -3.82 -6.19 11.45
N ASN A 78 -3.83 -5.14 12.27
CA ASN A 78 -3.51 -5.28 13.69
C ASN A 78 -4.76 -5.67 14.49
N ALA A 79 -5.77 -6.16 13.79
CA ALA A 79 -7.01 -6.57 14.44
C ALA A 79 -7.41 -5.60 15.54
N ASP A 80 -7.06 -4.33 15.36
CA ASP A 80 -7.38 -3.30 16.34
C ASP A 80 -8.15 -2.15 15.69
N GLY A 81 -7.96 -1.98 14.39
CA GLY A 81 -8.65 -0.91 13.68
C GLY A 81 -7.79 -0.29 12.60
N THR A 82 -6.47 -0.43 12.73
CA THR A 82 -5.54 0.13 11.77
C THR A 82 -4.94 -0.97 10.90
N TYR A 83 -4.31 -0.57 9.79
CA TYR A 83 -3.69 -1.52 8.88
C TYR A 83 -2.20 -1.25 8.75
N GLN A 84 -1.42 -2.30 8.48
CA GLN A 84 0.01 -2.18 8.33
C GLN A 84 0.50 -2.91 7.08
N VAL A 85 0.96 -2.14 6.09
CA VAL A 85 1.44 -2.71 4.85
C VAL A 85 2.97 -2.64 4.77
N GLU A 86 3.60 -3.78 4.49
CA GLU A 86 5.05 -3.84 4.39
C GLU A 86 5.48 -4.25 2.98
N TYR A 87 6.48 -3.56 2.45
CA TYR A 87 6.97 -3.84 1.11
C TYR A 87 8.45 -3.47 0.99
N THR A 88 9.13 -4.09 0.04
CA THR A 88 10.56 -3.84 -0.18
C THR A 88 10.83 -3.44 -1.63
N PRO A 89 10.98 -2.13 -1.87
CA PRO A 89 11.25 -1.59 -3.21
C PRO A 89 12.64 -1.95 -3.70
N PHE A 90 12.72 -2.52 -4.90
CA PHE A 90 13.99 -2.90 -5.49
C PHE A 90 14.51 -1.81 -6.43
N GLU A 91 13.91 -0.63 -6.33
CA GLU A 91 14.31 0.49 -7.18
C GLU A 91 14.30 1.80 -6.38
N LYS A 92 15.39 2.56 -6.51
CA LYS A 92 15.51 3.84 -5.81
C LYS A 92 14.88 4.96 -6.62
N GLY A 93 13.62 5.26 -6.34
CA GLY A 93 12.92 6.32 -7.05
C GLY A 93 11.55 6.60 -6.47
N LEU A 94 10.79 7.47 -7.14
CA LEU A 94 9.46 7.82 -6.68
C LEU A 94 8.42 6.88 -7.28
N HIS A 95 7.70 6.17 -6.41
CA HIS A 95 6.67 5.24 -6.86
C HIS A 95 5.27 5.80 -6.57
N VAL A 96 4.28 5.29 -7.28
CA VAL A 96 2.90 5.73 -7.11
C VAL A 96 2.04 4.64 -6.48
N VAL A 97 1.77 4.77 -5.19
CA VAL A 97 0.97 3.79 -4.47
C VAL A 97 -0.50 4.18 -4.48
N GLU A 98 -1.34 3.30 -5.02
CA GLU A 98 -2.78 3.56 -5.09
C GLU A 98 -3.53 2.77 -4.01
N VAL A 99 -4.20 3.49 -3.13
CA VAL A 99 -4.96 2.87 -2.06
C VAL A 99 -6.46 2.98 -2.29
N THR A 100 -7.19 1.94 -1.94
CA THR A 100 -8.64 1.91 -2.13
C THR A 100 -9.33 1.18 -0.98
N TYR A 101 -10.31 1.83 -0.38
CA TYR A 101 -11.05 1.25 0.74
C TYR A 101 -12.52 1.03 0.37
N ASP A 102 -12.89 -0.23 0.21
CA ASP A 102 -14.27 -0.57 -0.13
C ASP A 102 -14.66 0.05 -1.48
N ASP A 103 -13.85 -0.20 -2.50
CA ASP A 103 -14.11 0.33 -3.83
C ASP A 103 -14.18 1.85 -3.80
N VAL A 104 -13.33 2.46 -2.96
CA VAL A 104 -13.30 3.91 -2.84
C VAL A 104 -11.92 4.39 -2.42
N PRO A 105 -11.22 5.08 -3.34
CA PRO A 105 -9.88 5.60 -3.09
C PRO A 105 -9.89 6.76 -2.09
N ILE A 106 -8.83 6.84 -1.28
CA ILE A 106 -8.72 7.90 -0.29
C ILE A 106 -8.32 9.22 -0.94
N PRO A 107 -8.59 10.33 -0.24
CA PRO A 107 -8.26 11.68 -0.72
C PRO A 107 -6.75 11.93 -0.73
N ASN A 108 -5.98 10.90 -0.41
CA ASN A 108 -4.53 11.02 -0.37
C ASN A 108 -3.90 10.26 -1.53
N SER A 109 -4.67 9.36 -2.14
CA SER A 109 -4.19 8.57 -3.26
C SER A 109 -4.47 9.27 -4.59
N PRO A 110 -3.59 9.06 -5.57
CA PRO A 110 -2.41 8.20 -5.40
C PRO A 110 -1.36 8.82 -4.47
N PHE A 111 -0.49 7.98 -3.92
CA PHE A 111 0.54 8.44 -3.01
C PHE A 111 1.86 8.65 -3.75
N LYS A 112 2.80 9.31 -3.09
CA LYS A 112 4.12 9.56 -3.68
C LYS A 112 5.23 9.23 -2.70
N VAL A 113 5.91 8.12 -2.94
CA VAL A 113 7.01 7.69 -2.07
C VAL A 113 8.36 7.86 -2.77
N ALA A 114 9.10 8.89 -2.38
CA ALA A 114 10.41 9.16 -2.96
C ALA A 114 11.51 8.44 -2.18
N VAL A 115 12.05 7.38 -2.77
CA VAL A 115 13.12 6.61 -2.13
C VAL A 115 14.47 7.30 -2.32
N THR A 116 15.34 7.15 -1.32
CA THR A 116 16.67 7.75 -1.38
C THR A 116 17.75 6.71 -1.12
N GLU A 117 18.87 6.84 -1.82
CA GLU A 117 19.99 5.92 -1.67
C GLU A 117 20.46 5.87 -0.21
N GLY A 118 20.23 4.73 0.43
CA GLY A 118 20.64 4.57 1.82
C GLY A 118 21.63 3.43 2.01
N CYS A 119 21.10 2.22 2.13
CA CYS A 119 21.94 1.04 2.32
C CYS A 119 22.81 1.18 3.56
N GLN A 120 22.29 1.86 4.57
CA GLN A 120 23.02 2.07 5.81
C GLN A 120 23.62 0.76 6.32
N PRO A 121 24.78 0.86 6.98
CA PRO A 121 25.47 -0.30 7.53
C PRO A 121 24.75 -0.91 8.72
N SER A 122 24.02 -2.00 8.48
CA SER A 122 23.28 -2.67 9.54
C SER A 122 23.47 -4.19 9.46
N SER A 123 23.37 -4.84 10.61
CA SER A 123 23.54 -6.29 10.68
C SER A 123 22.35 -6.94 11.35
N GLY A 124 21.96 -8.11 10.86
CA GLY A 124 20.83 -8.83 11.42
C GLY A 124 20.84 -10.30 11.07
N PRO A 125 19.66 -10.94 11.12
CA PRO A 125 19.51 -12.37 10.81
C PRO A 125 19.74 -12.67 9.33
N SER A 126 19.91 -13.95 9.01
CA SER A 126 20.14 -14.37 7.64
C SER A 126 19.69 -15.81 7.43
N SER A 127 18.63 -16.00 6.64
CA SER A 127 18.11 -17.32 6.37
C SER A 127 17.63 -18.00 7.66
N GLY A 128 16.96 -17.22 8.50
CA GLY A 128 16.46 -17.76 9.77
C GLY A 128 15.90 -16.69 10.67
N GLY A 1 14.73 -3.50 -21.97
CA GLY A 1 14.71 -2.85 -23.27
C GLY A 1 13.35 -2.32 -23.63
N SER A 2 13.20 -1.86 -24.87
CA SER A 2 11.94 -1.31 -25.35
C SER A 2 10.85 -2.37 -25.32
N SER A 3 10.08 -2.40 -24.25
CA SER A 3 8.99 -3.37 -24.10
C SER A 3 8.05 -2.97 -22.96
N GLY A 4 6.85 -2.55 -23.32
CA GLY A 4 5.87 -2.15 -22.32
C GLY A 4 4.98 -1.01 -22.81
N SER A 5 3.70 -1.33 -23.02
CA SER A 5 2.74 -0.34 -23.49
C SER A 5 1.31 -0.78 -23.18
N SER A 6 0.43 0.18 -22.98
CA SER A 6 -0.97 -0.10 -22.68
C SER A 6 -1.87 1.06 -23.11
N GLY A 7 -3.12 0.74 -23.41
CA GLY A 7 -4.06 1.77 -23.82
C GLY A 7 -5.47 1.23 -23.99
N HIS A 8 -6.23 1.22 -22.90
CA HIS A 8 -7.60 0.72 -22.93
C HIS A 8 -8.45 1.40 -21.85
N PHE A 9 -9.63 1.85 -22.25
CA PHE A 9 -10.54 2.52 -21.31
C PHE A 9 -11.96 1.97 -21.45
N PRO A 10 -12.35 1.11 -20.49
CA PRO A 10 -13.69 0.51 -20.48
C PRO A 10 -14.79 1.52 -20.17
N ALA A 11 -16.04 1.10 -20.32
CA ALA A 11 -17.18 1.97 -20.06
C ALA A 11 -16.96 2.79 -18.79
N ARG A 12 -17.74 3.86 -18.64
CA ARG A 12 -17.62 4.73 -17.48
C ARG A 12 -18.81 4.54 -16.53
N VAL A 13 -19.24 3.29 -16.39
CA VAL A 13 -20.36 2.96 -15.51
C VAL A 13 -20.38 3.86 -14.29
N LYS A 14 -21.58 4.28 -13.88
CA LYS A 14 -21.73 5.14 -12.71
C LYS A 14 -21.61 4.33 -11.42
N VAL A 15 -20.69 4.73 -10.56
CA VAL A 15 -20.48 4.05 -9.28
C VAL A 15 -20.23 5.05 -8.16
N GLU A 16 -21.22 5.20 -7.27
CA GLU A 16 -21.10 6.11 -6.15
C GLU A 16 -20.49 5.43 -4.94
N PRO A 17 -19.78 6.21 -4.10
CA PRO A 17 -19.12 5.70 -2.90
C PRO A 17 -20.13 5.28 -1.82
N ALA A 18 -20.04 4.03 -1.39
CA ALA A 18 -20.94 3.51 -0.37
C ALA A 18 -20.27 3.52 1.00
N VAL A 19 -19.10 4.17 1.09
CA VAL A 19 -18.36 4.25 2.34
C VAL A 19 -17.64 5.59 2.47
N ASP A 20 -17.37 5.99 3.70
CA ASP A 20 -16.68 7.25 3.96
C ASP A 20 -15.20 7.00 4.26
N THR A 21 -14.33 7.42 3.34
CA THR A 21 -12.90 7.25 3.51
C THR A 21 -12.16 8.57 3.35
N SER A 22 -12.81 9.65 3.75
CA SER A 22 -12.22 10.99 3.65
C SER A 22 -11.51 11.37 4.95
N ARG A 23 -11.54 10.47 5.92
CA ARG A 23 -10.91 10.71 7.21
C ARG A 23 -9.77 9.71 7.45
N ILE A 24 -9.43 8.95 6.42
CA ILE A 24 -8.37 7.96 6.53
C ILE A 24 -6.99 8.62 6.43
N LYS A 25 -6.20 8.45 7.48
CA LYS A 25 -4.86 9.02 7.53
C LYS A 25 -3.80 7.92 7.57
N VAL A 26 -2.61 8.23 7.07
CA VAL A 26 -1.51 7.27 7.06
C VAL A 26 -0.20 7.92 7.52
N PHE A 27 0.53 7.21 8.37
CA PHE A 27 1.80 7.72 8.88
C PHE A 27 2.85 6.61 8.94
N GLY A 28 4.04 6.90 8.43
CA GLY A 28 5.11 5.92 8.43
C GLY A 28 6.11 6.15 7.32
N PRO A 29 7.26 5.45 7.40
CA PRO A 29 8.33 5.57 6.40
C PRO A 29 7.93 4.97 5.05
N GLY A 30 7.12 3.92 5.09
CA GLY A 30 6.69 3.28 3.87
C GLY A 30 5.90 4.21 2.97
N ILE A 31 5.33 5.25 3.57
CA ILE A 31 4.54 6.22 2.80
C ILE A 31 5.20 7.59 2.82
N GLU A 32 6.13 7.78 3.75
CA GLU A 32 6.84 9.05 3.87
C GLU A 32 8.12 9.04 3.05
N GLY A 33 8.88 7.95 3.15
CA GLY A 33 10.12 7.84 2.41
C GLY A 33 11.34 8.04 3.28
N LYS A 34 11.35 7.39 4.44
CA LYS A 34 12.47 7.51 5.37
C LYS A 34 13.45 6.34 5.20
N ASP A 35 13.01 5.16 5.60
CA ASP A 35 13.84 3.96 5.49
C ASP A 35 13.35 3.07 4.35
N VAL A 36 12.76 3.69 3.33
CA VAL A 36 12.25 2.94 2.17
C VAL A 36 13.37 2.66 1.18
N PHE A 37 14.61 2.89 1.59
CA PHE A 37 15.76 2.65 0.73
C PHE A 37 15.61 1.35 -0.04
N ARG A 38 16.21 1.29 -1.22
CA ARG A 38 16.14 0.11 -2.06
C ARG A 38 16.52 -1.14 -1.27
N GLU A 39 15.81 -2.23 -1.51
CA GLU A 39 16.06 -3.48 -0.81
C GLU A 39 15.91 -3.32 0.69
N ALA A 40 15.03 -2.40 1.09
CA ALA A 40 14.78 -2.15 2.50
C ALA A 40 13.34 -2.48 2.88
N THR A 41 13.16 -3.06 4.07
CA THR A 41 11.84 -3.43 4.54
C THR A 41 11.14 -2.25 5.20
N THR A 42 10.24 -1.61 4.46
CA THR A 42 9.51 -0.46 4.96
C THR A 42 8.01 -0.72 4.93
N ASP A 43 7.29 -0.16 5.92
CA ASP A 43 5.85 -0.34 6.01
C ASP A 43 5.20 0.87 6.68
N PHE A 44 3.96 1.16 6.30
CA PHE A 44 3.23 2.29 6.85
C PHE A 44 2.04 1.81 7.67
N THR A 45 1.38 2.75 8.34
CA THR A 45 0.22 2.43 9.17
C THR A 45 -1.01 3.21 8.72
N VAL A 46 -2.14 2.51 8.59
CA VAL A 46 -3.38 3.14 8.17
C VAL A 46 -4.35 3.27 9.33
N ASP A 47 -4.72 4.51 9.66
CA ASP A 47 -5.64 4.77 10.75
C ASP A 47 -7.09 4.76 10.26
N SER A 48 -7.91 3.92 10.88
CA SER A 48 -9.32 3.81 10.50
C SER A 48 -10.21 3.82 11.73
N ARG A 49 -11.40 4.40 11.59
CA ARG A 49 -12.34 4.49 12.68
C ARG A 49 -13.75 4.13 12.22
N PRO A 50 -14.36 5.02 11.43
CA PRO A 50 -15.71 4.83 10.90
C PRO A 50 -15.77 3.72 9.85
N LEU A 51 -14.63 3.08 9.62
CA LEU A 51 -14.54 2.01 8.64
C LEU A 51 -14.41 0.65 9.32
N THR A 52 -13.62 0.61 10.39
CA THR A 52 -13.41 -0.63 11.14
C THR A 52 -13.14 -0.34 12.61
N GLN A 53 -13.27 -1.37 13.44
CA GLN A 53 -13.03 -1.23 14.87
C GLN A 53 -12.08 -2.30 15.38
N VAL A 54 -12.15 -3.48 14.76
CA VAL A 54 -11.29 -4.60 15.15
C VAL A 54 -10.54 -5.16 13.95
N GLY A 55 -10.08 -4.27 13.08
CA GLY A 55 -9.35 -4.70 11.90
C GLY A 55 -10.25 -5.39 10.89
N GLY A 56 -9.75 -5.53 9.66
CA GLY A 56 -10.51 -6.18 8.62
C GLY A 56 -9.66 -6.62 7.45
N ASP A 57 -10.30 -6.93 6.33
CA ASP A 57 -9.58 -7.37 5.14
C ASP A 57 -10.10 -6.65 3.89
N HIS A 58 -10.47 -5.39 4.05
CA HIS A 58 -10.99 -4.59 2.95
C HIS A 58 -9.96 -3.56 2.49
N ILE A 59 -8.69 -3.82 2.81
CA ILE A 59 -7.61 -2.92 2.43
C ILE A 59 -6.80 -3.48 1.27
N LYS A 60 -6.36 -2.60 0.38
CA LYS A 60 -5.56 -3.01 -0.78
C LYS A 60 -4.64 -1.89 -1.23
N ALA A 61 -3.44 -2.25 -1.66
CA ALA A 61 -2.45 -1.28 -2.12
C ALA A 61 -1.75 -1.77 -3.38
N HIS A 62 -1.20 -0.83 -4.15
CA HIS A 62 -0.49 -1.17 -5.38
C HIS A 62 0.61 -0.15 -5.67
N ILE A 63 1.86 -0.60 -5.55
CA ILE A 63 3.00 0.28 -5.80
C ILE A 63 3.36 0.31 -7.28
N ALA A 64 3.83 1.45 -7.75
CA ALA A 64 4.21 1.61 -9.15
C ALA A 64 5.55 2.32 -9.27
N ASN A 65 6.58 1.56 -9.65
CA ASN A 65 7.93 2.12 -9.81
C ASN A 65 7.97 3.10 -10.97
N PRO A 66 8.93 4.05 -10.89
CA PRO A 66 9.10 5.07 -11.93
C PRO A 66 9.63 4.50 -13.23
N SER A 67 9.93 3.20 -13.23
CA SER A 67 10.44 2.52 -14.40
C SER A 67 9.35 1.73 -15.11
N GLY A 68 8.26 1.48 -14.40
CA GLY A 68 7.15 0.74 -14.97
C GLY A 68 6.87 -0.55 -14.23
N ALA A 69 7.78 -0.93 -13.34
CA ALA A 69 7.63 -2.16 -12.56
C ALA A 69 6.67 -1.95 -11.39
N SER A 70 6.25 -3.05 -10.77
CA SER A 70 5.34 -2.99 -9.64
C SER A 70 5.83 -3.86 -8.49
N THR A 71 5.90 -3.28 -7.30
CA THR A 71 6.36 -3.99 -6.12
C THR A 71 5.19 -4.62 -5.37
N GLU A 72 5.42 -5.80 -4.81
CA GLU A 72 4.39 -6.51 -4.07
C GLU A 72 4.25 -5.94 -2.65
N CYS A 73 3.01 -5.70 -2.24
CA CYS A 73 2.75 -5.15 -0.92
C CYS A 73 2.19 -6.23 0.01
N PHE A 74 2.47 -6.09 1.31
CA PHE A 74 2.00 -7.05 2.30
C PHE A 74 1.19 -6.36 3.39
N VAL A 75 -0.13 -6.43 3.28
CA VAL A 75 -1.01 -5.81 4.27
C VAL A 75 -1.18 -6.70 5.49
N THR A 76 -1.05 -6.10 6.68
CA THR A 76 -1.18 -6.83 7.92
C THR A 76 -2.05 -6.08 8.92
N ASP A 77 -3.20 -6.65 9.26
CA ASP A 77 -4.12 -6.03 10.20
C ASP A 77 -3.76 -6.39 11.64
N ASN A 78 -3.63 -5.39 12.49
CA ASN A 78 -3.29 -5.60 13.89
C ASN A 78 -4.52 -5.97 14.70
N ALA A 79 -5.64 -6.19 14.01
CA ALA A 79 -6.89 -6.55 14.66
C ALA A 79 -7.23 -5.56 15.77
N ASP A 80 -6.90 -4.29 15.54
CA ASP A 80 -7.19 -3.24 16.52
C ASP A 80 -7.99 -2.11 15.88
N GLY A 81 -7.75 -1.87 14.59
CA GLY A 81 -8.45 -0.81 13.89
C GLY A 81 -7.62 -0.19 12.79
N THR A 82 -6.32 -0.50 12.78
CA THR A 82 -5.41 0.03 11.78
C THR A 82 -4.78 -1.09 10.95
N TYR A 83 -4.17 -0.73 9.84
CA TYR A 83 -3.53 -1.70 8.96
C TYR A 83 -2.05 -1.37 8.77
N GLN A 84 -1.24 -2.40 8.51
CA GLN A 84 0.19 -2.22 8.30
C GLN A 84 0.64 -2.90 7.02
N VAL A 85 0.98 -2.10 6.01
CA VAL A 85 1.43 -2.64 4.73
C VAL A 85 2.95 -2.53 4.59
N GLU A 86 3.60 -3.67 4.45
CA GLU A 86 5.06 -3.69 4.32
C GLU A 86 5.47 -4.14 2.91
N TYR A 87 6.44 -3.45 2.34
CA TYR A 87 6.92 -3.78 1.00
C TYR A 87 8.42 -3.47 0.86
N THR A 88 9.06 -4.13 -0.09
CA THR A 88 10.49 -3.94 -0.32
C THR A 88 10.76 -3.53 -1.76
N PRO A 89 10.93 -2.21 -1.98
CA PRO A 89 11.19 -1.66 -3.32
C PRO A 89 12.59 -2.03 -3.82
N PHE A 90 12.65 -2.49 -5.07
CA PHE A 90 13.91 -2.88 -5.68
C PHE A 90 14.42 -1.79 -6.62
N GLU A 91 13.78 -0.62 -6.56
CA GLU A 91 14.17 0.50 -7.42
C GLU A 91 14.23 1.81 -6.61
N LYS A 92 15.32 2.54 -6.75
CA LYS A 92 15.50 3.79 -6.05
C LYS A 92 14.86 4.95 -6.82
N GLY A 93 13.61 5.26 -6.48
CA GLY A 93 12.91 6.34 -7.15
C GLY A 93 11.57 6.64 -6.52
N LEU A 94 10.76 7.44 -7.20
CA LEU A 94 9.43 7.81 -6.70
C LEU A 94 8.37 6.90 -7.30
N HIS A 95 7.71 6.13 -6.44
CA HIS A 95 6.65 5.22 -6.88
C HIS A 95 5.27 5.79 -6.55
N VAL A 96 4.26 5.33 -7.27
CA VAL A 96 2.89 5.79 -7.06
C VAL A 96 2.05 4.72 -6.38
N VAL A 97 1.77 4.92 -5.10
CA VAL A 97 0.97 3.97 -4.33
C VAL A 97 -0.50 4.35 -4.35
N GLU A 98 -1.34 3.45 -4.86
CA GLU A 98 -2.77 3.69 -4.94
C GLU A 98 -3.52 2.90 -3.86
N VAL A 99 -4.10 3.64 -2.91
CA VAL A 99 -4.85 3.01 -1.82
C VAL A 99 -6.35 3.15 -2.04
N THR A 100 -7.08 2.07 -1.78
CA THR A 100 -8.53 2.07 -1.95
C THR A 100 -9.21 1.26 -0.85
N TYR A 101 -10.16 1.87 -0.17
CA TYR A 101 -10.89 1.21 0.91
C TYR A 101 -12.32 0.90 0.49
N ASP A 102 -12.60 -0.38 0.29
CA ASP A 102 -13.93 -0.83 -0.11
C ASP A 102 -14.27 -0.33 -1.51
N ASP A 103 -13.29 -0.42 -2.41
CA ASP A 103 -13.49 0.02 -3.79
C ASP A 103 -13.65 1.53 -3.86
N VAL A 104 -13.07 2.23 -2.90
CA VAL A 104 -13.15 3.69 -2.85
C VAL A 104 -11.81 4.30 -2.46
N PRO A 105 -11.25 5.11 -3.37
CA PRO A 105 -9.96 5.78 -3.14
C PRO A 105 -10.05 6.87 -2.08
N ILE A 106 -8.94 7.12 -1.40
CA ILE A 106 -8.89 8.14 -0.36
C ILE A 106 -8.38 9.46 -0.91
N PRO A 107 -8.72 10.56 -0.23
CA PRO A 107 -8.30 11.91 -0.63
C PRO A 107 -6.81 12.13 -0.41
N ASN A 108 -6.11 11.09 0.03
CA ASN A 108 -4.68 11.17 0.28
C ASN A 108 -3.90 10.47 -0.82
N SER A 109 -4.59 9.67 -1.61
CA SER A 109 -3.97 8.93 -2.70
C SER A 109 -4.28 9.57 -4.05
N PRO A 110 -3.48 9.25 -5.06
CA PRO A 110 -2.33 8.35 -4.91
C PRO A 110 -1.22 8.96 -4.08
N PHE A 111 -0.30 8.12 -3.61
CA PHE A 111 0.82 8.57 -2.80
C PHE A 111 2.12 8.55 -3.60
N LYS A 112 3.12 9.27 -3.10
CA LYS A 112 4.41 9.33 -3.78
C LYS A 112 5.54 8.99 -2.81
N VAL A 113 6.14 7.82 -2.99
CA VAL A 113 7.23 7.38 -2.13
C VAL A 113 8.59 7.59 -2.81
N ALA A 114 9.26 8.67 -2.45
CA ALA A 114 10.57 8.98 -3.02
C ALA A 114 11.68 8.25 -2.29
N VAL A 115 12.16 7.16 -2.88
CA VAL A 115 13.24 6.36 -2.28
C VAL A 115 14.59 6.98 -2.55
N THR A 116 15.52 6.80 -1.62
CA THR A 116 16.86 7.33 -1.75
C THR A 116 17.92 6.27 -1.47
N GLU A 117 19.11 6.44 -2.05
CA GLU A 117 20.20 5.50 -1.86
C GLU A 117 20.72 5.55 -0.42
N GLY A 118 20.42 4.50 0.34
CA GLY A 118 20.87 4.45 1.72
C GLY A 118 22.14 3.64 1.88
N CYS A 119 22.02 2.47 2.48
CA CYS A 119 23.17 1.60 2.71
C CYS A 119 22.80 0.13 2.52
N GLN A 120 23.80 -0.73 2.38
CA GLN A 120 23.57 -2.15 2.21
C GLN A 120 22.86 -2.74 3.41
N PRO A 121 21.71 -3.39 3.17
CA PRO A 121 20.91 -4.01 4.23
C PRO A 121 21.59 -5.24 4.82
N SER A 122 22.05 -6.13 3.95
CA SER A 122 22.72 -7.36 4.37
C SER A 122 23.78 -7.78 3.36
N SER A 123 24.67 -8.67 3.78
CA SER A 123 25.73 -9.16 2.92
C SER A 123 25.81 -10.68 2.96
N GLY A 124 25.91 -11.30 1.78
CA GLY A 124 25.99 -12.74 1.71
C GLY A 124 26.47 -13.23 0.36
N PRO A 125 27.77 -13.58 0.29
CA PRO A 125 28.39 -14.06 -0.96
C PRO A 125 27.89 -15.45 -1.34
N SER A 126 27.54 -16.26 -0.35
CA SER A 126 27.06 -17.61 -0.59
C SER A 126 26.11 -17.63 -1.78
N SER A 127 25.98 -18.81 -2.41
CA SER A 127 25.12 -18.97 -3.56
C SER A 127 23.67 -19.16 -3.13
N GLY A 128 22.86 -18.11 -3.28
CA GLY A 128 21.47 -18.18 -2.90
C GLY A 128 20.56 -18.51 -4.07
N GLY A 1 2.57 7.99 -21.14
CA GLY A 1 2.41 6.54 -21.18
C GLY A 1 2.11 6.03 -22.57
N SER A 2 2.63 4.86 -22.90
CA SER A 2 2.42 4.25 -24.21
C SER A 2 1.20 3.32 -24.19
N SER A 3 0.18 3.68 -24.94
CA SER A 3 -1.04 2.89 -25.01
C SER A 3 -1.21 2.28 -26.40
N GLY A 4 -1.52 0.98 -26.44
CA GLY A 4 -1.70 0.30 -27.71
C GLY A 4 -2.87 -0.67 -27.68
N SER A 5 -4.04 -0.18 -27.30
CA SER A 5 -5.24 -1.00 -27.23
C SER A 5 -6.49 -0.15 -27.17
N SER A 6 -7.65 -0.80 -27.21
CA SER A 6 -8.92 -0.10 -27.16
C SER A 6 -9.49 -0.07 -25.75
N GLY A 7 -9.63 -1.26 -25.16
CA GLY A 7 -10.15 -1.35 -23.80
C GLY A 7 -11.66 -1.16 -23.75
N HIS A 8 -12.27 -1.58 -22.64
CA HIS A 8 -13.70 -1.46 -22.47
C HIS A 8 -14.08 -0.05 -22.00
N PHE A 9 -14.30 0.85 -22.96
CA PHE A 9 -14.66 2.23 -22.64
C PHE A 9 -15.75 2.27 -21.57
N PRO A 10 -15.47 2.99 -20.47
CA PRO A 10 -16.43 3.13 -19.37
C PRO A 10 -17.64 3.97 -19.74
N ALA A 11 -18.70 3.31 -20.18
CA ALA A 11 -19.93 4.00 -20.57
C ALA A 11 -21.02 3.82 -19.52
N ARG A 12 -20.63 3.89 -18.25
CA ARG A 12 -21.57 3.73 -17.15
C ARG A 12 -21.38 4.82 -16.10
N VAL A 13 -22.34 4.93 -15.19
CA VAL A 13 -22.27 5.94 -14.13
C VAL A 13 -21.85 5.31 -12.81
N LYS A 14 -20.95 5.98 -12.10
CA LYS A 14 -20.46 5.50 -10.82
C LYS A 14 -21.61 5.31 -9.83
N VAL A 15 -21.50 4.29 -8.98
CA VAL A 15 -22.53 4.00 -7.98
C VAL A 15 -22.16 4.59 -6.63
N GLU A 16 -23.03 5.43 -6.10
CA GLU A 16 -22.79 6.06 -4.80
C GLU A 16 -22.05 5.11 -3.86
N PRO A 17 -20.92 5.57 -3.32
CA PRO A 17 -20.10 4.78 -2.40
C PRO A 17 -20.78 4.57 -1.05
N ALA A 18 -20.46 3.46 -0.39
CA ALA A 18 -21.04 3.14 0.90
C ALA A 18 -20.04 3.41 2.03
N VAL A 19 -19.01 4.20 1.73
CA VAL A 19 -17.99 4.53 2.72
C VAL A 19 -17.57 5.99 2.60
N ASP A 20 -17.10 6.56 3.70
CA ASP A 20 -16.65 7.94 3.72
C ASP A 20 -15.20 8.06 3.27
N THR A 21 -14.33 7.24 3.86
CA THR A 21 -12.92 7.26 3.53
C THR A 21 -12.44 8.67 3.20
N SER A 22 -12.90 9.64 3.98
CA SER A 22 -12.52 11.04 3.77
C SER A 22 -11.62 11.53 4.89
N ARG A 23 -11.51 10.73 5.95
CA ARG A 23 -10.69 11.09 7.10
C ARG A 23 -9.67 10.00 7.40
N ILE A 24 -9.13 9.40 6.34
CA ILE A 24 -8.14 8.34 6.49
C ILE A 24 -6.72 8.90 6.48
N LYS A 25 -5.98 8.65 7.55
CA LYS A 25 -4.61 9.14 7.67
C LYS A 25 -3.61 7.98 7.61
N VAL A 26 -2.36 8.29 7.29
CA VAL A 26 -1.32 7.27 7.20
C VAL A 26 0.03 7.83 7.65
N PHE A 27 0.69 7.10 8.55
CA PHE A 27 1.99 7.53 9.06
C PHE A 27 3.00 6.39 8.96
N GLY A 28 4.26 6.75 8.72
CA GLY A 28 5.31 5.75 8.61
C GLY A 28 6.24 6.01 7.44
N PRO A 29 7.40 5.33 7.43
CA PRO A 29 8.39 5.47 6.38
C PRO A 29 7.92 4.88 5.04
N GLY A 30 7.17 3.79 5.12
CA GLY A 30 6.68 3.15 3.92
C GLY A 30 5.86 4.09 3.06
N ILE A 31 5.26 5.10 3.68
CA ILE A 31 4.45 6.08 2.97
C ILE A 31 5.14 7.45 2.94
N GLU A 32 5.99 7.69 3.92
CA GLU A 32 6.71 8.96 4.00
C GLU A 32 7.95 8.94 3.11
N GLY A 33 8.76 7.90 3.25
CA GLY A 33 9.96 7.78 2.44
C GLY A 33 11.22 8.04 3.26
N LYS A 34 11.30 7.44 4.44
CA LYS A 34 12.45 7.62 5.31
C LYS A 34 13.47 6.50 5.10
N ASP A 35 13.12 5.30 5.55
CA ASP A 35 13.99 4.15 5.40
C ASP A 35 13.49 3.21 4.30
N VAL A 36 12.89 3.79 3.27
CA VAL A 36 12.36 3.00 2.16
C VAL A 36 13.46 2.70 1.13
N PHE A 37 14.69 2.99 1.50
CA PHE A 37 15.83 2.75 0.62
C PHE A 37 15.65 1.44 -0.15
N ARG A 38 16.29 1.35 -1.32
CA ARG A 38 16.21 0.16 -2.14
C ARG A 38 16.64 -1.08 -1.36
N GLU A 39 15.90 -2.17 -1.54
CA GLU A 39 16.21 -3.42 -0.86
C GLU A 39 16.09 -3.26 0.65
N ALA A 40 15.13 -2.44 1.09
CA ALA A 40 14.91 -2.19 2.50
C ALA A 40 13.49 -2.54 2.90
N THR A 41 13.32 -3.08 4.10
CA THR A 41 12.00 -3.45 4.61
C THR A 41 11.29 -2.25 5.21
N THR A 42 10.36 -1.67 4.44
CA THR A 42 9.61 -0.51 4.89
C THR A 42 8.11 -0.80 4.88
N ASP A 43 7.39 -0.24 5.86
CA ASP A 43 5.95 -0.43 5.96
C ASP A 43 5.29 0.78 6.61
N PHE A 44 4.00 0.96 6.34
CA PHE A 44 3.25 2.08 6.90
C PHE A 44 2.06 1.58 7.71
N THR A 45 1.38 2.50 8.38
CA THR A 45 0.22 2.16 9.19
C THR A 45 -0.98 3.03 8.83
N VAL A 46 -2.11 2.38 8.57
CA VAL A 46 -3.34 3.09 8.21
C VAL A 46 -4.33 3.08 9.36
N ASP A 47 -4.56 4.25 9.95
CA ASP A 47 -5.50 4.39 11.05
C ASP A 47 -6.93 4.54 10.54
N SER A 48 -7.83 3.73 11.08
CA SER A 48 -9.23 3.77 10.69
C SER A 48 -10.14 3.84 11.90
N ARG A 49 -11.19 4.64 11.80
CA ARG A 49 -12.15 4.80 12.90
C ARG A 49 -13.58 4.74 12.39
N PRO A 50 -14.00 5.78 11.67
CA PRO A 50 -15.35 5.88 11.11
C PRO A 50 -15.57 4.89 9.97
N LEU A 51 -14.59 4.02 9.76
CA LEU A 51 -14.68 3.02 8.69
C LEU A 51 -14.67 1.61 9.27
N THR A 52 -13.73 1.34 10.16
CA THR A 52 -13.61 0.03 10.79
C THR A 52 -13.24 0.16 12.27
N GLN A 53 -13.43 -0.91 13.01
CA GLN A 53 -13.12 -0.92 14.44
C GLN A 53 -12.18 -2.09 14.78
N VAL A 54 -12.44 -3.25 14.19
CA VAL A 54 -11.63 -4.43 14.43
C VAL A 54 -10.73 -4.73 13.23
N GLY A 55 -10.22 -3.68 12.60
CA GLY A 55 -9.35 -3.86 11.46
C GLY A 55 -10.11 -4.31 10.22
N GLY A 56 -9.92 -5.58 9.84
CA GLY A 56 -10.60 -6.11 8.68
C GLY A 56 -9.64 -6.40 7.53
N ASP A 57 -10.20 -6.75 6.38
CA ASP A 57 -9.39 -7.05 5.20
C ASP A 57 -9.93 -6.32 3.98
N HIS A 58 -10.31 -5.05 4.16
CA HIS A 58 -10.83 -4.25 3.07
C HIS A 58 -9.80 -3.22 2.60
N ILE A 59 -8.53 -3.57 2.72
CA ILE A 59 -7.45 -2.69 2.31
C ILE A 59 -6.65 -3.30 1.16
N LYS A 60 -6.12 -2.44 0.29
CA LYS A 60 -5.33 -2.88 -0.85
C LYS A 60 -4.42 -1.77 -1.35
N ALA A 61 -3.15 -2.11 -1.58
CA ALA A 61 -2.18 -1.14 -2.06
C ALA A 61 -1.56 -1.59 -3.38
N HIS A 62 -1.06 -0.63 -4.16
CA HIS A 62 -0.44 -0.93 -5.44
C HIS A 62 0.69 0.04 -5.73
N ILE A 63 1.93 -0.44 -5.60
CA ILE A 63 3.10 0.39 -5.85
C ILE A 63 3.43 0.43 -7.35
N ALA A 64 3.91 1.59 -7.81
CA ALA A 64 4.27 1.76 -9.21
C ALA A 64 5.61 2.44 -9.34
N ASN A 65 6.65 1.67 -9.65
CA ASN A 65 7.99 2.20 -9.80
C ASN A 65 8.05 3.20 -10.96
N PRO A 66 9.01 4.13 -10.89
CA PRO A 66 9.19 5.15 -11.92
C PRO A 66 9.72 4.57 -13.23
N SER A 67 9.90 3.26 -13.25
CA SER A 67 10.41 2.57 -14.44
C SER A 67 9.30 1.76 -15.10
N GLY A 68 8.31 1.35 -14.30
CA GLY A 68 7.21 0.57 -14.83
C GLY A 68 6.93 -0.67 -14.00
N ALA A 69 7.94 -1.13 -13.27
CA ALA A 69 7.80 -2.31 -12.43
C ALA A 69 6.87 -2.04 -11.25
N SER A 70 6.47 -3.10 -10.56
CA SER A 70 5.57 -2.98 -9.43
C SER A 70 6.10 -3.78 -8.22
N THR A 71 6.15 -3.13 -7.07
CA THR A 71 6.64 -3.77 -5.85
C THR A 71 5.51 -4.52 -5.15
N GLU A 72 5.83 -5.73 -4.65
CA GLU A 72 4.85 -6.55 -3.96
C GLU A 72 4.52 -5.95 -2.59
N CYS A 73 3.22 -5.82 -2.32
CA CYS A 73 2.77 -5.27 -1.04
C CYS A 73 2.06 -6.34 -0.21
N PHE A 74 2.29 -6.29 1.11
CA PHE A 74 1.68 -7.25 2.01
C PHE A 74 0.87 -6.55 3.10
N VAL A 75 -0.45 -6.60 2.99
CA VAL A 75 -1.33 -5.97 3.96
C VAL A 75 -1.47 -6.83 5.21
N THR A 76 -1.35 -6.19 6.38
CA THR A 76 -1.48 -6.90 7.64
C THR A 76 -2.46 -6.20 8.57
N ASP A 77 -3.60 -6.85 8.80
CA ASP A 77 -4.63 -6.29 9.67
C ASP A 77 -4.35 -6.63 11.13
N ASN A 78 -4.12 -5.60 11.93
CA ASN A 78 -3.84 -5.80 13.36
C ASN A 78 -5.13 -6.00 14.14
N ALA A 79 -6.23 -6.16 13.42
CA ALA A 79 -7.54 -6.36 14.06
C ALA A 79 -7.72 -5.43 15.25
N ASP A 80 -7.13 -4.24 15.16
CA ASP A 80 -7.23 -3.25 16.23
C ASP A 80 -7.69 -1.91 15.69
N GLY A 81 -8.18 -1.91 14.45
CA GLY A 81 -8.65 -0.68 13.84
C GLY A 81 -7.58 0.01 13.01
N THR A 82 -6.54 -0.74 12.67
CA THR A 82 -5.44 -0.20 11.87
C THR A 82 -4.87 -1.26 10.93
N TYR A 83 -4.23 -0.80 9.86
CA TYR A 83 -3.64 -1.70 8.88
C TYR A 83 -2.14 -1.45 8.73
N GLN A 84 -1.40 -2.51 8.43
CA GLN A 84 0.05 -2.40 8.26
C GLN A 84 0.49 -3.10 6.98
N VAL A 85 0.93 -2.31 6.01
CA VAL A 85 1.39 -2.85 4.73
C VAL A 85 2.90 -2.75 4.60
N GLU A 86 3.55 -3.89 4.41
CA GLU A 86 5.00 -3.94 4.28
C GLU A 86 5.41 -4.24 2.84
N TYR A 87 6.40 -3.51 2.34
CA TYR A 87 6.88 -3.70 0.99
C TYR A 87 8.36 -3.33 0.87
N THR A 88 9.07 -4.01 -0.02
CA THR A 88 10.48 -3.76 -0.22
C THR A 88 10.77 -3.38 -1.68
N PRO A 89 10.96 -2.07 -1.91
CA PRO A 89 11.24 -1.54 -3.25
C PRO A 89 12.63 -1.92 -3.75
N PHE A 90 12.69 -2.46 -4.95
CA PHE A 90 13.97 -2.88 -5.54
C PHE A 90 14.44 -1.87 -6.58
N GLU A 91 14.01 -0.62 -6.42
CA GLU A 91 14.40 0.44 -7.34
C GLU A 91 14.36 1.81 -6.65
N LYS A 92 15.46 2.55 -6.78
CA LYS A 92 15.56 3.87 -6.17
C LYS A 92 14.84 4.92 -7.01
N GLY A 93 13.74 5.44 -6.49
CA GLY A 93 12.98 6.44 -7.21
C GLY A 93 11.61 6.68 -6.60
N LEU A 94 10.84 7.56 -7.22
CA LEU A 94 9.49 7.88 -6.74
C LEU A 94 8.45 6.94 -7.33
N HIS A 95 7.78 6.20 -6.47
CA HIS A 95 6.75 5.26 -6.92
C HIS A 95 5.35 5.79 -6.61
N VAL A 96 4.37 5.28 -7.34
CA VAL A 96 2.98 5.71 -7.15
C VAL A 96 2.15 4.62 -6.48
N VAL A 97 1.84 4.80 -5.20
CA VAL A 97 1.06 3.83 -4.45
C VAL A 97 -0.43 4.14 -4.55
N GLU A 98 -1.19 3.18 -5.08
CA GLU A 98 -2.63 3.35 -5.23
C GLU A 98 -3.38 2.62 -4.13
N VAL A 99 -4.00 3.37 -3.23
CA VAL A 99 -4.75 2.78 -2.13
C VAL A 99 -6.25 2.83 -2.40
N THR A 100 -6.94 1.75 -2.06
CA THR A 100 -8.38 1.66 -2.27
C THR A 100 -9.06 0.92 -1.12
N TYR A 101 -9.90 1.63 -0.38
CA TYR A 101 -10.61 1.05 0.75
C TYR A 101 -12.03 0.65 0.35
N ASP A 102 -12.31 -0.65 0.38
CA ASP A 102 -13.63 -1.16 0.03
C ASP A 102 -14.01 -0.74 -1.39
N ASP A 103 -13.07 -0.88 -2.31
CA ASP A 103 -13.31 -0.52 -3.71
C ASP A 103 -13.52 0.98 -3.85
N VAL A 104 -12.88 1.75 -2.97
CA VAL A 104 -13.00 3.20 -3.00
C VAL A 104 -11.69 3.86 -2.60
N PRO A 105 -11.14 4.68 -3.51
CA PRO A 105 -9.87 5.40 -3.27
C PRO A 105 -10.02 6.50 -2.24
N ILE A 106 -8.92 6.83 -1.58
CA ILE A 106 -8.93 7.87 -0.55
C ILE A 106 -8.51 9.22 -1.14
N PRO A 107 -8.92 10.30 -0.47
CA PRO A 107 -8.60 11.67 -0.90
C PRO A 107 -7.12 12.00 -0.73
N ASN A 108 -6.34 11.00 -0.31
CA ASN A 108 -4.91 11.19 -0.11
C ASN A 108 -4.11 10.44 -1.17
N SER A 109 -4.71 9.41 -1.74
CA SER A 109 -4.05 8.60 -2.77
C SER A 109 -4.32 9.18 -4.16
N PRO A 110 -3.43 8.85 -5.10
CA PRO A 110 -2.28 7.99 -4.84
C PRO A 110 -1.23 8.68 -3.98
N PHE A 111 -0.18 7.94 -3.61
CA PHE A 111 0.88 8.47 -2.78
C PHE A 111 2.20 8.51 -3.54
N LYS A 112 3.16 9.25 -3.00
CA LYS A 112 4.48 9.37 -3.63
C LYS A 112 5.59 9.06 -2.63
N VAL A 113 6.24 7.92 -2.80
CA VAL A 113 7.33 7.52 -1.91
C VAL A 113 8.69 7.78 -2.56
N ALA A 114 9.30 8.91 -2.18
CA ALA A 114 10.61 9.27 -2.73
C ALA A 114 11.72 8.50 -2.03
N VAL A 115 12.15 7.40 -2.65
CA VAL A 115 13.22 6.57 -2.10
C VAL A 115 14.59 7.16 -2.40
N THR A 116 15.50 7.05 -1.44
CA THR A 116 16.86 7.56 -1.61
C THR A 116 17.90 6.47 -1.43
N GLU A 117 19.05 6.64 -2.06
CA GLU A 117 20.13 5.65 -1.96
C GLU A 117 20.48 5.38 -0.51
N GLY A 118 20.09 4.20 -0.02
CA GLY A 118 20.38 3.83 1.35
C GLY A 118 21.84 3.51 1.57
N CYS A 119 22.64 4.54 1.81
CA CYS A 119 24.08 4.36 2.03
C CYS A 119 24.33 3.54 3.28
N GLN A 120 25.15 2.50 3.15
CA GLN A 120 25.48 1.63 4.27
C GLN A 120 26.85 0.98 4.08
N PRO A 121 27.57 0.81 5.20
CA PRO A 121 28.91 0.20 5.19
C PRO A 121 28.88 -1.28 4.86
N SER A 122 30.04 -1.85 4.58
CA SER A 122 30.14 -3.26 4.24
C SER A 122 30.02 -4.13 5.49
N SER A 123 28.90 -4.84 5.60
CA SER A 123 28.65 -5.70 6.75
C SER A 123 27.75 -6.87 6.36
N GLY A 124 27.82 -7.95 7.14
CA GLY A 124 27.01 -9.12 6.87
C GLY A 124 26.11 -9.48 8.04
N PRO A 125 24.98 -10.13 7.73
CA PRO A 125 24.00 -10.55 8.75
C PRO A 125 24.52 -11.67 9.61
N SER A 126 25.29 -12.58 9.02
CA SER A 126 25.86 -13.71 9.75
C SER A 126 27.34 -13.86 9.45
N SER A 127 28.17 -13.56 10.45
CA SER A 127 29.61 -13.66 10.30
C SER A 127 29.99 -14.93 9.54
N GLY A 128 30.73 -14.75 8.45
CA GLY A 128 31.15 -15.88 7.64
C GLY A 128 32.55 -15.73 7.10
N GLY A 1 -5.61 10.63 -32.06
CA GLY A 1 -4.80 9.99 -33.07
C GLY A 1 -3.72 9.10 -32.48
N SER A 2 -4.13 8.21 -31.59
CA SER A 2 -3.19 7.29 -30.94
C SER A 2 -3.34 5.88 -31.50
N SER A 3 -2.33 5.04 -31.26
CA SER A 3 -2.35 3.67 -31.74
C SER A 3 -2.02 2.70 -30.60
N GLY A 4 -2.95 1.78 -30.34
CA GLY A 4 -2.75 0.80 -29.29
C GLY A 4 -4.05 0.25 -28.76
N SER A 5 -3.99 -0.43 -27.61
CA SER A 5 -5.17 -1.02 -27.01
C SER A 5 -5.53 -0.31 -25.71
N SER A 6 -6.60 0.49 -25.74
CA SER A 6 -7.04 1.23 -24.57
C SER A 6 -8.48 1.71 -24.75
N GLY A 7 -9.13 2.04 -23.64
CA GLY A 7 -10.50 2.51 -23.69
C GLY A 7 -11.24 2.30 -22.39
N HIS A 8 -12.48 2.75 -22.33
CA HIS A 8 -13.30 2.62 -21.13
C HIS A 8 -14.79 2.58 -21.48
N PHE A 9 -15.52 1.66 -20.85
CA PHE A 9 -16.95 1.52 -21.10
C PHE A 9 -17.71 2.72 -20.55
N PRO A 10 -18.62 3.26 -21.37
CA PRO A 10 -19.44 4.41 -20.99
C PRO A 10 -20.47 4.06 -19.92
N ALA A 11 -20.50 4.86 -18.86
CA ALA A 11 -21.45 4.63 -17.78
C ALA A 11 -22.39 5.83 -17.59
N ARG A 12 -23.60 5.70 -18.12
CA ARG A 12 -24.59 6.77 -18.02
C ARG A 12 -25.38 6.66 -16.72
N VAL A 13 -24.68 6.40 -15.63
CA VAL A 13 -25.31 6.28 -14.32
C VAL A 13 -24.32 6.57 -13.20
N LYS A 14 -24.79 7.26 -12.17
CA LYS A 14 -23.95 7.60 -11.03
C LYS A 14 -24.39 6.85 -9.78
N VAL A 15 -23.48 6.72 -8.81
CA VAL A 15 -23.77 6.03 -7.57
C VAL A 15 -22.83 6.47 -6.46
N GLU A 16 -23.40 7.09 -5.43
CA GLU A 16 -22.61 7.56 -4.30
C GLU A 16 -21.85 6.42 -3.64
N PRO A 17 -20.70 6.75 -3.02
CA PRO A 17 -19.87 5.75 -2.34
C PRO A 17 -20.52 5.21 -1.07
N ALA A 18 -20.42 3.90 -0.88
CA ALA A 18 -21.00 3.26 0.30
C ALA A 18 -20.03 3.30 1.48
N VAL A 19 -19.08 4.22 1.43
CA VAL A 19 -18.08 4.36 2.49
C VAL A 19 -17.58 5.79 2.58
N ASP A 20 -17.17 6.20 3.78
CA ASP A 20 -16.66 7.55 4.00
C ASP A 20 -15.23 7.68 3.50
N THR A 21 -14.34 6.85 4.02
CA THR A 21 -12.94 6.87 3.62
C THR A 21 -12.49 8.29 3.33
N SER A 22 -12.78 9.22 4.24
CA SER A 22 -12.40 10.62 4.07
C SER A 22 -11.58 11.10 5.26
N ARG A 23 -11.43 10.23 6.26
CA ARG A 23 -10.67 10.58 7.46
C ARG A 23 -9.59 9.54 7.72
N ILE A 24 -9.11 8.91 6.65
CA ILE A 24 -8.07 7.89 6.77
C ILE A 24 -6.69 8.53 6.89
N LYS A 25 -5.96 8.18 7.95
CA LYS A 25 -4.63 8.71 8.18
C LYS A 25 -3.58 7.62 8.05
N VAL A 26 -2.58 7.87 7.21
CA VAL A 26 -1.51 6.90 7.00
C VAL A 26 -0.16 7.48 7.41
N PHE A 27 0.51 6.82 8.35
CA PHE A 27 1.80 7.27 8.83
C PHE A 27 2.85 6.16 8.70
N GLY A 28 4.11 6.56 8.65
CA GLY A 28 5.19 5.59 8.53
C GLY A 28 6.13 5.91 7.38
N PRO A 29 7.32 5.29 7.40
CA PRO A 29 8.33 5.50 6.36
C PRO A 29 7.93 4.90 5.02
N GLY A 30 7.27 3.74 5.07
CA GLY A 30 6.83 3.09 3.85
C GLY A 30 6.00 3.99 2.97
N ILE A 31 5.36 4.98 3.58
CA ILE A 31 4.53 5.93 2.85
C ILE A 31 5.16 7.31 2.80
N GLU A 32 5.96 7.62 3.81
CA GLU A 32 6.62 8.92 3.90
C GLU A 32 7.88 8.93 3.03
N GLY A 33 8.73 7.94 3.21
CA GLY A 33 9.97 7.85 2.45
C GLY A 33 11.19 8.13 3.28
N LYS A 34 11.23 7.57 4.49
CA LYS A 34 12.36 7.77 5.39
C LYS A 34 13.36 6.62 5.27
N ASP A 35 12.97 5.45 5.74
CA ASP A 35 13.83 4.27 5.68
C ASP A 35 13.38 3.32 4.58
N VAL A 36 12.83 3.88 3.52
CA VAL A 36 12.35 3.08 2.39
C VAL A 36 13.46 2.86 1.37
N PHE A 37 14.70 3.14 1.78
CA PHE A 37 15.85 2.97 0.89
C PHE A 37 15.74 1.67 0.11
N ARG A 38 16.46 1.59 -1.00
CA ARG A 38 16.46 0.41 -1.84
C ARG A 38 16.80 -0.84 -1.03
N GLU A 39 16.03 -1.91 -1.24
CA GLU A 39 16.25 -3.16 -0.53
C GLU A 39 16.07 -2.97 0.97
N ALA A 40 15.10 -2.14 1.35
CA ALA A 40 14.83 -1.88 2.76
C ALA A 40 13.39 -2.22 3.11
N THR A 41 13.22 -2.95 4.21
CA THR A 41 11.89 -3.36 4.66
C THR A 41 11.16 -2.19 5.32
N THR A 42 10.24 -1.57 4.58
CA THR A 42 9.48 -0.45 5.09
C THR A 42 7.98 -0.72 5.03
N ASP A 43 7.24 -0.21 6.00
CA ASP A 43 5.80 -0.39 6.05
C ASP A 43 5.12 0.79 6.73
N PHE A 44 3.84 0.98 6.43
CA PHE A 44 3.07 2.08 7.00
C PHE A 44 1.85 1.56 7.74
N THR A 45 1.12 2.46 8.39
CA THR A 45 -0.07 2.09 9.14
C THR A 45 -1.28 2.91 8.69
N VAL A 46 -2.38 2.23 8.44
CA VAL A 46 -3.61 2.89 8.00
C VAL A 46 -4.64 2.92 9.11
N ASP A 47 -4.76 4.06 9.80
CA ASP A 47 -5.71 4.22 10.89
C ASP A 47 -7.04 4.74 10.36
N SER A 48 -8.11 4.00 10.62
CA SER A 48 -9.45 4.38 10.17
C SER A 48 -10.42 4.41 11.35
N ARG A 49 -11.12 5.53 11.51
CA ARG A 49 -12.08 5.68 12.59
C ARG A 49 -13.49 5.35 12.10
N PRO A 50 -14.02 6.16 11.19
CA PRO A 50 -15.36 5.97 10.63
C PRO A 50 -15.44 4.74 9.73
N LEU A 51 -14.40 3.92 9.75
CA LEU A 51 -14.35 2.71 8.94
C LEU A 51 -14.39 1.47 9.82
N THR A 52 -13.48 1.39 10.78
CA THR A 52 -13.42 0.26 11.69
C THR A 52 -12.37 0.47 12.77
N GLN A 53 -12.66 0.01 13.98
CA GLN A 53 -11.74 0.16 15.10
C GLN A 53 -11.42 -1.19 15.71
N VAL A 54 -11.74 -2.26 14.99
CA VAL A 54 -11.48 -3.61 15.46
C VAL A 54 -10.64 -4.39 14.46
N GLY A 55 -10.60 -3.92 13.23
CA GLY A 55 -9.83 -4.58 12.19
C GLY A 55 -10.63 -4.80 10.92
N GLY A 56 -10.02 -5.50 9.96
CA GLY A 56 -10.69 -5.77 8.70
C GLY A 56 -9.75 -6.27 7.64
N ASP A 57 -10.31 -6.75 6.52
CA ASP A 57 -9.50 -7.26 5.43
C ASP A 57 -10.00 -6.71 4.09
N HIS A 58 -10.36 -5.43 4.07
CA HIS A 58 -10.85 -4.79 2.86
C HIS A 58 -9.88 -3.73 2.36
N ILE A 59 -8.60 -3.95 2.62
CA ILE A 59 -7.56 -3.01 2.20
C ILE A 59 -6.67 -3.60 1.12
N LYS A 60 -6.30 -2.79 0.14
CA LYS A 60 -5.45 -3.24 -0.96
C LYS A 60 -4.55 -2.11 -1.43
N ALA A 61 -3.32 -2.45 -1.80
CA ALA A 61 -2.36 -1.47 -2.29
C ALA A 61 -1.56 -2.01 -3.46
N HIS A 62 -1.01 -1.11 -4.27
CA HIS A 62 -0.22 -1.50 -5.43
C HIS A 62 0.82 -0.44 -5.77
N ILE A 63 2.09 -0.76 -5.53
CA ILE A 63 3.18 0.16 -5.80
C ILE A 63 3.56 0.15 -7.29
N ALA A 64 3.93 1.31 -7.81
CA ALA A 64 4.32 1.42 -9.21
C ALA A 64 5.66 2.15 -9.34
N ASN A 65 6.68 1.41 -9.78
CA ASN A 65 8.02 1.96 -9.95
C ASN A 65 8.02 3.02 -11.06
N PRO A 66 8.96 3.96 -10.96
CA PRO A 66 9.10 5.04 -11.94
C PRO A 66 9.60 4.55 -13.29
N SER A 67 9.88 3.24 -13.36
CA SER A 67 10.38 2.64 -14.59
C SER A 67 9.28 1.84 -15.29
N GLY A 68 8.32 1.36 -14.50
CA GLY A 68 7.22 0.58 -15.05
C GLY A 68 6.94 -0.67 -14.24
N ALA A 69 7.95 -1.16 -13.53
CA ALA A 69 7.80 -2.36 -12.70
C ALA A 69 6.93 -2.07 -11.48
N SER A 70 6.61 -3.12 -10.74
CA SER A 70 5.77 -2.98 -9.55
C SER A 70 6.29 -3.89 -8.42
N THR A 71 6.27 -3.36 -7.20
CA THR A 71 6.75 -4.11 -6.05
C THR A 71 5.59 -4.82 -5.35
N GLU A 72 5.88 -5.97 -4.75
CA GLU A 72 4.87 -6.74 -4.04
C GLU A 72 4.58 -6.14 -2.67
N CYS A 73 3.30 -5.93 -2.38
CA CYS A 73 2.89 -5.36 -1.10
C CYS A 73 2.32 -6.44 -0.19
N PHE A 74 2.54 -6.28 1.12
CA PHE A 74 2.05 -7.23 2.10
C PHE A 74 1.11 -6.56 3.10
N VAL A 75 -0.18 -6.74 2.89
CA VAL A 75 -1.18 -6.15 3.77
C VAL A 75 -1.40 -7.01 5.01
N THR A 76 -1.29 -6.39 6.18
CA THR A 76 -1.47 -7.09 7.44
C THR A 76 -2.44 -6.34 8.36
N ASP A 77 -3.47 -7.05 8.83
CA ASP A 77 -4.45 -6.45 9.72
C ASP A 77 -4.09 -6.69 11.17
N ASN A 78 -3.90 -5.61 11.92
CA ASN A 78 -3.55 -5.71 13.34
C ASN A 78 -4.79 -6.00 14.19
N ALA A 79 -5.90 -6.33 13.53
CA ALA A 79 -7.14 -6.62 14.21
C ALA A 79 -7.47 -5.56 15.25
N ASP A 80 -6.98 -4.34 15.01
CA ASP A 80 -7.22 -3.22 15.92
C ASP A 80 -7.88 -2.07 15.18
N GLY A 81 -8.40 -2.33 14.00
CA GLY A 81 -9.04 -1.30 13.21
C GLY A 81 -8.10 -0.61 12.25
N THR A 82 -6.83 -1.03 12.26
CA THR A 82 -5.82 -0.45 11.40
C THR A 82 -5.21 -1.51 10.49
N TYR A 83 -4.36 -1.07 9.56
CA TYR A 83 -3.70 -1.97 8.63
C TYR A 83 -2.22 -1.63 8.49
N GLN A 84 -1.42 -2.63 8.15
CA GLN A 84 0.02 -2.43 7.97
C GLN A 84 0.50 -3.05 6.67
N VAL A 85 0.97 -2.21 5.76
CA VAL A 85 1.46 -2.68 4.47
C VAL A 85 2.99 -2.59 4.39
N GLU A 86 3.65 -3.74 4.30
CA GLU A 86 5.10 -3.78 4.23
C GLU A 86 5.56 -4.21 2.84
N TYR A 87 6.56 -3.51 2.31
CA TYR A 87 7.08 -3.81 0.98
C TYR A 87 8.56 -3.45 0.90
N THR A 88 9.27 -4.10 -0.04
CA THR A 88 10.69 -3.85 -0.23
C THR A 88 10.98 -3.38 -1.65
N PRO A 89 11.18 -2.06 -1.80
CA PRO A 89 11.47 -1.45 -3.10
C PRO A 89 12.86 -1.81 -3.62
N PHE A 90 12.90 -2.40 -4.80
CA PHE A 90 14.17 -2.81 -5.41
C PHE A 90 14.66 -1.75 -6.40
N GLU A 91 14.15 -0.54 -6.25
CA GLU A 91 14.53 0.56 -7.14
C GLU A 91 14.49 1.89 -6.41
N LYS A 92 15.55 2.68 -6.56
CA LYS A 92 15.64 3.98 -5.91
C LYS A 92 14.97 5.06 -6.75
N GLY A 93 13.70 5.34 -6.44
CA GLY A 93 12.97 6.36 -7.18
C GLY A 93 11.61 6.65 -6.58
N LEU A 94 10.79 7.39 -7.31
CA LEU A 94 9.46 7.75 -6.84
C LEU A 94 8.40 6.82 -7.43
N HIS A 95 7.74 6.06 -6.57
CA HIS A 95 6.71 5.13 -7.00
C HIS A 95 5.32 5.68 -6.70
N VAL A 96 4.31 5.17 -7.41
CA VAL A 96 2.94 5.61 -7.22
C VAL A 96 2.10 4.52 -6.58
N VAL A 97 1.74 4.73 -5.31
CA VAL A 97 0.92 3.76 -4.58
C VAL A 97 -0.56 4.11 -4.67
N GLU A 98 -1.35 3.16 -5.15
CA GLU A 98 -2.79 3.37 -5.29
C GLU A 98 -3.56 2.54 -4.26
N VAL A 99 -4.19 3.23 -3.30
CA VAL A 99 -4.96 2.56 -2.27
C VAL A 99 -6.46 2.67 -2.54
N THR A 100 -7.20 1.63 -2.17
CA THR A 100 -8.64 1.60 -2.37
C THR A 100 -9.34 0.84 -1.24
N TYR A 101 -10.26 1.51 -0.56
CA TYR A 101 -10.99 0.90 0.54
C TYR A 101 -12.42 0.57 0.12
N ASP A 102 -12.66 -0.70 -0.17
CA ASP A 102 -13.99 -1.16 -0.59
C ASP A 102 -14.37 -0.54 -1.93
N ASP A 103 -13.48 -0.64 -2.90
CA ASP A 103 -13.73 -0.10 -4.23
C ASP A 103 -13.88 1.42 -4.18
N VAL A 104 -13.22 2.03 -3.20
CA VAL A 104 -13.28 3.48 -3.03
C VAL A 104 -11.92 4.05 -2.63
N PRO A 105 -11.34 4.87 -3.52
CA PRO A 105 -10.03 5.48 -3.29
C PRO A 105 -10.09 6.55 -2.20
N ILE A 106 -8.98 6.69 -1.46
CA ILE A 106 -8.90 7.66 -0.38
C ILE A 106 -8.45 9.02 -0.91
N PRO A 107 -8.85 10.09 -0.21
CA PRO A 107 -8.49 11.47 -0.58
C PRO A 107 -7.01 11.76 -0.37
N ASN A 108 -6.26 10.74 0.03
CA ASN A 108 -4.83 10.88 0.26
C ASN A 108 -4.02 10.27 -0.87
N SER A 109 -4.68 9.41 -1.66
CA SER A 109 -4.02 8.76 -2.78
C SER A 109 -4.36 9.44 -4.10
N PRO A 110 -3.55 9.18 -5.13
CA PRO A 110 -2.38 8.31 -5.02
C PRO A 110 -1.28 8.90 -4.17
N PHE A 111 -0.38 8.05 -3.69
CA PHE A 111 0.73 8.49 -2.85
C PHE A 111 2.02 8.57 -3.66
N LYS A 112 3.03 9.21 -3.09
CA LYS A 112 4.33 9.35 -3.75
C LYS A 112 5.47 9.04 -2.79
N VAL A 113 6.13 7.92 -3.00
CA VAL A 113 7.25 7.51 -2.15
C VAL A 113 8.58 7.72 -2.86
N ALA A 114 9.28 8.79 -2.48
CA ALA A 114 10.57 9.11 -3.08
C ALA A 114 11.71 8.43 -2.32
N VAL A 115 12.16 7.29 -2.84
CA VAL A 115 13.25 6.54 -2.22
C VAL A 115 14.59 7.24 -2.42
N THR A 116 15.40 7.29 -1.36
CA THR A 116 16.70 7.93 -1.43
C THR A 116 17.82 6.92 -1.19
N GLU A 117 18.98 7.18 -1.78
CA GLU A 117 20.13 6.29 -1.62
C GLU A 117 20.60 6.26 -0.17
N GLY A 118 20.43 5.11 0.48
CA GLY A 118 20.84 4.98 1.86
C GLY A 118 22.13 4.19 2.01
N CYS A 119 22.07 3.09 2.77
CA CYS A 119 23.23 2.25 2.98
C CYS A 119 23.13 0.96 2.18
N GLN A 120 24.20 0.63 1.47
CA GLN A 120 24.22 -0.59 0.65
C GLN A 120 24.55 -1.80 1.50
N PRO A 121 23.91 -2.94 1.17
CA PRO A 121 24.11 -4.19 1.90
C PRO A 121 25.50 -4.79 1.65
N SER A 122 25.87 -4.89 0.38
CA SER A 122 27.17 -5.44 0.00
C SER A 122 27.57 -6.57 0.95
N SER A 123 26.62 -7.43 1.27
CA SER A 123 26.88 -8.55 2.18
C SER A 123 26.06 -9.77 1.79
N GLY A 124 26.66 -10.95 1.91
CA GLY A 124 25.97 -12.17 1.57
C GLY A 124 25.70 -13.05 2.78
N PRO A 125 24.61 -12.75 3.50
CA PRO A 125 24.21 -13.50 4.69
C PRO A 125 23.72 -14.91 4.35
N SER A 126 24.63 -15.88 4.39
CA SER A 126 24.29 -17.26 4.08
C SER A 126 25.49 -18.18 4.32
N SER A 127 25.21 -19.47 4.48
CA SER A 127 26.26 -20.45 4.72
C SER A 127 27.31 -20.40 3.61
N GLY A 128 28.55 -20.73 3.96
CA GLY A 128 29.63 -20.72 2.99
C GLY A 128 31.00 -20.86 3.63
N GLY A 1 10.10 -17.34 -15.43
CA GLY A 1 8.78 -17.71 -15.92
C GLY A 1 7.66 -16.95 -15.22
N SER A 2 7.31 -15.80 -15.78
CA SER A 2 6.25 -14.97 -15.20
C SER A 2 4.95 -15.76 -15.08
N SER A 3 4.54 -16.39 -16.18
CA SER A 3 3.31 -17.17 -16.20
C SER A 3 2.20 -16.46 -15.42
N GLY A 4 2.10 -15.15 -15.61
CA GLY A 4 1.09 -14.38 -14.92
C GLY A 4 0.20 -13.60 -15.87
N SER A 5 -1.10 -13.66 -15.65
CA SER A 5 -2.07 -12.97 -16.49
C SER A 5 -3.46 -13.02 -15.89
N SER A 6 -4.04 -11.85 -15.64
CA SER A 6 -5.38 -11.76 -15.07
C SER A 6 -5.88 -10.32 -15.08
N GLY A 7 -7.18 -10.16 -14.87
CA GLY A 7 -7.77 -8.83 -14.86
C GLY A 7 -9.28 -8.87 -14.94
N HIS A 8 -9.91 -9.51 -13.95
CA HIS A 8 -11.36 -9.61 -13.91
C HIS A 8 -11.99 -8.26 -13.58
N PHE A 9 -12.40 -7.54 -14.62
CA PHE A 9 -13.03 -6.24 -14.44
C PHE A 9 -14.18 -6.04 -15.42
N PRO A 10 -15.42 -6.08 -14.89
CA PRO A 10 -16.63 -5.92 -15.70
C PRO A 10 -16.78 -4.49 -16.22
N ALA A 11 -17.91 -4.23 -16.89
CA ALA A 11 -18.18 -2.90 -17.44
C ALA A 11 -17.99 -1.83 -16.37
N ARG A 12 -18.14 -0.57 -16.78
CA ARG A 12 -17.98 0.56 -15.88
C ARG A 12 -19.35 1.10 -15.45
N VAL A 13 -19.41 1.63 -14.24
CA VAL A 13 -20.66 2.20 -13.71
C VAL A 13 -20.38 3.33 -12.73
N LYS A 14 -21.26 4.32 -12.71
CA LYS A 14 -21.12 5.47 -11.83
C LYS A 14 -22.22 5.48 -10.77
N VAL A 15 -21.85 5.16 -9.53
CA VAL A 15 -22.80 5.14 -8.43
C VAL A 15 -22.15 5.58 -7.13
N GLU A 16 -22.74 6.57 -6.47
CA GLU A 16 -22.21 7.08 -5.22
C GLU A 16 -21.60 5.96 -4.38
N PRO A 17 -20.51 6.28 -3.68
CA PRO A 17 -19.81 5.31 -2.82
C PRO A 17 -20.63 4.92 -1.59
N ALA A 18 -20.21 3.86 -0.92
CA ALA A 18 -20.89 3.38 0.28
C ALA A 18 -19.99 3.49 1.51
N VAL A 19 -18.95 4.30 1.40
CA VAL A 19 -18.01 4.50 2.50
C VAL A 19 -17.47 5.93 2.52
N ASP A 20 -17.12 6.41 3.71
CA ASP A 20 -16.59 7.75 3.86
C ASP A 20 -15.11 7.81 3.44
N THR A 21 -14.30 6.98 4.08
CA THR A 21 -12.87 6.93 3.79
C THR A 21 -12.35 8.30 3.38
N SER A 22 -12.78 9.33 4.11
CA SER A 22 -12.36 10.70 3.83
C SER A 22 -11.48 11.24 4.96
N ARG A 23 -11.47 10.53 6.08
CA ARG A 23 -10.66 10.94 7.24
C ARG A 23 -9.58 9.91 7.53
N ILE A 24 -9.14 9.21 6.49
CA ILE A 24 -8.10 8.19 6.65
C ILE A 24 -6.71 8.83 6.66
N LYS A 25 -5.96 8.59 7.74
CA LYS A 25 -4.62 9.14 7.87
C LYS A 25 -3.58 8.02 7.87
N VAL A 26 -2.47 8.25 7.19
CA VAL A 26 -1.39 7.27 7.10
C VAL A 26 -0.08 7.87 7.57
N PHE A 27 0.60 7.16 8.48
CA PHE A 27 1.88 7.61 9.01
C PHE A 27 2.92 6.50 8.95
N GLY A 28 4.16 6.86 8.66
CA GLY A 28 5.22 5.89 8.58
C GLY A 28 6.19 6.17 7.44
N PRO A 29 7.34 5.48 7.46
CA PRO A 29 8.36 5.64 6.43
C PRO A 29 7.93 5.08 5.08
N GLY A 30 7.23 3.94 5.12
CA GLY A 30 6.77 3.31 3.89
C GLY A 30 5.94 4.25 3.04
N ILE A 31 5.38 5.28 3.67
CA ILE A 31 4.55 6.24 2.96
C ILE A 31 5.23 7.61 2.91
N GLU A 32 6.11 7.87 3.88
CA GLU A 32 6.83 9.14 3.94
C GLU A 32 8.05 9.12 3.03
N GLY A 33 8.86 8.08 3.17
CA GLY A 33 10.06 7.96 2.35
C GLY A 33 11.33 8.11 3.16
N LYS A 34 11.29 7.68 4.41
CA LYS A 34 12.44 7.77 5.30
C LYS A 34 13.34 6.54 5.15
N ASP A 35 12.84 5.39 5.62
CA ASP A 35 13.59 4.14 5.54
C ASP A 35 13.05 3.26 4.43
N VAL A 36 12.68 3.88 3.31
CA VAL A 36 12.14 3.15 2.16
C VAL A 36 13.23 2.89 1.12
N PHE A 37 14.49 3.01 1.54
CA PHE A 37 15.61 2.80 0.64
C PHE A 37 15.47 1.47 -0.09
N ARG A 38 16.17 1.34 -1.23
CA ARG A 38 16.12 0.14 -2.03
C ARG A 38 16.54 -1.08 -1.21
N GLU A 39 15.86 -2.19 -1.42
CA GLU A 39 16.16 -3.42 -0.70
C GLU A 39 16.01 -3.23 0.81
N ALA A 40 15.06 -2.39 1.20
CA ALA A 40 14.81 -2.11 2.60
C ALA A 40 13.37 -2.44 2.98
N THR A 41 13.20 -3.08 4.14
CA THR A 41 11.88 -3.46 4.61
C THR A 41 11.17 -2.29 5.28
N THR A 42 10.28 -1.64 4.53
CA THR A 42 9.53 -0.49 5.04
C THR A 42 8.03 -0.77 5.01
N ASP A 43 7.32 -0.21 5.97
CA ASP A 43 5.87 -0.38 6.06
C ASP A 43 5.22 0.83 6.72
N PHE A 44 3.97 1.09 6.34
CA PHE A 44 3.23 2.22 6.90
C PHE A 44 2.03 1.74 7.73
N THR A 45 1.37 2.67 8.40
CA THR A 45 0.21 2.35 9.22
C THR A 45 -1.01 3.16 8.82
N VAL A 46 -2.12 2.47 8.58
CA VAL A 46 -3.36 3.13 8.17
C VAL A 46 -4.37 3.13 9.31
N ASP A 47 -4.70 4.32 9.81
CA ASP A 47 -5.66 4.45 10.89
C ASP A 47 -7.06 4.67 10.36
N SER A 48 -8.01 3.84 10.80
CA SER A 48 -9.39 3.95 10.36
C SER A 48 -10.35 3.87 11.54
N ARG A 49 -11.31 4.78 11.58
CA ARG A 49 -12.29 4.81 12.66
C ARG A 49 -13.69 4.49 12.14
N PRO A 50 -14.27 5.43 11.38
CA PRO A 50 -15.61 5.26 10.80
C PRO A 50 -15.64 4.21 9.70
N LEU A 51 -14.53 3.51 9.52
CA LEU A 51 -14.42 2.48 8.50
C LEU A 51 -14.36 1.09 9.13
N THR A 52 -13.44 0.92 10.07
CA THR A 52 -13.26 -0.36 10.75
C THR A 52 -13.11 -0.16 12.25
N GLN A 53 -13.23 -1.25 13.00
CA GLN A 53 -13.10 -1.21 14.46
C GLN A 53 -12.17 -2.30 14.96
N VAL A 54 -12.29 -3.49 14.37
CA VAL A 54 -11.46 -4.62 14.76
C VAL A 54 -10.46 -4.97 13.66
N GLY A 55 -9.91 -3.95 13.01
CA GLY A 55 -8.96 -4.17 11.95
C GLY A 55 -9.60 -4.19 10.57
N GLY A 56 -10.00 -5.38 10.13
CA GLY A 56 -10.62 -5.52 8.83
C GLY A 56 -9.71 -6.18 7.82
N ASP A 57 -10.30 -6.69 6.73
CA ASP A 57 -9.53 -7.35 5.68
C ASP A 57 -9.97 -6.86 4.31
N HIS A 58 -10.29 -5.57 4.21
CA HIS A 58 -10.73 -4.99 2.95
C HIS A 58 -9.75 -3.92 2.47
N ILE A 59 -8.48 -4.09 2.82
CA ILE A 59 -7.44 -3.14 2.43
C ILE A 59 -6.56 -3.70 1.33
N LYS A 60 -6.12 -2.82 0.44
CA LYS A 60 -5.27 -3.23 -0.68
C LYS A 60 -4.31 -2.11 -1.08
N ALA A 61 -3.22 -2.46 -1.75
CA ALA A 61 -2.23 -1.49 -2.19
C ALA A 61 -1.53 -1.96 -3.45
N HIS A 62 -1.06 -1.00 -4.25
CA HIS A 62 -0.36 -1.31 -5.49
C HIS A 62 0.71 -0.26 -5.79
N ILE A 63 1.96 -0.64 -5.62
CA ILE A 63 3.07 0.27 -5.87
C ILE A 63 3.40 0.33 -7.36
N ALA A 64 3.85 1.50 -7.82
CA ALA A 64 4.21 1.68 -9.22
C ALA A 64 5.58 2.34 -9.35
N ASN A 65 6.58 1.55 -9.75
CA ASN A 65 7.93 2.06 -9.92
C ASN A 65 8.00 3.06 -11.07
N PRO A 66 8.93 4.02 -10.96
CA PRO A 66 9.12 5.05 -11.98
C PRO A 66 9.70 4.49 -13.28
N SER A 67 9.96 3.19 -13.28
CA SER A 67 10.53 2.52 -14.46
C SER A 67 9.47 1.69 -15.17
N GLY A 68 8.47 1.25 -14.42
CA GLY A 68 7.41 0.44 -14.99
C GLY A 68 7.07 -0.76 -14.14
N ALA A 69 8.06 -1.26 -13.41
CA ALA A 69 7.86 -2.42 -12.55
C ALA A 69 6.94 -2.09 -11.38
N SER A 70 6.62 -3.10 -10.58
CA SER A 70 5.76 -2.92 -9.43
C SER A 70 6.23 -3.75 -8.24
N THR A 71 6.27 -3.13 -7.07
CA THR A 71 6.71 -3.82 -5.86
C THR A 71 5.54 -4.53 -5.17
N GLU A 72 5.82 -5.67 -4.55
CA GLU A 72 4.80 -6.44 -3.86
C GLU A 72 4.55 -5.88 -2.46
N CYS A 73 3.29 -5.66 -2.13
CA CYS A 73 2.92 -5.13 -0.82
C CYS A 73 2.21 -6.20 0.02
N PHE A 74 2.47 -6.17 1.32
CA PHE A 74 1.86 -7.14 2.23
C PHE A 74 1.03 -6.44 3.31
N VAL A 75 -0.29 -6.45 3.14
CA VAL A 75 -1.19 -5.81 4.10
C VAL A 75 -1.41 -6.70 5.31
N THR A 76 -1.21 -6.12 6.50
CA THR A 76 -1.39 -6.87 7.74
C THR A 76 -2.26 -6.08 8.73
N ASP A 77 -3.41 -6.65 9.08
CA ASP A 77 -4.32 -6.01 10.02
C ASP A 77 -4.00 -6.41 11.45
N ASN A 78 -3.88 -5.42 12.33
CA ASN A 78 -3.58 -5.67 13.73
C ASN A 78 -4.85 -6.04 14.50
N ALA A 79 -5.90 -6.37 13.77
CA ALA A 79 -7.16 -6.75 14.39
C ALA A 79 -7.54 -5.79 15.51
N ASP A 80 -7.14 -4.52 15.36
CA ASP A 80 -7.44 -3.50 16.36
C ASP A 80 -8.16 -2.32 15.73
N GLY A 81 -7.87 -2.06 14.46
CA GLY A 81 -8.49 -0.95 13.76
C GLY A 81 -7.56 -0.31 12.75
N THR A 82 -6.28 -0.64 12.83
CA THR A 82 -5.29 -0.08 11.92
C THR A 82 -4.70 -1.16 11.02
N TYR A 83 -4.11 -0.74 9.90
CA TYR A 83 -3.51 -1.68 8.97
C TYR A 83 -2.00 -1.44 8.86
N GLN A 84 -1.27 -2.49 8.48
CA GLN A 84 0.18 -2.39 8.34
C GLN A 84 0.64 -3.04 7.04
N VAL A 85 1.02 -2.21 6.07
CA VAL A 85 1.48 -2.71 4.78
C VAL A 85 3.00 -2.61 4.67
N GLU A 86 3.64 -3.75 4.43
CA GLU A 86 5.09 -3.79 4.30
C GLU A 86 5.50 -4.18 2.88
N TYR A 87 6.48 -3.46 2.34
CA TYR A 87 6.96 -3.73 0.99
C TYR A 87 8.44 -3.37 0.86
N THR A 88 9.12 -4.03 -0.07
CA THR A 88 10.54 -3.80 -0.30
C THR A 88 10.81 -3.40 -1.74
N PRO A 89 10.97 -2.09 -1.98
CA PRO A 89 11.24 -1.55 -3.32
C PRO A 89 12.63 -1.92 -3.83
N PHE A 90 12.69 -2.53 -4.99
CA PHE A 90 13.96 -2.94 -5.59
C PHE A 90 14.41 -1.92 -6.63
N GLU A 91 14.10 -0.66 -6.40
CA GLU A 91 14.47 0.41 -7.32
C GLU A 91 14.43 1.77 -6.63
N LYS A 92 15.52 2.52 -6.78
CA LYS A 92 15.62 3.84 -6.18
C LYS A 92 14.89 4.89 -7.02
N GLY A 93 13.72 5.30 -6.57
CA GLY A 93 12.94 6.30 -7.30
C GLY A 93 11.62 6.59 -6.64
N LEU A 94 10.81 7.41 -7.30
CA LEU A 94 9.50 7.79 -6.77
C LEU A 94 8.40 6.90 -7.35
N HIS A 95 7.75 6.13 -6.48
CA HIS A 95 6.68 5.22 -6.91
C HIS A 95 5.31 5.81 -6.55
N VAL A 96 4.29 5.33 -7.24
CA VAL A 96 2.93 5.81 -7.00
C VAL A 96 2.08 4.73 -6.31
N VAL A 97 1.80 4.96 -5.03
CA VAL A 97 1.01 4.01 -4.25
C VAL A 97 -0.48 4.36 -4.31
N GLU A 98 -1.28 3.45 -4.84
CA GLU A 98 -2.71 3.66 -4.96
C GLU A 98 -3.48 2.82 -3.94
N VAL A 99 -4.07 3.49 -2.95
CA VAL A 99 -4.84 2.80 -1.92
C VAL A 99 -6.33 2.91 -2.17
N THR A 100 -7.05 1.81 -1.94
CA THR A 100 -8.49 1.78 -2.15
C THR A 100 -9.18 0.97 -1.05
N TYR A 101 -10.03 1.63 -0.28
CA TYR A 101 -10.75 0.98 0.81
C TYR A 101 -12.16 0.58 0.36
N ASP A 102 -12.39 -0.72 0.22
CA ASP A 102 -13.68 -1.23 -0.19
C ASP A 102 -14.04 -0.73 -1.59
N ASP A 103 -13.07 -0.78 -2.50
CA ASP A 103 -13.28 -0.34 -3.87
C ASP A 103 -13.49 1.18 -3.93
N VAL A 104 -12.94 1.88 -2.95
CA VAL A 104 -13.07 3.33 -2.87
C VAL A 104 -11.75 3.98 -2.49
N PRO A 105 -11.22 4.83 -3.38
CA PRO A 105 -9.96 5.53 -3.15
C PRO A 105 -10.07 6.59 -2.06
N ILE A 106 -8.95 6.93 -1.44
CA ILE A 106 -8.93 7.94 -0.39
C ILE A 106 -8.52 9.30 -0.94
N PRO A 107 -8.92 10.37 -0.24
CA PRO A 107 -8.60 11.74 -0.64
C PRO A 107 -7.12 12.07 -0.46
N ASN A 108 -6.34 11.07 -0.04
CA ASN A 108 -4.91 11.25 0.17
C ASN A 108 -4.12 10.63 -0.97
N SER A 109 -4.74 9.70 -1.69
CA SER A 109 -4.09 9.03 -2.81
C SER A 109 -4.42 9.71 -4.13
N PRO A 110 -3.60 9.46 -5.15
CA PRO A 110 -2.44 8.57 -5.03
C PRO A 110 -1.34 9.17 -4.16
N PHE A 111 -0.39 8.34 -3.74
CA PHE A 111 0.72 8.79 -2.91
C PHE A 111 2.02 8.84 -3.70
N LYS A 112 3.03 9.49 -3.14
CA LYS A 112 4.33 9.60 -3.80
C LYS A 112 5.45 9.28 -2.82
N VAL A 113 6.04 8.09 -2.97
CA VAL A 113 7.14 7.67 -2.11
C VAL A 113 8.48 7.83 -2.79
N ALA A 114 9.19 8.90 -2.46
CA ALA A 114 10.49 9.18 -3.05
C ALA A 114 11.59 8.35 -2.38
N VAL A 115 11.84 7.16 -2.92
CA VAL A 115 12.86 6.27 -2.38
C VAL A 115 14.26 6.77 -2.72
N THR A 116 15.22 6.45 -1.86
CA THR A 116 16.60 6.87 -2.07
C THR A 116 17.57 5.77 -1.65
N GLU A 117 18.81 5.88 -2.10
CA GLU A 117 19.85 4.90 -1.76
C GLU A 117 20.66 5.36 -0.56
N GLY A 118 20.39 4.78 0.59
CA GLY A 118 21.11 5.15 1.80
C GLY A 118 21.95 4.00 2.35
N CYS A 119 21.32 2.86 2.54
CA CYS A 119 22.02 1.67 3.06
C CYS A 119 21.46 0.41 2.45
N GLN A 120 22.35 -0.55 2.18
CA GLN A 120 21.94 -1.83 1.59
C GLN A 120 22.92 -2.93 1.96
N PRO A 121 22.39 -4.15 2.16
CA PRO A 121 23.21 -5.32 2.53
C PRO A 121 24.08 -5.79 1.38
N SER A 122 25.16 -6.50 1.70
CA SER A 122 26.08 -7.01 0.70
C SER A 122 26.26 -8.52 0.84
N SER A 123 25.85 -9.25 -0.20
CA SER A 123 25.97 -10.70 -0.18
C SER A 123 27.25 -11.16 -0.88
N GLY A 124 27.64 -12.40 -0.65
CA GLY A 124 28.83 -12.94 -1.26
C GLY A 124 28.58 -14.23 -2.01
N PRO A 125 29.61 -15.09 -2.09
CA PRO A 125 29.52 -16.37 -2.79
C PRO A 125 28.62 -17.37 -2.06
N SER A 126 28.34 -18.49 -2.71
CA SER A 126 27.50 -19.52 -2.12
C SER A 126 28.01 -20.91 -2.47
N SER A 127 28.21 -21.75 -1.45
CA SER A 127 28.70 -23.10 -1.65
C SER A 127 27.55 -24.11 -1.58
N GLY A 128 27.82 -25.34 -2.00
CA GLY A 128 26.81 -26.38 -1.98
C GLY A 128 25.49 -25.92 -2.56
N GLY A 1 -14.64 -41.14 -1.46
CA GLY A 1 -13.57 -40.16 -1.56
C GLY A 1 -13.69 -39.29 -2.79
N SER A 2 -13.57 -37.98 -2.61
CA SER A 2 -13.67 -37.04 -3.71
C SER A 2 -12.92 -35.75 -3.40
N SER A 3 -12.53 -35.03 -4.44
CA SER A 3 -11.80 -33.78 -4.28
C SER A 3 -11.91 -32.92 -5.53
N GLY A 4 -12.08 -31.61 -5.33
CA GLY A 4 -12.21 -30.69 -6.45
C GLY A 4 -13.43 -29.81 -6.35
N SER A 5 -13.23 -28.50 -6.49
CA SER A 5 -14.33 -27.55 -6.41
C SER A 5 -13.85 -26.13 -6.73
N SER A 6 -14.52 -25.48 -7.68
CA SER A 6 -14.17 -24.13 -8.08
C SER A 6 -14.65 -23.11 -7.06
N GLY A 7 -15.94 -23.16 -6.75
CA GLY A 7 -16.51 -22.24 -5.79
C GLY A 7 -16.45 -20.79 -6.26
N HIS A 8 -17.56 -20.30 -6.81
CA HIS A 8 -17.62 -18.93 -7.31
C HIS A 8 -19.03 -18.36 -7.16
N PHE A 9 -19.14 -17.05 -7.21
CA PHE A 9 -20.43 -16.38 -7.08
C PHE A 9 -20.37 -14.96 -7.64
N PRO A 10 -21.02 -14.75 -8.80
CA PRO A 10 -21.05 -13.45 -9.46
C PRO A 10 -21.89 -12.43 -8.69
N ALA A 11 -21.86 -11.18 -9.15
CA ALA A 11 -22.62 -10.12 -8.50
C ALA A 11 -22.52 -8.82 -9.29
N ARG A 12 -23.65 -8.16 -9.48
CA ARG A 12 -23.69 -6.89 -10.23
C ARG A 12 -24.17 -5.75 -9.33
N VAL A 13 -23.22 -5.11 -8.64
CA VAL A 13 -23.53 -4.00 -7.76
C VAL A 13 -23.28 -2.66 -8.45
N LYS A 14 -24.27 -1.79 -8.40
CA LYS A 14 -24.17 -0.46 -9.01
C LYS A 14 -22.81 0.16 -8.71
N VAL A 15 -22.48 1.23 -9.43
CA VAL A 15 -21.22 1.92 -9.23
C VAL A 15 -21.38 3.12 -8.29
N GLU A 16 -21.30 2.85 -6.99
CA GLU A 16 -21.43 3.90 -5.99
C GLU A 16 -20.66 3.55 -4.72
N PRO A 17 -20.00 4.55 -4.13
CA PRO A 17 -19.22 4.37 -2.91
C PRO A 17 -20.09 4.11 -1.69
N ALA A 18 -19.59 3.28 -0.78
CA ALA A 18 -20.33 2.95 0.45
C ALA A 18 -19.50 3.25 1.68
N VAL A 19 -18.48 4.09 1.52
CA VAL A 19 -17.61 4.46 2.64
C VAL A 19 -17.23 5.94 2.57
N ASP A 20 -16.86 6.49 3.72
CA ASP A 20 -16.46 7.89 3.80
C ASP A 20 -15.02 8.08 3.35
N THR A 21 -14.11 7.31 3.94
CA THR A 21 -12.70 7.40 3.60
C THR A 21 -12.29 8.83 3.28
N SER A 22 -12.63 9.74 4.19
CA SER A 22 -12.30 11.15 4.00
C SER A 22 -11.48 11.68 5.17
N ARG A 23 -11.28 10.83 6.18
CA ARG A 23 -10.51 11.21 7.36
C ARG A 23 -9.45 10.15 7.68
N ILE A 24 -9.03 9.42 6.65
CA ILE A 24 -8.03 8.38 6.82
C ILE A 24 -6.62 8.97 6.82
N LYS A 25 -5.90 8.74 7.91
CA LYS A 25 -4.54 9.24 8.05
C LYS A 25 -3.52 8.11 8.03
N VAL A 26 -2.40 8.33 7.35
CA VAL A 26 -1.36 7.32 7.26
C VAL A 26 -0.01 7.88 7.72
N PHE A 27 0.65 7.12 8.60
CA PHE A 27 1.94 7.54 9.13
C PHE A 27 2.96 6.41 9.02
N GLY A 28 4.20 6.76 8.68
CA GLY A 28 5.25 5.77 8.55
C GLY A 28 6.15 6.03 7.36
N PRO A 29 7.32 5.37 7.33
CA PRO A 29 8.29 5.51 6.25
C PRO A 29 7.80 4.91 4.94
N GLY A 30 7.14 3.76 5.03
CA GLY A 30 6.63 3.09 3.85
C GLY A 30 5.74 4.00 3.02
N ILE A 31 5.19 5.03 3.64
CA ILE A 31 4.33 5.97 2.95
C ILE A 31 4.94 7.37 2.91
N GLU A 32 5.86 7.62 3.84
CA GLU A 32 6.53 8.92 3.91
C GLU A 32 7.77 8.94 3.01
N GLY A 33 8.63 7.93 3.16
CA GLY A 33 9.83 7.86 2.35
C GLY A 33 11.08 8.14 3.17
N LYS A 34 11.19 7.50 4.32
CA LYS A 34 12.35 7.67 5.19
C LYS A 34 13.34 6.53 5.02
N ASP A 35 12.95 5.35 5.49
CA ASP A 35 13.81 4.17 5.39
C ASP A 35 13.28 3.21 4.32
N VAL A 36 12.70 3.77 3.27
CA VAL A 36 12.16 2.98 2.17
C VAL A 36 13.21 2.72 1.11
N PHE A 37 14.47 3.01 1.44
CA PHE A 37 15.57 2.82 0.51
C PHE A 37 15.42 1.51 -0.25
N ARG A 38 16.08 1.40 -1.39
CA ARG A 38 16.02 0.20 -2.22
C ARG A 38 16.44 -1.03 -1.42
N GLU A 39 15.72 -2.13 -1.61
CA GLU A 39 16.02 -3.37 -0.91
C GLU A 39 15.90 -3.18 0.60
N ALA A 40 14.91 -2.41 1.02
CA ALA A 40 14.70 -2.15 2.44
C ALA A 40 13.26 -2.48 2.84
N THR A 41 13.10 -3.09 4.00
CA THR A 41 11.79 -3.47 4.50
C THR A 41 11.10 -2.29 5.18
N THR A 42 10.16 -1.67 4.48
CA THR A 42 9.44 -0.53 5.00
C THR A 42 7.93 -0.77 4.98
N ASP A 43 7.23 -0.23 5.97
CA ASP A 43 5.78 -0.40 6.06
C ASP A 43 5.14 0.81 6.75
N PHE A 44 3.86 1.02 6.47
CA PHE A 44 3.13 2.14 7.05
C PHE A 44 1.92 1.65 7.84
N THR A 45 1.25 2.58 8.53
CA THR A 45 0.08 2.24 9.32
C THR A 45 -1.11 3.11 8.95
N VAL A 46 -2.26 2.49 8.70
CA VAL A 46 -3.47 3.21 8.34
C VAL A 46 -4.44 3.30 9.52
N ASP A 47 -4.80 4.52 9.89
CA ASP A 47 -5.72 4.74 11.00
C ASP A 47 -7.13 5.01 10.49
N SER A 48 -8.06 4.13 10.84
CA SER A 48 -9.45 4.28 10.41
C SER A 48 -10.40 4.13 11.60
N ARG A 49 -11.28 5.12 11.75
CA ARG A 49 -12.24 5.10 12.85
C ARG A 49 -13.65 4.78 12.33
N PRO A 50 -14.26 5.74 11.62
CA PRO A 50 -15.60 5.59 11.06
C PRO A 50 -15.64 4.58 9.91
N LEU A 51 -14.58 3.79 9.79
CA LEU A 51 -14.49 2.78 8.74
C LEU A 51 -14.40 1.38 9.33
N THR A 52 -13.51 1.21 10.31
CA THR A 52 -13.33 -0.08 10.96
C THR A 52 -13.30 0.06 12.48
N GLN A 53 -13.37 -1.07 13.18
CA GLN A 53 -13.34 -1.05 14.64
C GLN A 53 -12.38 -2.11 15.17
N VAL A 54 -12.39 -3.29 14.55
CA VAL A 54 -11.52 -4.38 14.96
C VAL A 54 -10.74 -4.94 13.78
N GLY A 55 -10.28 -4.05 12.90
CA GLY A 55 -9.52 -4.47 11.74
C GLY A 55 -10.41 -4.96 10.62
N GLY A 56 -9.82 -5.17 9.45
CA GLY A 56 -10.58 -5.64 8.31
C GLY A 56 -9.69 -6.17 7.19
N ASP A 57 -10.31 -6.80 6.20
CA ASP A 57 -9.57 -7.36 5.08
C ASP A 57 -10.03 -6.73 3.76
N HIS A 58 -10.27 -5.42 3.78
CA HIS A 58 -10.71 -4.71 2.59
C HIS A 58 -9.68 -3.66 2.17
N ILE A 59 -8.43 -3.89 2.54
CA ILE A 59 -7.35 -2.96 2.20
C ILE A 59 -6.45 -3.54 1.11
N LYS A 60 -6.11 -2.72 0.14
CA LYS A 60 -5.25 -3.14 -0.96
C LYS A 60 -4.40 -1.98 -1.47
N ALA A 61 -3.14 -2.27 -1.77
CA ALA A 61 -2.22 -1.25 -2.27
C ALA A 61 -1.52 -1.71 -3.55
N HIS A 62 -1.04 -0.76 -4.33
CA HIS A 62 -0.35 -1.07 -5.58
C HIS A 62 0.72 -0.04 -5.87
N ILE A 63 1.99 -0.44 -5.71
CA ILE A 63 3.11 0.45 -5.96
C ILE A 63 3.47 0.48 -7.44
N ALA A 64 3.87 1.66 -7.92
CA ALA A 64 4.25 1.82 -9.32
C ALA A 64 5.60 2.50 -9.44
N ASN A 65 6.63 1.72 -9.72
CA ASN A 65 7.98 2.26 -9.87
C ASN A 65 8.07 3.20 -11.06
N PRO A 66 9.05 4.12 -11.01
CA PRO A 66 9.25 5.10 -12.08
C PRO A 66 9.78 4.47 -13.36
N SER A 67 9.99 3.16 -13.32
CA SER A 67 10.49 2.42 -14.48
C SER A 67 9.37 1.64 -15.15
N GLY A 68 8.33 1.32 -14.38
CA GLY A 68 7.22 0.57 -14.92
C GLY A 68 6.89 -0.66 -14.09
N ALA A 69 7.88 -1.17 -13.39
CA ALA A 69 7.69 -2.36 -12.55
C ALA A 69 6.74 -2.07 -11.40
N SER A 70 6.43 -3.09 -10.62
CA SER A 70 5.52 -2.95 -9.49
C SER A 70 5.98 -3.80 -8.31
N THR A 71 6.06 -3.18 -7.13
CA THR A 71 6.49 -3.87 -5.93
C THR A 71 5.30 -4.48 -5.19
N GLU A 72 5.39 -5.77 -4.89
CA GLU A 72 4.32 -6.47 -4.19
C GLU A 72 4.01 -5.78 -2.85
N CYS A 73 2.78 -5.94 -2.39
CA CYS A 73 2.35 -5.33 -1.14
C CYS A 73 1.89 -6.40 -0.15
N PHE A 74 2.19 -6.20 1.13
CA PHE A 74 1.82 -7.14 2.17
C PHE A 74 0.94 -6.47 3.22
N VAL A 75 -0.37 -6.65 3.08
CA VAL A 75 -1.33 -6.06 4.01
C VAL A 75 -1.40 -6.88 5.30
N THR A 76 -1.27 -6.21 6.43
CA THR A 76 -1.32 -6.86 7.73
C THR A 76 -2.19 -6.07 8.71
N ASP A 77 -3.38 -6.61 9.00
CA ASP A 77 -4.30 -5.95 9.92
C ASP A 77 -4.05 -6.41 11.35
N ASN A 78 -3.94 -5.45 12.27
CA ASN A 78 -3.70 -5.77 13.67
C ASN A 78 -5.01 -6.10 14.39
N ALA A 79 -6.02 -6.46 13.61
CA ALA A 79 -7.32 -6.81 14.18
C ALA A 79 -7.69 -5.87 15.32
N ASP A 80 -7.21 -4.64 15.24
CA ASP A 80 -7.49 -3.64 16.27
C ASP A 80 -8.25 -2.45 15.69
N GLY A 81 -8.00 -2.17 14.41
CA GLY A 81 -8.67 -1.06 13.76
C GLY A 81 -7.79 -0.42 12.70
N THR A 82 -6.50 -0.66 12.76
CA THR A 82 -5.56 -0.10 11.80
C THR A 82 -4.97 -1.18 10.90
N TYR A 83 -4.31 -0.76 9.82
CA TYR A 83 -3.71 -1.70 8.89
C TYR A 83 -2.21 -1.42 8.74
N GLN A 84 -1.45 -2.49 8.50
CA GLN A 84 0.00 -2.37 8.33
C GLN A 84 0.45 -3.02 7.03
N VAL A 85 0.84 -2.18 6.07
CA VAL A 85 1.30 -2.68 4.77
C VAL A 85 2.81 -2.59 4.66
N GLU A 86 3.44 -3.74 4.41
CA GLU A 86 4.89 -3.80 4.28
C GLU A 86 5.30 -4.19 2.86
N TYR A 87 6.29 -3.49 2.31
CA TYR A 87 6.77 -3.76 0.97
C TYR A 87 8.24 -3.41 0.83
N THR A 88 8.94 -4.10 -0.06
CA THR A 88 10.35 -3.86 -0.29
C THR A 88 10.62 -3.48 -1.74
N PRO A 89 10.80 -2.17 -1.99
CA PRO A 89 11.06 -1.64 -3.33
C PRO A 89 12.44 -2.02 -3.84
N PHE A 90 12.49 -2.65 -5.01
CA PHE A 90 13.75 -3.06 -5.61
C PHE A 90 14.21 -2.06 -6.67
N GLU A 91 13.92 -0.79 -6.43
CA GLU A 91 14.30 0.28 -7.36
C GLU A 91 14.36 1.63 -6.66
N LYS A 92 15.46 2.35 -6.86
CA LYS A 92 15.63 3.66 -6.24
C LYS A 92 14.93 4.74 -7.06
N GLY A 93 13.77 5.18 -6.58
CA GLY A 93 13.02 6.21 -7.28
C GLY A 93 11.69 6.50 -6.63
N LEU A 94 10.90 7.35 -7.27
CA LEU A 94 9.59 7.72 -6.74
C LEU A 94 8.50 6.84 -7.36
N HIS A 95 7.77 6.13 -6.50
CA HIS A 95 6.70 5.25 -6.95
C HIS A 95 5.34 5.84 -6.60
N VAL A 96 4.30 5.40 -7.32
CA VAL A 96 2.95 5.88 -7.08
C VAL A 96 2.10 4.81 -6.41
N VAL A 97 1.82 5.01 -5.12
CA VAL A 97 1.01 4.07 -4.37
C VAL A 97 -0.46 4.46 -4.38
N GLU A 98 -1.31 3.60 -4.94
CA GLU A 98 -2.73 3.86 -5.01
C GLU A 98 -3.49 3.03 -3.98
N VAL A 99 -4.02 3.70 -2.95
CA VAL A 99 -4.77 3.03 -1.90
C VAL A 99 -6.27 3.15 -2.14
N THR A 100 -6.98 2.04 -1.96
CA THR A 100 -8.43 2.02 -2.15
C THR A 100 -9.12 1.24 -1.05
N TYR A 101 -9.99 1.90 -0.30
CA TYR A 101 -10.71 1.27 0.79
C TYR A 101 -12.16 0.98 0.39
N ASP A 102 -12.53 -0.30 0.38
CA ASP A 102 -13.88 -0.70 0.01
C ASP A 102 -14.24 -0.20 -1.39
N ASP A 103 -13.32 -0.38 -2.33
CA ASP A 103 -13.55 0.06 -3.70
C ASP A 103 -13.69 1.58 -3.77
N VAL A 104 -13.04 2.27 -2.84
CA VAL A 104 -13.09 3.73 -2.79
C VAL A 104 -11.74 4.32 -2.39
N PRO A 105 -11.18 5.16 -3.27
CA PRO A 105 -9.89 5.81 -3.02
C PRO A 105 -9.96 6.86 -1.92
N ILE A 106 -8.82 7.17 -1.33
CA ILE A 106 -8.75 8.17 -0.26
C ILE A 106 -8.26 9.50 -0.78
N PRO A 107 -8.62 10.59 -0.08
CA PRO A 107 -8.22 11.95 -0.46
C PRO A 107 -6.73 12.19 -0.24
N ASN A 108 -6.02 11.14 0.17
CA ASN A 108 -4.59 11.25 0.42
C ASN A 108 -3.80 10.58 -0.70
N SER A 109 -4.49 9.75 -1.49
CA SER A 109 -3.85 9.04 -2.59
C SER A 109 -4.18 9.71 -3.93
N PRO A 110 -3.36 9.41 -4.95
CA PRO A 110 -2.22 8.50 -4.81
C PRO A 110 -1.10 9.11 -3.96
N PHE A 111 -0.18 8.26 -3.52
CA PHE A 111 0.94 8.71 -2.70
C PHE A 111 2.23 8.75 -3.51
N LYS A 112 3.25 9.41 -2.97
CA LYS A 112 4.53 9.51 -3.64
C LYS A 112 5.68 9.16 -2.69
N VAL A 113 6.28 8.00 -2.92
CA VAL A 113 7.40 7.55 -2.08
C VAL A 113 8.73 7.74 -2.80
N ALA A 114 9.42 8.83 -2.47
CA ALA A 114 10.71 9.12 -3.07
C ALA A 114 11.83 8.37 -2.38
N VAL A 115 12.14 7.17 -2.87
CA VAL A 115 13.19 6.35 -2.29
C VAL A 115 14.57 6.91 -2.62
N THR A 116 15.45 6.95 -1.61
CA THR A 116 16.79 7.46 -1.80
C THR A 116 17.83 6.37 -1.54
N GLU A 117 19.04 6.59 -2.04
CA GLU A 117 20.13 5.63 -1.87
C GLU A 117 20.39 5.36 -0.39
N GLY A 118 20.05 4.16 0.07
CA GLY A 118 20.26 3.81 1.46
C GLY A 118 21.25 2.67 1.62
N CYS A 119 20.73 1.46 1.79
CA CYS A 119 21.56 0.28 1.97
C CYS A 119 21.32 -0.73 0.85
N GLN A 120 22.38 -1.41 0.44
CA GLN A 120 22.29 -2.41 -0.62
C GLN A 120 23.03 -3.68 -0.25
N PRO A 121 22.32 -4.82 -0.27
CA PRO A 121 22.90 -6.13 0.06
C PRO A 121 23.90 -6.61 -0.99
N SER A 122 24.94 -7.29 -0.53
CA SER A 122 25.97 -7.80 -1.44
C SER A 122 25.77 -9.29 -1.70
N SER A 123 25.51 -9.64 -2.96
CA SER A 123 25.30 -11.02 -3.34
C SER A 123 26.09 -11.37 -4.60
N GLY A 124 26.08 -12.65 -4.96
CA GLY A 124 26.80 -13.10 -6.14
C GLY A 124 25.89 -13.65 -7.21
N PRO A 125 26.48 -14.17 -8.30
CA PRO A 125 25.73 -14.74 -9.41
C PRO A 125 25.07 -16.07 -9.04
N SER A 126 23.75 -16.13 -9.18
CA SER A 126 23.00 -17.34 -8.85
C SER A 126 23.13 -18.37 -9.97
N SER A 127 22.79 -17.96 -11.19
CA SER A 127 22.86 -18.85 -12.35
C SER A 127 24.24 -18.80 -12.99
N GLY A 128 25.10 -19.75 -12.62
CA GLY A 128 26.43 -19.79 -13.16
C GLY A 128 27.28 -20.88 -12.53
N GLY A 1 -5.94 -22.46 5.65
CA GLY A 1 -6.15 -21.39 4.70
C GLY A 1 -7.23 -21.72 3.69
N SER A 2 -8.48 -21.45 4.05
CA SER A 2 -9.61 -21.72 3.18
C SER A 2 -10.71 -20.68 3.37
N SER A 3 -11.44 -20.39 2.29
CA SER A 3 -12.51 -19.41 2.33
C SER A 3 -13.37 -19.50 1.07
N GLY A 4 -14.65 -19.15 1.21
CA GLY A 4 -15.56 -19.20 0.09
C GLY A 4 -17.00 -18.95 0.49
N SER A 5 -17.54 -17.81 0.09
CA SER A 5 -18.91 -17.44 0.41
C SER A 5 -19.45 -16.42 -0.58
N SER A 6 -20.41 -16.85 -1.40
CA SER A 6 -21.01 -15.98 -2.40
C SER A 6 -22.51 -16.24 -2.51
N GLY A 7 -23.22 -15.30 -3.14
CA GLY A 7 -24.65 -15.44 -3.30
C GLY A 7 -25.39 -14.14 -3.05
N HIS A 8 -25.95 -13.57 -4.10
CA HIS A 8 -26.68 -12.31 -4.00
C HIS A 8 -27.78 -12.23 -5.04
N PHE A 9 -28.97 -11.80 -4.63
CA PHE A 9 -30.10 -11.67 -5.53
C PHE A 9 -29.78 -10.73 -6.69
N PRO A 10 -30.27 -11.07 -7.88
CA PRO A 10 -30.06 -10.26 -9.09
C PRO A 10 -30.81 -8.94 -9.05
N ALA A 11 -30.13 -7.86 -9.44
CA ALA A 11 -30.73 -6.53 -9.45
C ALA A 11 -29.80 -5.51 -10.07
N ARG A 12 -30.38 -4.53 -10.77
CA ARG A 12 -29.59 -3.49 -11.42
C ARG A 12 -29.83 -2.14 -10.74
N VAL A 13 -29.04 -1.85 -9.71
CA VAL A 13 -29.15 -0.59 -8.98
C VAL A 13 -28.04 0.37 -9.37
N LYS A 14 -28.26 1.66 -9.10
CA LYS A 14 -27.27 2.68 -9.42
C LYS A 14 -26.05 2.57 -8.51
N VAL A 15 -24.87 2.51 -9.11
CA VAL A 15 -23.64 2.41 -8.35
C VAL A 15 -23.53 3.52 -7.31
N GLU A 16 -23.27 3.14 -6.07
CA GLU A 16 -23.15 4.11 -4.98
C GLU A 16 -22.16 3.63 -3.94
N PRO A 17 -21.32 4.55 -3.43
CA PRO A 17 -20.31 4.24 -2.42
C PRO A 17 -20.94 3.93 -1.06
N ALA A 18 -20.35 2.96 -0.35
CA ALA A 18 -20.85 2.57 0.95
C ALA A 18 -19.82 2.84 2.04
N VAL A 19 -18.86 3.71 1.73
CA VAL A 19 -17.81 4.06 2.68
C VAL A 19 -17.51 5.56 2.66
N ASP A 20 -17.08 6.09 3.79
CA ASP A 20 -16.77 7.51 3.90
C ASP A 20 -15.43 7.82 3.22
N THR A 21 -14.37 7.20 3.72
CA THR A 21 -13.03 7.42 3.18
C THR A 21 -12.74 8.90 2.99
N SER A 22 -13.01 9.68 4.03
CA SER A 22 -12.78 11.13 3.98
C SER A 22 -11.90 11.58 5.14
N ARG A 23 -11.73 10.69 6.12
CA ARG A 23 -10.91 10.99 7.29
C ARG A 23 -9.80 9.96 7.45
N ILE A 24 -9.30 9.45 6.34
CA ILE A 24 -8.24 8.45 6.36
C ILE A 24 -6.86 9.11 6.43
N LYS A 25 -5.96 8.52 7.22
CA LYS A 25 -4.61 9.04 7.36
C LYS A 25 -3.61 7.91 7.50
N VAL A 26 -2.43 8.10 6.91
CA VAL A 26 -1.37 7.10 6.97
C VAL A 26 -0.05 7.71 7.40
N PHE A 27 0.66 7.03 8.29
CA PHE A 27 1.94 7.50 8.79
C PHE A 27 2.99 6.40 8.75
N GLY A 28 4.25 6.78 8.57
CA GLY A 28 5.32 5.81 8.52
C GLY A 28 6.28 6.05 7.36
N PRO A 29 7.42 5.34 7.37
CA PRO A 29 8.44 5.47 6.33
C PRO A 29 7.97 4.90 5.00
N GLY A 30 7.17 3.83 5.05
CA GLY A 30 6.68 3.21 3.84
C GLY A 30 5.87 4.17 3.00
N ILE A 31 5.30 5.18 3.63
CA ILE A 31 4.49 6.17 2.92
C ILE A 31 5.17 7.53 2.92
N GLU A 32 6.07 7.74 3.88
CA GLU A 32 6.79 9.00 3.99
C GLU A 32 8.03 9.00 3.11
N GLY A 33 8.81 7.92 3.19
CA GLY A 33 10.02 7.81 2.40
C GLY A 33 11.26 8.08 3.21
N LYS A 34 11.38 7.43 4.36
CA LYS A 34 12.53 7.60 5.24
C LYS A 34 13.54 6.48 5.02
N ASP A 35 13.19 5.28 5.46
CA ASP A 35 14.07 4.12 5.31
C ASP A 35 13.56 3.18 4.22
N VAL A 36 12.87 3.75 3.25
CA VAL A 36 12.33 2.97 2.14
C VAL A 36 13.40 2.67 1.10
N PHE A 37 14.66 2.91 1.46
CA PHE A 37 15.78 2.66 0.56
C PHE A 37 15.62 1.32 -0.14
N ARG A 38 16.15 1.24 -1.36
CA ARG A 38 16.08 0.01 -2.15
C ARG A 38 16.50 -1.20 -1.32
N GLU A 39 15.74 -2.28 -1.42
CA GLU A 39 16.04 -3.50 -0.68
C GLU A 39 15.85 -3.28 0.82
N ALA A 40 15.02 -2.31 1.17
CA ALA A 40 14.74 -2.00 2.57
C ALA A 40 13.31 -2.35 2.94
N THR A 41 13.15 -3.09 4.03
CA THR A 41 11.83 -3.48 4.51
C THR A 41 11.10 -2.31 5.17
N THR A 42 10.22 -1.66 4.41
CA THR A 42 9.47 -0.53 4.93
C THR A 42 7.97 -0.81 4.90
N ASP A 43 7.27 -0.32 5.92
CA ASP A 43 5.82 -0.52 6.02
C ASP A 43 5.16 0.67 6.71
N PHE A 44 3.90 0.92 6.36
CA PHE A 44 3.15 2.03 6.94
C PHE A 44 1.93 1.52 7.69
N THR A 45 1.26 2.42 8.41
CA THR A 45 0.07 2.06 9.16
C THR A 45 -1.12 2.92 8.76
N VAL A 46 -2.25 2.27 8.48
CA VAL A 46 -3.46 2.97 8.07
C VAL A 46 -4.45 3.06 9.23
N ASP A 47 -4.71 4.29 9.67
CA ASP A 47 -5.64 4.52 10.77
C ASP A 47 -7.07 4.69 10.25
N SER A 48 -8.00 3.90 10.79
CA SER A 48 -9.39 3.96 10.37
C SER A 48 -10.31 3.99 11.58
N ARG A 49 -11.20 4.98 11.61
CA ARG A 49 -12.15 5.12 12.71
C ARG A 49 -13.57 4.85 12.25
N PRO A 50 -14.14 5.79 11.47
CA PRO A 50 -15.50 5.67 10.95
C PRO A 50 -15.62 4.58 9.89
N LEU A 51 -14.51 3.90 9.62
CA LEU A 51 -14.50 2.83 8.63
C LEU A 51 -14.48 1.46 9.31
N THR A 52 -13.64 1.32 10.32
CA THR A 52 -13.53 0.06 11.04
C THR A 52 -13.11 0.30 12.49
N GLN A 53 -13.59 -0.56 13.39
CA GLN A 53 -13.26 -0.45 14.81
C GLN A 53 -12.39 -1.61 15.26
N VAL A 54 -12.72 -2.81 14.78
CA VAL A 54 -11.97 -4.00 15.13
C VAL A 54 -11.43 -4.71 13.89
N GLY A 55 -11.00 -3.93 12.91
CA GLY A 55 -10.48 -4.50 11.68
C GLY A 55 -11.55 -4.75 10.65
N GLY A 56 -11.15 -4.88 9.39
CA GLY A 56 -12.10 -5.13 8.32
C GLY A 56 -11.54 -6.03 7.25
N ASP A 57 -10.25 -5.92 6.99
CA ASP A 57 -9.59 -6.75 5.98
C ASP A 57 -10.05 -6.34 4.59
N HIS A 58 -10.20 -5.04 4.37
CA HIS A 58 -10.64 -4.53 3.08
C HIS A 58 -9.68 -3.46 2.56
N ILE A 59 -8.42 -3.56 2.97
CA ILE A 59 -7.40 -2.60 2.56
C ILE A 59 -6.67 -3.09 1.31
N LYS A 60 -6.30 -2.15 0.44
CA LYS A 60 -5.59 -2.48 -0.79
C LYS A 60 -4.35 -1.60 -0.94
N ALA A 61 -3.48 -1.98 -1.89
CA ALA A 61 -2.26 -1.22 -2.14
C ALA A 61 -1.63 -1.64 -3.46
N HIS A 62 -1.10 -0.67 -4.20
CA HIS A 62 -0.45 -0.94 -5.48
C HIS A 62 0.69 0.03 -5.73
N ILE A 63 1.91 -0.48 -5.74
CA ILE A 63 3.09 0.35 -5.97
C ILE A 63 3.46 0.38 -7.45
N ALA A 64 3.93 1.53 -7.91
CA ALA A 64 4.31 1.70 -9.30
C ALA A 64 5.68 2.37 -9.42
N ASN A 65 6.65 1.63 -9.93
CA ASN A 65 8.01 2.14 -10.09
C ASN A 65 8.07 3.12 -11.26
N PRO A 66 9.03 4.07 -11.19
CA PRO A 66 9.23 5.09 -12.23
C PRO A 66 9.77 4.49 -13.51
N SER A 67 10.02 3.19 -13.51
CA SER A 67 10.55 2.50 -14.67
C SER A 67 9.48 1.63 -15.34
N GLY A 68 8.45 1.29 -14.57
CA GLY A 68 7.38 0.47 -15.09
C GLY A 68 7.11 -0.76 -14.24
N ALA A 69 8.14 -1.24 -13.56
CA ALA A 69 8.01 -2.40 -12.70
C ALA A 69 7.04 -2.14 -11.55
N SER A 70 6.70 -3.19 -10.81
CA SER A 70 5.77 -3.07 -9.68
C SER A 70 6.32 -3.81 -8.47
N THR A 71 6.28 -3.15 -7.32
CA THR A 71 6.76 -3.74 -6.07
C THR A 71 5.66 -4.54 -5.38
N GLU A 72 6.04 -5.64 -4.75
CA GLU A 72 5.10 -6.49 -4.05
C GLU A 72 4.82 -5.96 -2.64
N CYS A 73 3.54 -5.77 -2.33
CA CYS A 73 3.16 -5.27 -1.01
C CYS A 73 2.37 -6.32 -0.24
N PHE A 74 2.36 -6.19 1.09
CA PHE A 74 1.66 -7.14 1.93
C PHE A 74 0.85 -6.41 3.00
N VAL A 75 -0.47 -6.38 2.82
CA VAL A 75 -1.36 -5.71 3.77
C VAL A 75 -1.78 -6.65 4.89
N THR A 76 -1.69 -6.19 6.13
CA THR A 76 -2.06 -6.99 7.28
C THR A 76 -2.92 -6.19 8.25
N ASP A 77 -4.05 -6.77 8.66
CA ASP A 77 -4.96 -6.11 9.58
C ASP A 77 -4.67 -6.54 11.01
N ASN A 78 -4.54 -5.56 11.91
CA ASN A 78 -4.26 -5.84 13.31
C ASN A 78 -5.56 -6.10 14.08
N ALA A 79 -6.65 -6.27 13.34
CA ALA A 79 -7.95 -6.52 13.95
C ALA A 79 -8.17 -5.62 15.16
N ASP A 80 -7.58 -4.44 15.13
CA ASP A 80 -7.71 -3.49 16.23
C ASP A 80 -8.29 -2.16 15.74
N GLY A 81 -8.36 -2.01 14.42
CA GLY A 81 -8.89 -0.79 13.84
C GLY A 81 -7.92 -0.13 12.89
N THR A 82 -6.77 -0.78 12.66
CA THR A 82 -5.76 -0.24 11.76
C THR A 82 -5.13 -1.35 10.93
N TYR A 83 -4.39 -0.96 9.90
CA TYR A 83 -3.74 -1.92 9.01
C TYR A 83 -2.24 -1.64 8.92
N GLN A 84 -1.49 -2.61 8.41
CA GLN A 84 -0.05 -2.47 8.26
C GLN A 84 0.42 -3.06 6.94
N VAL A 85 0.85 -2.21 6.02
CA VAL A 85 1.33 -2.64 4.72
C VAL A 85 2.85 -2.54 4.62
N GLU A 86 3.49 -3.66 4.30
CA GLU A 86 4.94 -3.70 4.17
C GLU A 86 5.36 -4.06 2.75
N TYR A 87 6.36 -3.35 2.24
CA TYR A 87 6.86 -3.59 0.89
C TYR A 87 8.33 -3.23 0.77
N THR A 88 9.03 -3.90 -0.14
CA THR A 88 10.44 -3.65 -0.35
C THR A 88 10.73 -3.27 -1.80
N PRO A 89 10.93 -1.97 -2.04
CA PRO A 89 11.21 -1.45 -3.38
C PRO A 89 12.61 -1.84 -3.87
N PHE A 90 12.67 -2.33 -5.10
CA PHE A 90 13.94 -2.74 -5.69
C PHE A 90 14.42 -1.74 -6.73
N GLU A 91 14.00 -0.49 -6.56
CA GLU A 91 14.39 0.58 -7.49
C GLU A 91 14.45 1.91 -6.77
N LYS A 92 15.58 2.61 -6.94
CA LYS A 92 15.77 3.92 -6.31
C LYS A 92 15.06 5.01 -7.10
N GLY A 93 13.86 5.36 -6.67
CA GLY A 93 13.09 6.40 -7.35
C GLY A 93 11.78 6.69 -6.67
N LEU A 94 10.93 7.47 -7.33
CA LEU A 94 9.63 7.82 -6.78
C LEU A 94 8.53 6.94 -7.37
N HIS A 95 7.88 6.16 -6.51
CA HIS A 95 6.81 5.28 -6.95
C HIS A 95 5.44 5.84 -6.57
N VAL A 96 4.41 5.41 -7.27
CA VAL A 96 3.05 5.86 -7.01
C VAL A 96 2.23 4.79 -6.30
N VAL A 97 1.98 5.00 -5.01
CA VAL A 97 1.20 4.05 -4.23
C VAL A 97 -0.28 4.39 -4.27
N GLU A 98 -1.09 3.43 -4.70
CA GLU A 98 -2.54 3.63 -4.79
C GLU A 98 -3.25 2.90 -3.66
N VAL A 99 -3.79 3.66 -2.72
CA VAL A 99 -4.51 3.10 -1.57
C VAL A 99 -6.02 3.21 -1.76
N THR A 100 -6.72 2.10 -1.61
CA THR A 100 -8.16 2.07 -1.74
C THR A 100 -8.83 1.32 -0.59
N TYR A 101 -9.62 2.05 0.20
CA TYR A 101 -10.31 1.45 1.33
C TYR A 101 -11.73 1.04 0.96
N ASP A 102 -11.99 -0.25 1.01
CA ASP A 102 -13.31 -0.77 0.69
C ASP A 102 -13.67 -0.48 -0.76
N ASP A 103 -12.70 -0.63 -1.66
CA ASP A 103 -12.90 -0.38 -3.08
C ASP A 103 -13.13 1.10 -3.33
N VAL A 104 -12.49 1.95 -2.54
CA VAL A 104 -12.62 3.39 -2.68
C VAL A 104 -11.33 4.10 -2.32
N PRO A 105 -10.86 4.97 -3.23
CA PRO A 105 -9.63 5.74 -3.02
C PRO A 105 -9.77 6.79 -1.94
N ILE A 106 -8.68 7.07 -1.23
CA ILE A 106 -8.68 8.06 -0.16
C ILE A 106 -8.22 9.42 -0.67
N PRO A 107 -8.60 10.48 0.05
CA PRO A 107 -8.23 11.85 -0.31
C PRO A 107 -6.75 12.13 -0.11
N ASN A 108 -6.01 11.09 0.26
CA ASN A 108 -4.57 11.22 0.50
C ASN A 108 -3.78 10.54 -0.61
N SER A 109 -4.48 9.74 -1.42
CA SER A 109 -3.83 9.03 -2.52
C SER A 109 -4.17 9.67 -3.86
N PRO A 110 -3.35 9.37 -4.88
CA PRO A 110 -2.21 8.47 -4.74
C PRO A 110 -1.09 9.09 -3.90
N PHE A 111 -0.10 8.27 -3.55
CA PHE A 111 1.02 8.73 -2.74
C PHE A 111 2.31 8.71 -3.55
N LYS A 112 3.32 9.44 -3.08
CA LYS A 112 4.61 9.50 -3.76
C LYS A 112 5.75 9.20 -2.79
N VAL A 113 6.37 8.03 -2.97
CA VAL A 113 7.48 7.62 -2.11
C VAL A 113 8.81 7.79 -2.82
N ALA A 114 9.54 8.84 -2.47
CA ALA A 114 10.84 9.12 -3.08
C ALA A 114 11.95 8.33 -2.38
N VAL A 115 12.25 7.16 -2.90
CA VAL A 115 13.28 6.31 -2.33
C VAL A 115 14.67 6.86 -2.64
N THR A 116 15.59 6.69 -1.69
CA THR A 116 16.96 7.16 -1.86
C THR A 116 17.97 6.06 -1.56
N GLU A 117 19.24 6.32 -1.86
CA GLU A 117 20.30 5.35 -1.62
C GLU A 117 20.59 5.23 -0.13
N GLY A 118 20.20 4.09 0.45
CA GLY A 118 20.43 3.86 1.86
C GLY A 118 21.59 2.93 2.12
N CYS A 119 21.32 1.83 2.83
CA CYS A 119 22.36 0.85 3.14
C CYS A 119 21.75 -0.51 3.46
N GLN A 120 22.40 -1.57 3.01
CA GLN A 120 21.92 -2.92 3.25
C GLN A 120 22.34 -3.41 4.64
N PRO A 121 21.54 -4.34 5.19
CA PRO A 121 21.81 -4.91 6.52
C PRO A 121 23.04 -5.81 6.52
N SER A 122 23.91 -5.62 7.51
CA SER A 122 25.12 -6.42 7.62
C SER A 122 25.21 -7.09 8.99
N SER A 123 25.24 -8.42 8.98
CA SER A 123 25.31 -9.19 10.22
C SER A 123 26.71 -9.73 10.44
N GLY A 124 27.26 -10.40 9.43
CA GLY A 124 28.59 -10.96 9.54
C GLY A 124 28.62 -12.44 9.27
N PRO A 125 29.83 -13.03 9.32
CA PRO A 125 30.02 -14.46 9.08
C PRO A 125 29.43 -15.33 10.19
N SER A 126 28.20 -15.78 10.00
CA SER A 126 27.52 -16.61 10.99
C SER A 126 27.66 -16.01 12.38
N SER A 127 27.49 -14.70 12.48
CA SER A 127 27.61 -14.00 13.76
C SER A 127 26.38 -14.27 14.63
N GLY A 128 26.60 -14.89 15.78
CA GLY A 128 25.50 -15.19 16.68
C GLY A 128 25.97 -15.83 17.98
N GLY A 1 -5.89 -18.42 -11.86
CA GLY A 1 -6.52 -17.12 -11.94
C GLY A 1 -7.90 -17.17 -12.54
N SER A 2 -8.92 -17.17 -11.69
CA SER A 2 -10.31 -17.23 -12.15
C SER A 2 -11.26 -16.86 -11.02
N SER A 3 -12.20 -15.97 -11.31
CA SER A 3 -13.18 -15.53 -10.31
C SER A 3 -14.02 -16.71 -9.82
N GLY A 4 -14.64 -17.42 -10.76
CA GLY A 4 -15.46 -18.56 -10.40
C GLY A 4 -16.95 -18.26 -10.47
N SER A 5 -17.39 -17.72 -11.60
CA SER A 5 -18.80 -17.38 -11.79
C SER A 5 -19.39 -18.16 -12.97
N SER A 6 -20.69 -17.98 -13.19
CA SER A 6 -21.38 -18.67 -14.27
C SER A 6 -21.17 -17.93 -15.59
N GLY A 7 -19.94 -17.51 -15.85
CA GLY A 7 -19.63 -16.80 -17.07
C GLY A 7 -20.58 -15.65 -17.33
N HIS A 8 -20.37 -14.54 -16.61
CA HIS A 8 -21.21 -13.37 -16.77
C HIS A 8 -20.37 -12.14 -17.11
N PHE A 9 -21.04 -11.09 -17.59
CA PHE A 9 -20.35 -9.85 -17.96
C PHE A 9 -21.09 -8.64 -17.41
N PRO A 10 -20.33 -7.68 -16.85
CA PRO A 10 -20.89 -6.46 -16.28
C PRO A 10 -21.43 -5.52 -17.35
N ALA A 11 -22.74 -5.29 -17.31
CA ALA A 11 -23.39 -4.40 -18.28
C ALA A 11 -23.41 -2.96 -17.78
N ARG A 12 -22.36 -2.21 -18.11
CA ARG A 12 -22.27 -0.81 -17.69
C ARG A 12 -22.84 -0.62 -16.29
N VAL A 13 -22.49 -1.53 -15.39
CA VAL A 13 -22.98 -1.46 -14.01
C VAL A 13 -22.31 -0.34 -13.25
N LYS A 14 -23.08 0.69 -12.90
CA LYS A 14 -22.56 1.83 -12.16
C LYS A 14 -23.08 1.83 -10.72
N VAL A 15 -22.16 1.82 -9.77
CA VAL A 15 -22.52 1.83 -8.35
C VAL A 15 -21.79 2.93 -7.60
N GLU A 16 -22.53 3.68 -6.80
CA GLU A 16 -21.95 4.77 -6.01
C GLU A 16 -21.42 4.26 -4.67
N PRO A 17 -20.36 4.92 -4.18
CA PRO A 17 -19.74 4.55 -2.90
C PRO A 17 -20.64 4.88 -1.70
N ALA A 18 -20.84 3.90 -0.83
CA ALA A 18 -21.66 4.08 0.36
C ALA A 18 -20.82 4.11 1.62
N VAL A 19 -19.52 4.34 1.45
CA VAL A 19 -18.59 4.40 2.58
C VAL A 19 -17.81 5.70 2.58
N ASP A 20 -17.46 6.18 3.76
CA ASP A 20 -16.71 7.41 3.90
C ASP A 20 -15.24 7.13 4.25
N THR A 21 -14.36 7.37 3.29
CA THR A 21 -12.93 7.13 3.50
C THR A 21 -12.13 8.40 3.26
N SER A 22 -12.66 9.53 3.70
CA SER A 22 -11.99 10.81 3.54
C SER A 22 -11.28 11.22 4.83
N ARG A 23 -11.54 10.48 5.90
CA ARG A 23 -10.92 10.76 7.19
C ARG A 23 -9.85 9.73 7.52
N ILE A 24 -9.39 9.01 6.49
CA ILE A 24 -8.37 7.99 6.68
C ILE A 24 -6.98 8.61 6.64
N LYS A 25 -6.21 8.40 7.72
CA LYS A 25 -4.87 8.92 7.82
C LYS A 25 -3.83 7.81 7.70
N VAL A 26 -2.67 8.14 7.14
CA VAL A 26 -1.59 7.17 6.98
C VAL A 26 -0.25 7.76 7.35
N PHE A 27 0.47 7.08 8.23
CA PHE A 27 1.78 7.55 8.68
C PHE A 27 2.81 6.42 8.63
N GLY A 28 4.08 6.78 8.51
CA GLY A 28 5.14 5.79 8.45
C GLY A 28 6.13 6.06 7.36
N PRO A 29 7.29 5.39 7.42
CA PRO A 29 8.35 5.55 6.42
C PRO A 29 7.96 4.97 5.06
N GLY A 30 7.16 3.91 5.08
CA GLY A 30 6.72 3.29 3.84
C GLY A 30 5.90 4.21 2.98
N ILE A 31 5.25 5.19 3.62
CA ILE A 31 4.42 6.14 2.89
C ILE A 31 5.07 7.53 2.85
N GLU A 32 6.01 7.76 3.77
CA GLU A 32 6.70 9.04 3.84
C GLU A 32 7.97 9.01 2.98
N GLY A 33 8.74 7.94 3.11
CA GLY A 33 9.96 7.82 2.33
C GLY A 33 11.21 8.03 3.17
N LYS A 34 11.23 7.43 4.36
CA LYS A 34 12.36 7.54 5.26
C LYS A 34 13.33 6.38 5.08
N ASP A 35 12.92 5.19 5.49
CA ASP A 35 13.74 4.00 5.37
C ASP A 35 13.28 3.14 4.20
N VAL A 36 12.70 3.78 3.20
CA VAL A 36 12.21 3.06 2.01
C VAL A 36 13.33 2.82 1.02
N PHE A 37 14.57 2.88 1.50
CA PHE A 37 15.73 2.67 0.64
C PHE A 37 15.56 1.40 -0.20
N ARG A 38 16.38 1.29 -1.24
CA ARG A 38 16.32 0.13 -2.13
C ARG A 38 16.67 -1.15 -1.38
N GLU A 39 15.92 -2.21 -1.65
CA GLU A 39 16.17 -3.50 -1.00
C GLU A 39 16.00 -3.38 0.52
N ALA A 40 15.13 -2.48 0.94
CA ALA A 40 14.88 -2.27 2.37
C ALA A 40 13.43 -2.62 2.73
N THR A 41 13.24 -3.08 3.97
CA THR A 41 11.91 -3.45 4.43
C THR A 41 11.20 -2.26 5.08
N THR A 42 10.30 -1.65 4.33
CA THR A 42 9.55 -0.50 4.82
C THR A 42 8.05 -0.78 4.83
N ASP A 43 7.35 -0.22 5.81
CA ASP A 43 5.91 -0.41 5.93
C ASP A 43 5.25 0.80 6.59
N PHE A 44 3.95 0.95 6.36
CA PHE A 44 3.21 2.07 6.91
C PHE A 44 1.99 1.57 7.70
N THR A 45 1.30 2.51 8.35
CA THR A 45 0.11 2.16 9.13
C THR A 45 -1.08 3.00 8.71
N VAL A 46 -2.23 2.36 8.54
CA VAL A 46 -3.44 3.05 8.16
C VAL A 46 -4.42 3.17 9.32
N ASP A 47 -4.65 4.40 9.77
CA ASP A 47 -5.56 4.65 10.89
C ASP A 47 -7.01 4.64 10.42
N SER A 48 -7.83 3.84 11.09
CA SER A 48 -9.24 3.73 10.74
C SER A 48 -10.12 3.83 11.99
N ARG A 49 -11.24 4.55 11.86
CA ARG A 49 -12.16 4.73 12.97
C ARG A 49 -13.61 4.52 12.52
N PRO A 50 -14.12 5.47 11.73
CA PRO A 50 -15.49 5.41 11.22
C PRO A 50 -15.68 4.30 10.17
N LEU A 51 -14.63 3.52 9.97
CA LEU A 51 -14.66 2.43 8.99
C LEU A 51 -14.60 1.07 9.69
N THR A 52 -13.64 0.93 10.60
CA THR A 52 -13.47 -0.31 11.33
C THR A 52 -12.90 -0.05 12.73
N GLN A 53 -13.21 -0.94 13.66
CA GLN A 53 -12.74 -0.82 15.03
C GLN A 53 -11.90 -2.02 15.45
N VAL A 54 -12.34 -3.21 15.01
CA VAL A 54 -11.63 -4.44 15.33
C VAL A 54 -11.17 -5.15 14.07
N GLY A 55 -10.71 -4.38 13.09
CA GLY A 55 -10.25 -4.96 11.84
C GLY A 55 -11.35 -5.06 10.81
N GLY A 56 -10.96 -5.08 9.53
CA GLY A 56 -11.94 -5.17 8.46
C GLY A 56 -11.48 -6.07 7.34
N ASP A 57 -10.20 -5.99 6.99
CA ASP A 57 -9.64 -6.81 5.92
C ASP A 57 -10.19 -6.38 4.56
N HIS A 58 -10.23 -5.08 4.33
CA HIS A 58 -10.73 -4.54 3.07
C HIS A 58 -9.78 -3.48 2.52
N ILE A 59 -8.49 -3.65 2.78
CA ILE A 59 -7.48 -2.71 2.31
C ILE A 59 -6.71 -3.28 1.13
N LYS A 60 -6.28 -2.41 0.23
CA LYS A 60 -5.52 -2.82 -0.95
C LYS A 60 -4.53 -1.73 -1.38
N ALA A 61 -3.34 -2.16 -1.76
CA ALA A 61 -2.31 -1.22 -2.20
C ALA A 61 -1.56 -1.75 -3.42
N HIS A 62 -0.98 -0.84 -4.19
CA HIS A 62 -0.24 -1.22 -5.39
C HIS A 62 0.86 -0.20 -5.69
N ILE A 63 2.11 -0.61 -5.54
CA ILE A 63 3.25 0.26 -5.79
C ILE A 63 3.57 0.31 -7.28
N ALA A 64 3.94 1.50 -7.76
CA ALA A 64 4.28 1.68 -9.16
C ALA A 64 5.63 2.36 -9.31
N ASN A 65 6.66 1.58 -9.61
CA ASN A 65 8.01 2.10 -9.78
C ASN A 65 8.07 3.10 -10.93
N PRO A 66 9.04 4.02 -10.88
CA PRO A 66 9.23 5.04 -11.92
C PRO A 66 9.72 4.45 -13.23
N SER A 67 9.93 3.13 -13.24
CA SER A 67 10.42 2.45 -14.43
C SER A 67 9.28 1.68 -15.11
N GLY A 68 8.25 1.37 -14.34
CA GLY A 68 7.11 0.64 -14.88
C GLY A 68 6.79 -0.60 -14.06
N ALA A 69 7.78 -1.13 -13.36
CA ALA A 69 7.59 -2.32 -12.55
C ALA A 69 6.68 -2.02 -11.35
N SER A 70 6.42 -3.05 -10.56
CA SER A 70 5.56 -2.91 -9.38
C SER A 70 6.10 -3.73 -8.21
N THR A 71 6.22 -3.08 -7.06
CA THR A 71 6.72 -3.74 -5.85
C THR A 71 5.61 -4.46 -5.12
N GLU A 72 5.85 -5.72 -4.76
CA GLU A 72 4.87 -6.52 -4.05
C GLU A 72 4.57 -5.92 -2.68
N CYS A 73 3.29 -5.79 -2.34
CA CYS A 73 2.87 -5.23 -1.07
C CYS A 73 2.20 -6.29 -0.20
N PHE A 74 2.45 -6.25 1.10
CA PHE A 74 1.86 -7.20 2.03
C PHE A 74 1.07 -6.47 3.12
N VAL A 75 -0.26 -6.63 3.08
CA VAL A 75 -1.12 -5.99 4.07
C VAL A 75 -1.22 -6.84 5.34
N THR A 76 -1.24 -6.16 6.48
CA THR A 76 -1.33 -6.84 7.77
C THR A 76 -2.38 -6.20 8.67
N ASP A 77 -3.54 -6.85 8.78
CA ASP A 77 -4.62 -6.35 9.61
C ASP A 77 -4.38 -6.68 11.08
N ASN A 78 -4.00 -5.67 11.86
CA ASN A 78 -3.74 -5.85 13.27
C ASN A 78 -5.05 -6.10 14.04
N ALA A 79 -6.17 -6.02 13.32
CA ALA A 79 -7.47 -6.24 13.93
C ALA A 79 -7.65 -5.39 15.19
N ASP A 80 -6.92 -4.29 15.26
CA ASP A 80 -6.99 -3.39 16.40
C ASP A 80 -7.52 -2.02 15.98
N GLY A 81 -8.07 -1.94 14.77
CA GLY A 81 -8.61 -0.69 14.28
C GLY A 81 -7.64 0.03 13.35
N THR A 82 -6.67 -0.72 12.82
CA THR A 82 -5.69 -0.15 11.92
C THR A 82 -5.09 -1.22 11.00
N TYR A 83 -4.28 -0.79 10.05
CA TYR A 83 -3.64 -1.72 9.11
C TYR A 83 -2.15 -1.45 9.00
N GLN A 84 -1.41 -2.41 8.46
CA GLN A 84 0.03 -2.27 8.30
C GLN A 84 0.50 -2.97 7.02
N VAL A 85 0.91 -2.18 6.04
CA VAL A 85 1.38 -2.72 4.77
C VAL A 85 2.90 -2.62 4.66
N GLU A 86 3.55 -3.74 4.37
CA GLU A 86 5.01 -3.77 4.24
C GLU A 86 5.42 -4.19 2.84
N TYR A 87 6.41 -3.50 2.28
CA TYR A 87 6.89 -3.80 0.94
C TYR A 87 8.37 -3.48 0.81
N THR A 88 9.04 -4.16 -0.12
CA THR A 88 10.47 -3.96 -0.34
C THR A 88 10.74 -3.51 -1.77
N PRO A 89 10.97 -2.19 -1.94
CA PRO A 89 11.25 -1.61 -3.25
C PRO A 89 12.62 -2.02 -3.79
N PHE A 90 12.63 -2.62 -4.98
CA PHE A 90 13.86 -3.06 -5.61
C PHE A 90 14.39 -2.00 -6.57
N GLU A 91 13.96 -0.76 -6.36
CA GLU A 91 14.40 0.34 -7.22
C GLU A 91 14.42 1.65 -6.44
N LYS A 92 15.53 2.38 -6.56
CA LYS A 92 15.68 3.66 -5.87
C LYS A 92 15.08 4.79 -6.69
N GLY A 93 13.82 5.11 -6.42
CA GLY A 93 13.15 6.18 -7.14
C GLY A 93 11.80 6.51 -6.54
N LEU A 94 11.01 7.29 -7.27
CA LEU A 94 9.68 7.70 -6.80
C LEU A 94 8.60 6.80 -7.40
N HIS A 95 7.90 6.07 -6.52
CA HIS A 95 6.84 5.18 -6.95
C HIS A 95 5.46 5.76 -6.64
N VAL A 96 4.44 5.28 -7.35
CA VAL A 96 3.08 5.75 -7.14
C VAL A 96 2.23 4.69 -6.47
N VAL A 97 1.91 4.90 -5.20
CA VAL A 97 1.08 3.96 -4.44
C VAL A 97 -0.39 4.36 -4.48
N GLU A 98 -1.22 3.46 -5.02
CA GLU A 98 -2.65 3.71 -5.11
C GLU A 98 -3.41 2.95 -4.04
N VAL A 99 -4.00 3.68 -3.11
CA VAL A 99 -4.77 3.08 -2.02
C VAL A 99 -6.26 3.20 -2.27
N THR A 100 -7.00 2.15 -1.92
CA THR A 100 -8.44 2.13 -2.11
C THR A 100 -9.13 1.33 -1.01
N TYR A 101 -10.02 1.98 -0.28
CA TYR A 101 -10.75 1.32 0.81
C TYR A 101 -12.17 0.99 0.38
N ASP A 102 -12.50 -0.30 0.37
CA ASP A 102 -13.83 -0.75 -0.01
C ASP A 102 -14.20 -0.25 -1.40
N ASP A 103 -13.27 -0.39 -2.35
CA ASP A 103 -13.50 0.05 -3.71
C ASP A 103 -13.69 1.57 -3.77
N VAL A 104 -12.99 2.28 -2.90
CA VAL A 104 -13.08 3.74 -2.85
C VAL A 104 -11.74 4.37 -2.47
N PRO A 105 -11.23 5.23 -3.36
CA PRO A 105 -9.95 5.92 -3.13
C PRO A 105 -10.03 6.95 -2.02
N ILE A 106 -8.88 7.27 -1.43
CA ILE A 106 -8.83 8.24 -0.35
C ILE A 106 -8.35 9.60 -0.85
N PRO A 107 -8.69 10.65 -0.10
CA PRO A 107 -8.30 12.03 -0.45
C PRO A 107 -6.79 12.27 -0.30
N ASN A 108 -6.07 11.21 0.05
CA ASN A 108 -4.62 11.30 0.24
C ASN A 108 -3.88 10.62 -0.91
N SER A 109 -4.59 9.75 -1.62
CA SER A 109 -4.00 9.02 -2.75
C SER A 109 -4.28 9.74 -4.06
N PRO A 110 -3.43 9.47 -5.07
CA PRO A 110 -2.31 8.55 -4.93
C PRO A 110 -1.21 9.11 -4.03
N PHE A 111 -0.22 8.27 -3.72
CA PHE A 111 0.89 8.68 -2.87
C PHE A 111 2.18 8.77 -3.67
N LYS A 112 3.20 9.38 -3.07
CA LYS A 112 4.50 9.52 -3.72
C LYS A 112 5.63 9.15 -2.76
N VAL A 113 6.27 8.02 -3.02
CA VAL A 113 7.38 7.56 -2.19
C VAL A 113 8.71 7.71 -2.91
N ALA A 114 9.42 8.79 -2.59
CA ALA A 114 10.72 9.06 -3.21
C ALA A 114 11.84 8.38 -2.43
N VAL A 115 12.31 7.24 -2.95
CA VAL A 115 13.38 6.49 -2.31
C VAL A 115 14.72 7.19 -2.48
N THR A 116 15.59 7.02 -1.50
CA THR A 116 16.92 7.64 -1.55
C THR A 116 18.01 6.62 -1.25
N GLU A 117 19.14 6.74 -1.94
CA GLU A 117 20.26 5.83 -1.76
C GLU A 117 20.68 5.78 -0.29
N GLY A 118 20.42 4.65 0.35
CA GLY A 118 20.78 4.50 1.76
C GLY A 118 21.99 3.60 1.95
N CYS A 119 21.74 2.35 2.34
CA CYS A 119 22.81 1.40 2.56
C CYS A 119 22.33 -0.02 2.32
N GLN A 120 23.09 -0.77 1.53
CA GLN A 120 22.73 -2.16 1.21
C GLN A 120 22.79 -3.03 2.46
N PRO A 121 21.77 -3.88 2.63
CA PRO A 121 21.68 -4.78 3.78
C PRO A 121 22.72 -5.90 3.72
N SER A 122 23.04 -6.46 4.88
CA SER A 122 24.02 -7.54 4.96
C SER A 122 23.44 -8.75 5.70
N SER A 123 23.29 -9.86 4.99
CA SER A 123 22.74 -11.08 5.58
C SER A 123 23.50 -11.44 6.86
N GLY A 124 22.75 -11.79 7.90
CA GLY A 124 23.36 -12.15 9.16
C GLY A 124 23.19 -13.63 9.48
N PRO A 125 23.98 -14.12 10.45
CA PRO A 125 23.94 -15.53 10.87
C PRO A 125 22.65 -15.87 11.61
N SER A 126 22.14 -17.07 11.38
CA SER A 126 20.91 -17.53 12.03
C SER A 126 21.13 -18.85 12.75
N SER A 127 21.24 -18.78 14.07
CA SER A 127 21.46 -19.98 14.88
C SER A 127 20.13 -20.52 15.42
N GLY A 128 19.54 -21.46 14.66
CA GLY A 128 18.27 -22.04 15.08
C GLY A 128 17.32 -22.23 13.91
N GLY A 1 -21.75 -36.48 -11.49
CA GLY A 1 -22.12 -35.98 -10.18
C GLY A 1 -21.63 -34.56 -9.95
N SER A 2 -22.57 -33.61 -9.89
CA SER A 2 -22.23 -32.21 -9.68
C SER A 2 -23.49 -31.39 -9.43
N SER A 3 -23.42 -30.51 -8.43
CA SER A 3 -24.56 -29.66 -8.08
C SER A 3 -24.07 -28.29 -7.63
N GLY A 4 -24.79 -27.25 -8.05
CA GLY A 4 -24.43 -25.90 -7.68
C GLY A 4 -23.50 -25.25 -8.68
N SER A 5 -22.67 -24.31 -8.21
CA SER A 5 -21.73 -23.62 -9.07
C SER A 5 -22.39 -23.23 -10.39
N SER A 6 -23.62 -22.75 -10.31
CA SER A 6 -24.36 -22.34 -11.50
C SER A 6 -25.19 -21.09 -11.22
N GLY A 7 -24.77 -19.97 -11.81
CA GLY A 7 -25.48 -18.72 -11.61
C GLY A 7 -24.59 -17.62 -11.06
N HIS A 8 -24.03 -16.81 -11.96
CA HIS A 8 -23.16 -15.73 -11.57
C HIS A 8 -23.28 -14.55 -12.54
N PHE A 9 -23.00 -13.35 -12.04
CA PHE A 9 -23.08 -12.15 -12.86
C PHE A 9 -22.24 -11.02 -12.27
N PRO A 10 -21.30 -10.49 -13.06
CA PRO A 10 -20.41 -9.42 -12.65
C PRO A 10 -21.14 -8.09 -12.48
N ALA A 11 -21.09 -7.54 -11.28
CA ALA A 11 -21.75 -6.27 -10.98
C ALA A 11 -20.95 -5.09 -11.55
N ARG A 12 -21.20 -4.76 -12.81
CA ARG A 12 -20.50 -3.67 -13.47
C ARG A 12 -21.46 -2.54 -13.80
N VAL A 13 -22.47 -2.34 -12.95
CA VAL A 13 -23.45 -1.30 -13.16
C VAL A 13 -23.17 -0.09 -12.28
N LYS A 14 -23.72 1.06 -12.66
CA LYS A 14 -23.53 2.28 -11.90
C LYS A 14 -23.55 2.02 -10.40
N VAL A 15 -22.44 2.32 -9.73
CA VAL A 15 -22.33 2.10 -8.29
C VAL A 15 -21.93 3.39 -7.57
N GLU A 16 -22.51 3.61 -6.40
CA GLU A 16 -22.21 4.80 -5.62
C GLU A 16 -21.44 4.43 -4.35
N PRO A 17 -20.60 5.36 -3.88
CA PRO A 17 -19.80 5.16 -2.67
C PRO A 17 -20.65 5.16 -1.39
N ALA A 18 -20.49 4.11 -0.59
CA ALA A 18 -21.25 3.99 0.65
C ALA A 18 -20.35 4.21 1.86
N VAL A 19 -19.20 4.85 1.63
CA VAL A 19 -18.26 5.13 2.70
C VAL A 19 -17.67 6.53 2.57
N ASP A 20 -17.15 7.06 3.68
CA ASP A 20 -16.55 8.39 3.68
C ASP A 20 -15.09 8.33 3.27
N THR A 21 -14.30 7.55 4.00
CA THR A 21 -12.87 7.42 3.71
C THR A 21 -12.28 8.74 3.22
N SER A 22 -12.66 9.82 3.89
CA SER A 22 -12.16 11.15 3.53
C SER A 22 -11.23 11.70 4.59
N ARG A 23 -11.32 11.13 5.79
CA ARG A 23 -10.48 11.57 6.91
C ARG A 23 -9.47 10.48 7.28
N ILE A 24 -9.18 9.60 6.34
CA ILE A 24 -8.24 8.51 6.56
C ILE A 24 -6.81 9.03 6.60
N LYS A 25 -6.10 8.75 7.68
CA LYS A 25 -4.72 9.19 7.84
C LYS A 25 -3.75 8.01 7.71
N VAL A 26 -2.51 8.31 7.33
CA VAL A 26 -1.50 7.27 7.18
C VAL A 26 -0.14 7.75 7.68
N PHE A 27 0.46 6.97 8.58
CA PHE A 27 1.76 7.31 9.14
C PHE A 27 2.74 6.15 9.00
N GLY A 28 3.99 6.46 8.70
CA GLY A 28 5.00 5.44 8.54
C GLY A 28 6.02 5.77 7.47
N PRO A 29 7.19 5.15 7.55
CA PRO A 29 8.27 5.37 6.58
C PRO A 29 7.94 4.79 5.20
N GLY A 30 7.23 3.66 5.19
CA GLY A 30 6.87 3.03 3.94
C GLY A 30 6.00 3.93 3.07
N ILE A 31 5.33 4.89 3.70
CA ILE A 31 4.47 5.81 2.98
C ILE A 31 5.06 7.22 2.95
N GLU A 32 5.95 7.50 3.90
CA GLU A 32 6.59 8.81 3.98
C GLU A 32 7.84 8.86 3.11
N GLY A 33 8.68 7.84 3.24
CA GLY A 33 9.91 7.79 2.47
C GLY A 33 11.15 8.01 3.31
N LYS A 34 11.16 7.42 4.50
CA LYS A 34 12.29 7.56 5.41
C LYS A 34 13.29 6.42 5.22
N ASP A 35 12.90 5.22 5.65
CA ASP A 35 13.75 4.05 5.52
C ASP A 35 13.26 3.14 4.41
N VAL A 36 12.70 3.74 3.36
CA VAL A 36 12.20 2.98 2.22
C VAL A 36 13.28 2.73 1.19
N PHE A 37 14.53 2.86 1.62
CA PHE A 37 15.68 2.64 0.74
C PHE A 37 15.50 1.37 -0.09
N ARG A 38 16.17 1.31 -1.23
CA ARG A 38 16.08 0.16 -2.11
C ARG A 38 16.52 -1.11 -1.39
N GLU A 39 15.79 -2.20 -1.62
CA GLU A 39 16.11 -3.48 -0.99
C GLU A 39 15.97 -3.38 0.53
N ALA A 40 15.00 -2.60 0.98
CA ALA A 40 14.76 -2.43 2.41
C ALA A 40 13.32 -2.75 2.78
N THR A 41 13.12 -3.23 4.00
CA THR A 41 11.79 -3.58 4.47
C THR A 41 11.12 -2.39 5.14
N THR A 42 10.20 -1.75 4.41
CA THR A 42 9.48 -0.59 4.93
C THR A 42 7.97 -0.84 4.92
N ASP A 43 7.28 -0.25 5.90
CA ASP A 43 5.83 -0.41 5.99
C ASP A 43 5.20 0.83 6.64
N PHE A 44 3.91 1.02 6.39
CA PHE A 44 3.19 2.16 6.95
C PHE A 44 1.98 1.70 7.76
N THR A 45 1.31 2.64 8.40
CA THR A 45 0.14 2.34 9.21
C THR A 45 -1.06 3.20 8.80
N VAL A 46 -2.20 2.56 8.61
CA VAL A 46 -3.42 3.28 8.22
C VAL A 46 -4.39 3.38 9.38
N ASP A 47 -4.79 4.60 9.72
CA ASP A 47 -5.72 4.83 10.82
C ASP A 47 -7.14 4.97 10.30
N SER A 48 -8.02 4.07 10.73
CA SER A 48 -9.42 4.09 10.31
C SER A 48 -10.35 3.97 11.51
N ARG A 49 -11.30 4.89 11.61
CA ARG A 49 -12.26 4.89 12.71
C ARG A 49 -13.65 4.51 12.21
N PRO A 50 -14.28 5.42 11.47
CA PRO A 50 -15.63 5.21 10.93
C PRO A 50 -15.64 4.17 9.81
N LEU A 51 -14.56 3.40 9.72
CA LEU A 51 -14.45 2.37 8.70
C LEU A 51 -14.28 0.99 9.34
N THR A 52 -13.38 0.90 10.31
CA THR A 52 -13.13 -0.35 11.00
C THR A 52 -13.16 -0.16 12.52
N GLN A 53 -13.24 -1.27 13.25
CA GLN A 53 -13.27 -1.22 14.70
C GLN A 53 -12.30 -2.22 15.30
N VAL A 54 -12.26 -3.43 14.73
CA VAL A 54 -11.36 -4.47 15.21
C VAL A 54 -10.58 -5.10 14.05
N GLY A 55 -10.13 -4.26 13.13
CA GLY A 55 -9.38 -4.76 11.99
C GLY A 55 -10.27 -5.15 10.83
N GLY A 56 -9.70 -5.20 9.63
CA GLY A 56 -10.47 -5.56 8.46
C GLY A 56 -9.59 -6.08 7.33
N ASP A 57 -10.23 -6.59 6.28
CA ASP A 57 -9.50 -7.13 5.14
C ASP A 57 -10.01 -6.51 3.83
N HIS A 58 -10.29 -5.22 3.87
CA HIS A 58 -10.79 -4.51 2.69
C HIS A 58 -9.78 -3.46 2.22
N ILE A 59 -8.50 -3.74 2.44
CA ILE A 59 -7.45 -2.83 2.03
C ILE A 59 -6.60 -3.42 0.90
N LYS A 60 -6.27 -2.59 -0.08
CA LYS A 60 -5.47 -3.04 -1.21
C LYS A 60 -4.53 -1.93 -1.68
N ALA A 61 -3.26 -2.27 -1.90
CA ALA A 61 -2.28 -1.31 -2.35
C ALA A 61 -1.53 -1.82 -3.58
N HIS A 62 -1.11 -0.90 -4.44
CA HIS A 62 -0.39 -1.26 -5.65
C HIS A 62 0.72 -0.25 -5.95
N ILE A 63 1.96 -0.63 -5.70
CA ILE A 63 3.10 0.25 -5.94
C ILE A 63 3.50 0.24 -7.41
N ALA A 64 3.87 1.41 -7.92
CA ALA A 64 4.28 1.53 -9.32
C ALA A 64 5.60 2.29 -9.43
N ASN A 65 6.68 1.55 -9.66
CA ASN A 65 8.00 2.15 -9.79
C ASN A 65 8.04 3.11 -10.97
N PRO A 66 8.97 4.08 -10.91
CA PRO A 66 9.13 5.08 -11.96
C PRO A 66 9.71 4.49 -13.24
N SER A 67 9.97 3.19 -13.23
CA SER A 67 10.51 2.49 -14.38
C SER A 67 9.45 1.64 -15.06
N GLY A 68 8.46 1.20 -14.29
CA GLY A 68 7.40 0.37 -14.82
C GLY A 68 7.12 -0.85 -13.96
N ALA A 69 8.14 -1.31 -13.24
CA ALA A 69 8.00 -2.47 -12.37
C ALA A 69 7.03 -2.19 -11.24
N SER A 70 6.68 -3.25 -10.50
CA SER A 70 5.75 -3.12 -9.38
C SER A 70 6.25 -3.88 -8.17
N THR A 71 6.23 -3.23 -7.01
CA THR A 71 6.69 -3.85 -5.78
C THR A 71 5.54 -4.56 -5.05
N GLU A 72 5.74 -5.84 -4.76
CA GLU A 72 4.72 -6.62 -4.08
C GLU A 72 4.35 -5.99 -2.75
N CYS A 73 3.05 -5.86 -2.50
CA CYS A 73 2.56 -5.27 -1.26
C CYS A 73 2.10 -6.34 -0.29
N PHE A 74 2.40 -6.14 0.99
CA PHE A 74 2.01 -7.10 2.03
C PHE A 74 1.16 -6.43 3.10
N VAL A 75 -0.14 -6.59 3.00
CA VAL A 75 -1.07 -6.01 3.96
C VAL A 75 -1.11 -6.81 5.25
N THR A 76 -0.99 -6.12 6.39
CA THR A 76 -1.00 -6.77 7.68
C THR A 76 -1.90 -6.01 8.67
N ASP A 77 -3.05 -6.60 8.98
CA ASP A 77 -3.99 -5.98 9.91
C ASP A 77 -3.65 -6.35 11.36
N ASN A 78 -3.54 -5.33 12.21
CA ASN A 78 -3.23 -5.56 13.62
C ASN A 78 -4.48 -5.93 14.40
N ALA A 79 -5.52 -6.33 13.68
CA ALA A 79 -6.78 -6.71 14.33
C ALA A 79 -7.12 -5.77 15.48
N ASP A 80 -6.76 -4.51 15.32
CA ASP A 80 -7.03 -3.50 16.34
C ASP A 80 -7.86 -2.34 15.77
N GLY A 81 -7.64 -2.06 14.48
CA GLY A 81 -8.37 -0.98 13.84
C GLY A 81 -7.55 -0.30 12.76
N THR A 82 -6.27 -0.62 12.70
CA THR A 82 -5.37 -0.04 11.71
C THR A 82 -4.78 -1.10 10.80
N TYR A 83 -4.21 -0.66 9.67
CA TYR A 83 -3.61 -1.58 8.72
C TYR A 83 -2.12 -1.31 8.56
N GLN A 84 -1.34 -2.38 8.45
CA GLN A 84 0.11 -2.26 8.28
C GLN A 84 0.58 -2.96 7.01
N VAL A 85 0.93 -2.17 6.00
CA VAL A 85 1.39 -2.72 4.73
C VAL A 85 2.91 -2.63 4.63
N GLU A 86 3.55 -3.76 4.31
CA GLU A 86 5.00 -3.79 4.17
C GLU A 86 5.41 -4.16 2.75
N TYR A 87 6.40 -3.47 2.21
CA TYR A 87 6.87 -3.72 0.86
C TYR A 87 8.34 -3.35 0.72
N THR A 88 9.05 -4.08 -0.14
CA THR A 88 10.48 -3.84 -0.36
C THR A 88 10.74 -3.41 -1.79
N PRO A 89 10.90 -2.08 -1.99
CA PRO A 89 11.16 -1.51 -3.32
C PRO A 89 12.55 -1.86 -3.84
N PHE A 90 12.61 -2.51 -4.99
CA PHE A 90 13.87 -2.90 -5.60
C PHE A 90 14.30 -1.89 -6.66
N GLU A 91 14.03 -0.61 -6.40
CA GLU A 91 14.39 0.44 -7.34
C GLU A 91 14.32 1.81 -6.67
N LYS A 92 15.41 2.56 -6.76
CA LYS A 92 15.48 3.89 -6.16
C LYS A 92 14.73 4.90 -7.01
N GLY A 93 13.64 5.44 -6.48
CA GLY A 93 12.85 6.42 -7.21
C GLY A 93 11.49 6.65 -6.59
N LEU A 94 10.72 7.57 -7.16
CA LEU A 94 9.40 7.90 -6.65
C LEU A 94 8.35 6.99 -7.29
N HIS A 95 7.68 6.20 -6.46
CA HIS A 95 6.64 5.29 -6.95
C HIS A 95 5.25 5.85 -6.64
N VAL A 96 4.25 5.37 -7.38
CA VAL A 96 2.88 5.81 -7.18
C VAL A 96 2.03 4.71 -6.56
N VAL A 97 1.77 4.83 -5.26
CA VAL A 97 0.96 3.85 -4.54
C VAL A 97 -0.52 4.24 -4.54
N GLU A 98 -1.36 3.36 -5.05
CA GLU A 98 -2.80 3.62 -5.10
C GLU A 98 -3.53 2.81 -4.03
N VAL A 99 -4.15 3.51 -3.09
CA VAL A 99 -4.89 2.86 -2.01
C VAL A 99 -6.40 2.98 -2.22
N THR A 100 -7.11 1.90 -1.93
CA THR A 100 -8.56 1.89 -2.08
C THR A 100 -9.23 1.14 -0.94
N TYR A 101 -10.05 1.84 -0.17
CA TYR A 101 -10.76 1.24 0.96
C TYR A 101 -12.21 0.94 0.60
N ASP A 102 -12.54 -0.33 0.50
CA ASP A 102 -13.89 -0.75 0.16
C ASP A 102 -14.28 -0.28 -1.23
N ASP A 103 -13.35 -0.41 -2.18
CA ASP A 103 -13.59 0.00 -3.55
C ASP A 103 -13.74 1.52 -3.65
N VAL A 104 -13.12 2.22 -2.71
CA VAL A 104 -13.17 3.68 -2.68
C VAL A 104 -11.83 4.27 -2.32
N PRO A 105 -11.26 5.08 -3.25
CA PRO A 105 -9.96 5.72 -3.04
C PRO A 105 -10.02 6.82 -1.99
N ILE A 106 -8.88 7.10 -1.36
CA ILE A 106 -8.81 8.12 -0.34
C ILE A 106 -8.34 9.45 -0.92
N PRO A 107 -8.66 10.55 -0.23
CA PRO A 107 -8.28 11.90 -0.65
C PRO A 107 -6.78 12.14 -0.54
N ASN A 108 -6.04 11.11 -0.14
CA ASN A 108 -4.60 11.21 0.01
C ASN A 108 -3.87 10.54 -1.16
N SER A 109 -4.53 9.56 -1.77
CA SER A 109 -3.95 8.85 -2.89
C SER A 109 -4.25 9.55 -4.21
N PRO A 110 -3.41 9.30 -5.22
CA PRO A 110 -2.27 8.39 -5.09
C PRO A 110 -1.17 8.95 -4.20
N PHE A 111 -0.34 8.06 -3.65
CA PHE A 111 0.75 8.47 -2.78
C PHE A 111 2.05 8.61 -3.56
N LYS A 112 3.05 9.22 -2.93
CA LYS A 112 4.35 9.41 -3.57
C LYS A 112 5.48 9.09 -2.60
N VAL A 113 6.16 7.97 -2.84
CA VAL A 113 7.27 7.55 -2.00
C VAL A 113 8.61 7.76 -2.69
N ALA A 114 9.28 8.86 -2.35
CA ALA A 114 10.56 9.17 -2.95
C ALA A 114 11.70 8.47 -2.22
N VAL A 115 12.08 7.30 -2.71
CA VAL A 115 13.15 6.51 -2.11
C VAL A 115 14.51 7.15 -2.36
N THR A 116 15.40 7.06 -1.37
CA THR A 116 16.73 7.64 -1.49
C THR A 116 17.79 6.63 -1.05
N GLU A 117 18.98 6.73 -1.66
CA GLU A 117 20.07 5.84 -1.33
C GLU A 117 20.31 5.79 0.18
N GLY A 118 20.03 4.64 0.78
CA GLY A 118 20.21 4.48 2.21
C GLY A 118 21.09 3.30 2.56
N CYS A 119 20.49 2.29 3.20
CA CYS A 119 21.23 1.10 3.59
C CYS A 119 20.72 -0.12 2.84
N GLN A 120 21.48 -1.21 2.88
CA GLN A 120 21.10 -2.44 2.21
C GLN A 120 21.59 -3.66 2.99
N PRO A 121 20.74 -4.69 3.07
CA PRO A 121 21.06 -5.93 3.79
C PRO A 121 22.14 -6.75 3.07
N SER A 122 22.97 -7.42 3.85
CA SER A 122 24.05 -8.24 3.28
C SER A 122 23.53 -9.63 2.95
N SER A 123 24.22 -10.29 2.01
CA SER A 123 23.83 -11.64 1.60
C SER A 123 24.99 -12.62 1.80
N GLY A 124 24.65 -13.90 1.99
CA GLY A 124 25.66 -14.90 2.19
C GLY A 124 25.11 -16.31 2.10
N PRO A 125 25.96 -17.27 1.68
CA PRO A 125 25.56 -18.67 1.53
C PRO A 125 25.31 -19.35 2.88
N SER A 126 24.13 -19.94 3.03
CA SER A 126 23.76 -20.61 4.27
C SER A 126 23.91 -22.12 4.13
N SER A 127 24.05 -22.80 5.25
CA SER A 127 24.20 -24.26 5.26
C SER A 127 22.99 -24.93 4.61
N GLY A 128 21.80 -24.41 4.90
CA GLY A 128 20.59 -24.97 4.33
C GLY A 128 19.58 -23.91 3.97
N GLY A 1 1.19 -7.76 -22.02
CA GLY A 1 0.42 -8.85 -22.59
C GLY A 1 -0.12 -9.80 -21.55
N SER A 2 -0.64 -9.23 -20.46
CA SER A 2 -1.19 -10.04 -19.38
C SER A 2 -2.26 -9.26 -18.62
N SER A 3 -3.43 -9.89 -18.46
CA SER A 3 -4.55 -9.26 -17.77
C SER A 3 -5.15 -10.20 -16.73
N GLY A 4 -4.28 -10.91 -16.01
CA GLY A 4 -4.74 -11.84 -14.99
C GLY A 4 -5.77 -12.80 -15.53
N SER A 5 -6.72 -13.18 -14.67
CA SER A 5 -7.78 -14.12 -15.05
C SER A 5 -8.83 -14.22 -13.96
N SER A 6 -10.10 -14.14 -14.36
CA SER A 6 -11.20 -14.23 -13.41
C SER A 6 -12.40 -14.95 -14.04
N GLY A 7 -13.28 -15.45 -13.19
CA GLY A 7 -14.46 -16.15 -13.67
C GLY A 7 -15.73 -15.72 -12.96
N HIS A 8 -16.12 -14.47 -13.16
CA HIS A 8 -17.32 -13.93 -12.54
C HIS A 8 -17.83 -12.70 -13.30
N PHE A 9 -19.11 -12.72 -13.64
CA PHE A 9 -19.72 -11.62 -14.37
C PHE A 9 -20.78 -10.93 -13.52
N PRO A 10 -20.35 -10.03 -12.64
CA PRO A 10 -21.25 -9.28 -11.76
C PRO A 10 -22.10 -8.27 -12.51
N ALA A 11 -22.99 -7.59 -11.79
CA ALA A 11 -23.86 -6.58 -12.39
C ALA A 11 -23.07 -5.35 -12.81
N ARG A 12 -23.23 -4.94 -14.05
CA ARG A 12 -22.54 -3.77 -14.57
C ARG A 12 -23.27 -2.48 -14.21
N VAL A 13 -23.70 -2.39 -12.94
CA VAL A 13 -24.41 -1.22 -12.46
C VAL A 13 -23.62 -0.49 -11.38
N LYS A 14 -23.57 0.83 -11.48
CA LYS A 14 -22.85 1.65 -10.51
C LYS A 14 -23.78 2.11 -9.39
N VAL A 15 -23.29 2.01 -8.16
CA VAL A 15 -24.07 2.41 -6.99
C VAL A 15 -23.26 3.34 -6.08
N GLU A 16 -23.84 4.48 -5.75
CA GLU A 16 -23.19 5.45 -4.88
C GLU A 16 -22.39 4.75 -3.78
N PRO A 17 -21.33 5.41 -3.29
CA PRO A 17 -20.48 4.87 -2.24
C PRO A 17 -21.18 4.80 -0.89
N ALA A 18 -20.81 3.81 -0.08
CA ALA A 18 -21.41 3.64 1.24
C ALA A 18 -20.39 3.88 2.34
N VAL A 19 -19.23 4.44 1.96
CA VAL A 19 -18.16 4.72 2.92
C VAL A 19 -17.69 6.15 2.79
N ASP A 20 -17.14 6.68 3.88
CA ASP A 20 -16.64 8.05 3.89
C ASP A 20 -15.26 8.13 3.25
N THR A 21 -14.30 7.38 3.79
CA THR A 21 -12.94 7.37 3.27
C THR A 21 -12.46 8.78 2.98
N SER A 22 -12.61 9.67 3.96
CA SER A 22 -12.19 11.06 3.80
C SER A 22 -11.43 11.54 5.04
N ARG A 23 -11.26 10.64 6.01
CA ARG A 23 -10.56 10.97 7.24
C ARG A 23 -9.52 9.90 7.58
N ILE A 24 -8.99 9.26 6.55
CA ILE A 24 -8.00 8.21 6.74
C ILE A 24 -6.61 8.81 6.93
N LYS A 25 -6.01 8.56 8.09
CA LYS A 25 -4.68 9.08 8.40
C LYS A 25 -3.63 7.97 8.27
N VAL A 26 -2.57 8.26 7.52
CA VAL A 26 -1.49 7.30 7.33
C VAL A 26 -0.16 7.83 7.85
N PHE A 27 0.51 7.04 8.68
CA PHE A 27 1.79 7.45 9.25
C PHE A 27 2.81 6.31 9.14
N GLY A 28 4.02 6.65 8.72
CA GLY A 28 5.07 5.67 8.58
C GLY A 28 6.01 5.97 7.43
N PRO A 29 7.18 5.33 7.43
CA PRO A 29 8.19 5.51 6.38
C PRO A 29 7.76 4.92 5.05
N GLY A 30 7.08 3.78 5.11
CA GLY A 30 6.61 3.13 3.90
C GLY A 30 5.76 4.04 3.03
N ILE A 31 5.20 5.08 3.65
CA ILE A 31 4.36 6.02 2.93
C ILE A 31 4.99 7.41 2.89
N GLU A 32 5.92 7.65 3.81
CA GLU A 32 6.60 8.94 3.89
C GLU A 32 7.84 8.95 2.99
N GLY A 33 8.69 7.93 3.14
CA GLY A 33 9.88 7.85 2.34
C GLY A 33 11.15 8.13 3.14
N LYS A 34 11.19 7.63 4.37
CA LYS A 34 12.34 7.83 5.24
C LYS A 34 13.35 6.69 5.08
N ASP A 35 12.99 5.51 5.58
CA ASP A 35 13.87 4.35 5.49
C ASP A 35 13.39 3.39 4.40
N VAL A 36 12.80 3.95 3.35
CA VAL A 36 12.29 3.15 2.24
C VAL A 36 13.39 2.87 1.21
N PHE A 37 14.63 3.16 1.60
CA PHE A 37 15.76 2.95 0.70
C PHE A 37 15.62 1.64 -0.07
N ARG A 38 16.24 1.59 -1.25
CA ARG A 38 16.16 0.40 -2.09
C ARG A 38 16.63 -0.84 -1.33
N GLU A 39 15.87 -1.92 -1.47
CA GLU A 39 16.20 -3.17 -0.78
C GLU A 39 16.07 -3.02 0.73
N ALA A 40 15.09 -2.24 1.15
CA ALA A 40 14.86 -2.02 2.58
C ALA A 40 13.42 -2.35 2.97
N THR A 41 13.27 -3.04 4.09
CA THR A 41 11.95 -3.43 4.58
C THR A 41 11.23 -2.25 5.23
N THR A 42 10.31 -1.64 4.48
CA THR A 42 9.56 -0.50 4.99
C THR A 42 8.06 -0.77 4.95
N ASP A 43 7.33 -0.23 5.93
CA ASP A 43 5.90 -0.41 6.01
C ASP A 43 5.23 0.78 6.68
N PHE A 44 3.95 0.98 6.39
CA PHE A 44 3.19 2.09 6.96
C PHE A 44 1.97 1.58 7.71
N THR A 45 1.26 2.50 8.36
CA THR A 45 0.06 2.14 9.12
C THR A 45 -1.13 3.01 8.69
N VAL A 46 -2.30 2.38 8.61
CA VAL A 46 -3.52 3.08 8.22
C VAL A 46 -4.57 3.04 9.33
N ASP A 47 -4.95 4.20 9.83
CA ASP A 47 -5.95 4.28 10.89
C ASP A 47 -7.27 4.82 10.36
N SER A 48 -8.33 4.04 10.51
CA SER A 48 -9.65 4.44 10.05
C SER A 48 -10.71 4.22 11.13
N ARG A 49 -11.49 5.25 11.39
CA ARG A 49 -12.54 5.17 12.40
C ARG A 49 -13.85 4.67 11.80
N PRO A 50 -14.46 5.52 10.94
CA PRO A 50 -15.73 5.19 10.28
C PRO A 50 -15.56 4.09 9.24
N LEU A 51 -14.41 3.44 9.24
CA LEU A 51 -14.12 2.37 8.29
C LEU A 51 -13.88 1.05 9.02
N THR A 52 -13.02 1.08 10.03
CA THR A 52 -12.71 -0.12 10.80
C THR A 52 -12.52 0.21 12.27
N GLN A 53 -13.02 -0.67 13.14
CA GLN A 53 -12.89 -0.47 14.58
C GLN A 53 -12.07 -1.57 15.22
N VAL A 54 -12.13 -2.77 14.65
CA VAL A 54 -11.39 -3.91 15.16
C VAL A 54 -10.62 -4.60 14.05
N GLY A 55 -10.11 -3.82 13.11
CA GLY A 55 -9.35 -4.37 12.00
C GLY A 55 -10.25 -4.91 10.91
N GLY A 56 -9.66 -5.20 9.75
CA GLY A 56 -10.43 -5.72 8.63
C GLY A 56 -9.54 -6.19 7.49
N ASP A 57 -10.17 -6.71 6.44
CA ASP A 57 -9.44 -7.20 5.28
C ASP A 57 -9.97 -6.58 3.99
N HIS A 58 -10.29 -5.30 4.04
CA HIS A 58 -10.81 -4.59 2.88
C HIS A 58 -9.82 -3.53 2.40
N ILE A 59 -8.53 -3.79 2.59
CA ILE A 59 -7.49 -2.85 2.18
C ILE A 59 -6.63 -3.45 1.08
N LYS A 60 -6.25 -2.61 0.11
CA LYS A 60 -5.42 -3.05 -1.00
C LYS A 60 -4.54 -1.92 -1.49
N ALA A 61 -3.26 -2.21 -1.73
CA ALA A 61 -2.32 -1.22 -2.22
C ALA A 61 -1.56 -1.74 -3.44
N HIS A 62 -1.08 -0.81 -4.26
CA HIS A 62 -0.33 -1.17 -5.47
C HIS A 62 0.81 -0.18 -5.70
N ILE A 63 2.04 -0.71 -5.71
CA ILE A 63 3.22 0.12 -5.92
C ILE A 63 3.60 0.16 -7.40
N ALA A 64 4.08 1.31 -7.86
CA ALA A 64 4.47 1.47 -9.26
C ALA A 64 5.83 2.16 -9.35
N ASN A 65 6.84 1.41 -9.76
CA ASN A 65 8.19 1.95 -9.90
C ASN A 65 8.25 2.99 -11.02
N PRO A 66 9.17 3.95 -10.89
CA PRO A 66 9.35 5.02 -11.89
C PRO A 66 9.94 4.49 -13.19
N SER A 67 10.20 3.19 -13.24
CA SER A 67 10.76 2.56 -14.43
C SER A 67 9.72 1.72 -15.15
N GLY A 68 8.71 1.27 -14.40
CA GLY A 68 7.67 0.46 -15.00
C GLY A 68 7.37 -0.78 -14.17
N ALA A 69 8.38 -1.29 -13.48
CA ALA A 69 8.22 -2.48 -12.65
C ALA A 69 7.14 -2.27 -11.60
N SER A 70 6.80 -3.33 -10.88
CA SER A 70 5.77 -3.27 -9.85
C SER A 70 6.23 -4.00 -8.58
N THR A 71 6.18 -3.30 -7.46
CA THR A 71 6.59 -3.88 -6.19
C THR A 71 5.39 -4.41 -5.41
N GLU A 72 5.31 -5.73 -5.28
CA GLU A 72 4.21 -6.36 -4.56
C GLU A 72 4.01 -5.72 -3.19
N CYS A 73 2.78 -5.79 -2.68
CA CYS A 73 2.47 -5.21 -1.38
C CYS A 73 1.92 -6.27 -0.43
N PHE A 74 2.24 -6.14 0.85
CA PHE A 74 1.79 -7.09 1.86
C PHE A 74 1.04 -6.38 2.97
N VAL A 75 -0.29 -6.45 2.91
CA VAL A 75 -1.14 -5.80 3.92
C VAL A 75 -1.33 -6.71 5.13
N THR A 76 -1.21 -6.13 6.32
CA THR A 76 -1.37 -6.89 7.56
C THR A 76 -2.26 -6.14 8.55
N ASP A 77 -3.39 -6.75 8.91
CA ASP A 77 -4.31 -6.13 9.85
C ASP A 77 -3.97 -6.52 11.29
N ASN A 78 -3.78 -5.51 12.13
CA ASN A 78 -3.44 -5.76 13.53
C ASN A 78 -4.69 -6.06 14.35
N ALA A 79 -5.80 -6.30 13.65
CA ALA A 79 -7.07 -6.62 14.32
C ALA A 79 -7.30 -5.68 15.50
N ASP A 80 -6.94 -4.41 15.33
CA ASP A 80 -7.12 -3.41 16.38
C ASP A 80 -7.88 -2.20 15.86
N GLY A 81 -7.74 -1.94 14.57
CA GLY A 81 -8.42 -0.81 13.96
C GLY A 81 -7.62 -0.16 12.86
N THR A 82 -6.37 -0.62 12.69
CA THR A 82 -5.50 -0.08 11.67
C THR A 82 -4.86 -1.20 10.85
N TYR A 83 -4.31 -0.84 9.69
CA TYR A 83 -3.67 -1.82 8.82
C TYR A 83 -2.16 -1.57 8.74
N GLN A 84 -1.42 -2.60 8.33
CA GLN A 84 0.03 -2.49 8.21
C GLN A 84 0.52 -3.11 6.91
N VAL A 85 0.89 -2.26 5.96
CA VAL A 85 1.37 -2.72 4.66
C VAL A 85 2.90 -2.66 4.59
N GLU A 86 3.50 -3.81 4.31
CA GLU A 86 4.96 -3.89 4.22
C GLU A 86 5.39 -4.24 2.80
N TYR A 87 6.40 -3.54 2.30
CA TYR A 87 6.91 -3.77 0.95
C TYR A 87 8.38 -3.39 0.85
N THR A 88 9.07 -3.98 -0.13
CA THR A 88 10.48 -3.71 -0.33
C THR A 88 10.75 -3.23 -1.75
N PRO A 89 10.93 -1.91 -1.92
CA PRO A 89 11.21 -1.30 -3.22
C PRO A 89 12.59 -1.65 -3.75
N PHE A 90 12.62 -2.25 -4.94
CA PHE A 90 13.88 -2.65 -5.56
C PHE A 90 14.30 -1.64 -6.63
N GLU A 91 14.04 -0.36 -6.37
CA GLU A 91 14.38 0.69 -7.31
C GLU A 91 14.42 2.05 -6.61
N LYS A 92 15.53 2.76 -6.76
CA LYS A 92 15.70 4.07 -6.14
C LYS A 92 14.95 5.14 -6.94
N GLY A 93 13.85 5.63 -6.38
CA GLY A 93 13.06 6.65 -7.05
C GLY A 93 11.69 6.82 -6.44
N LEU A 94 10.89 7.72 -7.00
CA LEU A 94 9.54 7.98 -6.50
C LEU A 94 8.54 7.05 -7.15
N HIS A 95 7.89 6.22 -6.34
CA HIS A 95 6.89 5.27 -6.84
C HIS A 95 5.48 5.77 -6.56
N VAL A 96 4.51 5.26 -7.31
CA VAL A 96 3.12 5.66 -7.14
C VAL A 96 2.31 4.55 -6.47
N VAL A 97 2.04 4.72 -5.18
CA VAL A 97 1.28 3.74 -4.43
C VAL A 97 -0.21 4.09 -4.41
N GLU A 98 -1.04 3.17 -4.87
CA GLU A 98 -2.48 3.38 -4.91
C GLU A 98 -3.15 2.80 -3.66
N VAL A 99 -4.26 3.41 -3.26
CA VAL A 99 -4.99 2.95 -2.08
C VAL A 99 -6.50 3.09 -2.29
N THR A 100 -7.21 1.98 -2.08
CA THR A 100 -8.65 1.97 -2.25
C THR A 100 -9.33 1.17 -1.14
N TYR A 101 -10.23 1.82 -0.41
CA TYR A 101 -10.95 1.19 0.69
C TYR A 101 -12.39 0.90 0.30
N ASP A 102 -12.68 -0.35 -0.02
CA ASP A 102 -14.02 -0.76 -0.41
C ASP A 102 -14.45 -0.07 -1.70
N ASP A 103 -13.62 -0.19 -2.73
CA ASP A 103 -13.90 0.42 -4.02
C ASP A 103 -13.97 1.94 -3.90
N VAL A 104 -13.31 2.48 -2.89
CA VAL A 104 -13.29 3.93 -2.66
C VAL A 104 -11.89 4.41 -2.29
N PRO A 105 -11.26 5.13 -3.22
CA PRO A 105 -9.91 5.68 -3.00
C PRO A 105 -9.89 6.80 -1.97
N ILE A 106 -8.79 6.88 -1.23
CA ILE A 106 -8.65 7.92 -0.20
C ILE A 106 -8.18 9.24 -0.81
N PRO A 107 -8.42 10.34 -0.09
CA PRO A 107 -8.04 11.68 -0.53
C PRO A 107 -6.53 11.88 -0.51
N ASN A 108 -5.80 10.81 -0.22
CA ASN A 108 -4.34 10.87 -0.17
C ASN A 108 -3.72 10.05 -1.29
N SER A 109 -4.57 9.43 -2.11
CA SER A 109 -4.10 8.62 -3.22
C SER A 109 -4.33 9.32 -4.55
N PRO A 110 -3.42 9.07 -5.51
CA PRO A 110 -2.28 8.18 -5.31
C PRO A 110 -1.25 8.76 -4.34
N PHE A 111 -0.35 7.91 -3.86
CA PHE A 111 0.69 8.33 -2.94
C PHE A 111 2.01 8.52 -3.67
N LYS A 112 2.97 9.15 -2.98
CA LYS A 112 4.29 9.41 -3.56
C LYS A 112 5.39 9.10 -2.55
N VAL A 113 6.12 8.02 -2.79
CA VAL A 113 7.21 7.62 -1.89
C VAL A 113 8.56 7.80 -2.56
N ALA A 114 9.31 8.79 -2.12
CA ALA A 114 10.63 9.07 -2.67
C ALA A 114 11.70 8.21 -2.00
N VAL A 115 12.08 7.12 -2.67
CA VAL A 115 13.10 6.22 -2.14
C VAL A 115 14.50 6.71 -2.47
N THR A 116 15.45 6.44 -1.57
CA THR A 116 16.83 6.85 -1.77
C THR A 116 17.80 5.82 -1.21
N GLU A 117 18.97 5.72 -1.82
CA GLU A 117 19.98 4.78 -1.38
C GLU A 117 20.64 5.24 -0.07
N GLY A 118 20.31 4.58 1.02
CA GLY A 118 20.86 4.93 2.32
C GLY A 118 21.87 3.91 2.82
N CYS A 119 21.50 3.19 3.88
CA CYS A 119 22.37 2.18 4.46
C CYS A 119 21.64 0.86 4.63
N GLN A 120 21.83 -0.05 3.67
CA GLN A 120 21.18 -1.35 3.71
C GLN A 120 22.20 -2.47 3.87
N PRO A 121 21.84 -3.52 4.62
CA PRO A 121 22.72 -4.66 4.86
C PRO A 121 22.91 -5.52 3.61
N SER A 122 24.10 -6.07 3.46
CA SER A 122 24.41 -6.91 2.30
C SER A 122 24.19 -8.38 2.62
N SER A 123 23.19 -8.97 1.96
CA SER A 123 22.86 -10.37 2.18
C SER A 123 23.67 -11.27 1.24
N GLY A 124 23.51 -12.58 1.39
CA GLY A 124 24.22 -13.52 0.55
C GLY A 124 23.31 -14.56 -0.07
N PRO A 125 23.87 -15.41 -0.93
CA PRO A 125 23.11 -16.46 -1.62
C PRO A 125 22.67 -17.57 -0.67
N SER A 126 21.36 -17.79 -0.60
CA SER A 126 20.80 -18.81 0.28
C SER A 126 19.80 -19.68 -0.47
N SER A 127 20.05 -20.99 -0.49
CA SER A 127 19.18 -21.93 -1.17
C SER A 127 17.72 -21.59 -0.94
N GLY A 128 16.88 -21.85 -1.94
CA GLY A 128 15.46 -21.56 -1.82
C GLY A 128 15.05 -20.37 -2.64
N GLY A 1 -1.32 -17.13 10.99
CA GLY A 1 -2.07 -16.81 9.79
C GLY A 1 -3.56 -17.06 9.94
N SER A 2 -3.94 -18.33 9.94
CA SER A 2 -5.34 -18.71 10.08
C SER A 2 -6.17 -18.13 8.94
N SER A 3 -5.62 -18.21 7.72
CA SER A 3 -6.31 -17.69 6.54
C SER A 3 -7.17 -18.77 5.90
N GLY A 4 -8.41 -18.41 5.56
CA GLY A 4 -9.32 -19.35 4.95
C GLY A 4 -9.39 -19.19 3.45
N SER A 5 -10.61 -19.23 2.91
CA SER A 5 -10.81 -19.09 1.47
C SER A 5 -10.80 -17.62 1.06
N SER A 6 -10.05 -17.32 0.00
CA SER A 6 -9.94 -15.95 -0.49
C SER A 6 -10.58 -15.82 -1.88
N GLY A 7 -10.79 -14.59 -2.32
CA GLY A 7 -11.38 -14.35 -3.62
C GLY A 7 -12.79 -13.80 -3.51
N HIS A 8 -12.98 -12.56 -3.96
CA HIS A 8 -14.29 -11.93 -3.92
C HIS A 8 -14.70 -11.43 -5.30
N PHE A 9 -16.00 -11.38 -5.54
CA PHE A 9 -16.52 -10.92 -6.83
C PHE A 9 -15.93 -9.56 -7.19
N PRO A 10 -15.22 -9.50 -8.33
CA PRO A 10 -14.60 -8.27 -8.82
C PRO A 10 -15.63 -7.25 -9.30
N ALA A 11 -15.98 -6.30 -8.43
CA ALA A 11 -16.95 -5.28 -8.78
C ALA A 11 -16.26 -4.05 -9.36
N ARG A 12 -16.45 -3.84 -10.67
CA ARG A 12 -15.85 -2.70 -11.35
C ARG A 12 -16.91 -1.89 -12.10
N VAL A 13 -18.11 -1.83 -11.53
CA VAL A 13 -19.20 -1.09 -12.15
C VAL A 13 -19.49 0.20 -11.38
N LYS A 14 -19.88 1.24 -12.11
CA LYS A 14 -20.19 2.53 -11.51
C LYS A 14 -21.24 2.38 -10.42
N VAL A 15 -20.80 2.42 -9.16
CA VAL A 15 -21.71 2.29 -8.03
C VAL A 15 -21.32 3.24 -6.91
N GLU A 16 -22.20 4.22 -6.64
CA GLU A 16 -21.94 5.20 -5.59
C GLU A 16 -21.20 4.56 -4.42
N PRO A 17 -20.32 5.35 -3.78
CA PRO A 17 -19.54 4.88 -2.63
C PRO A 17 -20.39 4.67 -1.39
N ALA A 18 -20.03 3.67 -0.59
CA ALA A 18 -20.77 3.36 0.63
C ALA A 18 -19.86 3.47 1.86
N VAL A 19 -18.73 4.13 1.69
CA VAL A 19 -17.78 4.31 2.79
C VAL A 19 -17.22 5.73 2.82
N ASP A 20 -17.12 6.30 4.01
CA ASP A 20 -16.61 7.66 4.18
C ASP A 20 -15.21 7.79 3.57
N THR A 21 -14.22 7.20 4.25
CA THR A 21 -12.85 7.26 3.78
C THR A 21 -12.45 8.67 3.40
N SER A 22 -12.78 9.63 4.26
CA SER A 22 -12.46 11.03 4.00
C SER A 22 -11.57 11.59 5.11
N ARG A 23 -11.33 10.79 6.14
CA ARG A 23 -10.49 11.19 7.26
C ARG A 23 -9.42 10.15 7.55
N ILE A 24 -9.05 9.39 6.53
CA ILE A 24 -8.03 8.35 6.69
C ILE A 24 -6.63 8.96 6.72
N LYS A 25 -5.89 8.65 7.78
CA LYS A 25 -4.53 9.15 7.95
C LYS A 25 -3.51 8.02 7.86
N VAL A 26 -2.39 8.29 7.22
CA VAL A 26 -1.33 7.30 7.08
C VAL A 26 0.01 7.84 7.56
N PHE A 27 0.61 7.13 8.53
CA PHE A 27 1.89 7.55 9.09
C PHE A 27 2.90 6.41 9.02
N GLY A 28 4.12 6.74 8.60
CA GLY A 28 5.17 5.74 8.50
C GLY A 28 6.13 6.02 7.36
N PRO A 29 7.29 5.35 7.38
CA PRO A 29 8.32 5.52 6.35
C PRO A 29 7.90 4.94 5.01
N GLY A 30 7.14 3.85 5.06
CA GLY A 30 6.69 3.21 3.83
C GLY A 30 5.86 4.14 2.97
N ILE A 31 5.26 5.14 3.59
CA ILE A 31 4.42 6.09 2.87
C ILE A 31 5.10 7.46 2.81
N GLU A 32 5.98 7.73 3.77
CA GLU A 32 6.69 9.00 3.82
C GLU A 32 7.94 8.96 2.94
N GLY A 33 8.74 7.92 3.12
CA GLY A 33 9.96 7.78 2.34
C GLY A 33 11.21 8.06 3.16
N LYS A 34 11.23 7.58 4.39
CA LYS A 34 12.37 7.78 5.28
C LYS A 34 13.38 6.64 5.15
N ASP A 35 12.99 5.46 5.66
CA ASP A 35 13.86 4.29 5.59
C ASP A 35 13.36 3.30 4.55
N VAL A 36 12.87 3.82 3.43
CA VAL A 36 12.35 2.99 2.36
C VAL A 36 13.43 2.71 1.31
N PHE A 37 14.68 2.89 1.70
CA PHE A 37 15.81 2.66 0.81
C PHE A 37 15.58 1.41 -0.04
N ARG A 38 16.28 1.32 -1.17
CA ARG A 38 16.15 0.19 -2.07
C ARG A 38 16.51 -1.11 -1.35
N GLU A 39 15.73 -2.16 -1.59
CA GLU A 39 15.98 -3.46 -0.97
C GLU A 39 15.85 -3.37 0.55
N ALA A 40 14.91 -2.55 1.01
CA ALA A 40 14.68 -2.37 2.44
C ALA A 40 13.24 -2.71 2.81
N THR A 41 13.07 -3.30 3.99
CA THR A 41 11.75 -3.68 4.47
C THR A 41 11.07 -2.53 5.19
N THR A 42 10.19 -1.82 4.48
CA THR A 42 9.47 -0.69 5.05
C THR A 42 7.96 -0.94 5.05
N ASP A 43 7.27 -0.36 6.02
CA ASP A 43 5.83 -0.51 6.12
C ASP A 43 5.20 0.72 6.79
N PHE A 44 3.95 1.00 6.42
CA PHE A 44 3.23 2.14 6.98
C PHE A 44 2.02 1.69 7.78
N THR A 45 1.35 2.64 8.42
CA THR A 45 0.17 2.33 9.22
C THR A 45 -1.02 3.19 8.79
N VAL A 46 -2.15 2.54 8.55
CA VAL A 46 -3.37 3.24 8.15
C VAL A 46 -4.39 3.28 9.27
N ASP A 47 -4.63 4.47 9.80
CA ASP A 47 -5.60 4.64 10.88
C ASP A 47 -7.01 4.88 10.34
N SER A 48 -7.95 4.03 10.75
CA SER A 48 -9.33 4.15 10.30
C SER A 48 -10.29 4.08 11.47
N ARG A 49 -11.20 5.04 11.54
CA ARG A 49 -12.19 5.09 12.61
C ARG A 49 -13.58 4.76 12.09
N PRO A 50 -14.16 5.70 11.32
CA PRO A 50 -15.50 5.52 10.74
C PRO A 50 -15.52 4.45 9.65
N LEU A 51 -14.48 3.63 9.61
CA LEU A 51 -14.39 2.56 8.62
C LEU A 51 -14.28 1.20 9.29
N THR A 52 -13.44 1.11 10.32
CA THR A 52 -13.24 -0.13 11.04
C THR A 52 -13.10 0.13 12.54
N GLN A 53 -13.44 -0.88 13.34
CA GLN A 53 -13.34 -0.76 14.80
C GLN A 53 -12.48 -1.87 15.38
N VAL A 54 -12.60 -3.07 14.81
CA VAL A 54 -11.82 -4.21 15.28
C VAL A 54 -10.98 -4.80 14.14
N GLY A 55 -10.40 -3.92 13.33
CA GLY A 55 -9.58 -4.38 12.22
C GLY A 55 -10.38 -5.04 11.13
N GLY A 56 -9.90 -4.96 9.89
CA GLY A 56 -10.60 -5.57 8.78
C GLY A 56 -9.65 -6.13 7.74
N ASP A 57 -10.21 -6.68 6.67
CA ASP A 57 -9.41 -7.26 5.60
C ASP A 57 -9.91 -6.79 4.23
N HIS A 58 -10.23 -5.50 4.13
CA HIS A 58 -10.72 -4.93 2.89
C HIS A 58 -9.76 -3.88 2.36
N ILE A 59 -8.48 -4.02 2.70
CA ILE A 59 -7.47 -3.07 2.26
C ILE A 59 -6.62 -3.65 1.13
N LYS A 60 -6.17 -2.79 0.23
CA LYS A 60 -5.35 -3.22 -0.90
C LYS A 60 -4.52 -2.05 -1.44
N ALA A 61 -3.25 -2.33 -1.71
CA ALA A 61 -2.34 -1.31 -2.22
C ALA A 61 -1.63 -1.80 -3.48
N HIS A 62 -1.05 -0.86 -4.23
CA HIS A 62 -0.32 -1.20 -5.45
C HIS A 62 0.76 -0.17 -5.75
N ILE A 63 2.01 -0.60 -5.60
CA ILE A 63 3.15 0.29 -5.85
C ILE A 63 3.52 0.30 -7.33
N ALA A 64 3.96 1.47 -7.81
CA ALA A 64 4.35 1.61 -9.20
C ALA A 64 5.69 2.33 -9.32
N ASN A 65 6.72 1.60 -9.72
CA ASN A 65 8.06 2.17 -9.88
C ASN A 65 8.08 3.19 -11.01
N PRO A 66 9.04 4.13 -10.94
CA PRO A 66 9.19 5.18 -11.95
C PRO A 66 9.69 4.64 -13.28
N SER A 67 9.92 3.32 -13.33
CA SER A 67 10.40 2.68 -14.55
C SER A 67 9.29 1.84 -15.19
N GLY A 68 8.36 1.37 -14.37
CA GLY A 68 7.26 0.56 -14.87
C GLY A 68 6.99 -0.66 -14.01
N ALA A 69 8.04 -1.15 -13.34
CA ALA A 69 7.90 -2.31 -12.48
C ALA A 69 6.93 -2.05 -11.34
N SER A 70 6.65 -3.08 -10.56
CA SER A 70 5.71 -2.96 -9.43
C SER A 70 6.23 -3.73 -8.22
N THR A 71 6.19 -3.07 -7.06
CA THR A 71 6.65 -3.69 -5.83
C THR A 71 5.51 -4.34 -5.07
N GLU A 72 5.52 -5.66 -5.00
CA GLU A 72 4.48 -6.41 -4.29
C GLU A 72 4.31 -5.90 -2.87
N CYS A 73 3.08 -5.57 -2.50
CA CYS A 73 2.78 -5.07 -1.17
C CYS A 73 2.08 -6.13 -0.32
N PHE A 74 2.33 -6.12 0.98
CA PHE A 74 1.72 -7.08 1.89
C PHE A 74 0.95 -6.38 3.00
N VAL A 75 -0.37 -6.44 2.92
CA VAL A 75 -1.23 -5.81 3.91
C VAL A 75 -1.41 -6.71 5.14
N THR A 76 -1.27 -6.12 6.32
CA THR A 76 -1.42 -6.85 7.57
C THR A 76 -2.29 -6.09 8.57
N ASP A 77 -3.47 -6.62 8.84
CA ASP A 77 -4.39 -5.99 9.78
C ASP A 77 -4.05 -6.37 11.22
N ASN A 78 -3.96 -5.38 12.09
CA ASN A 78 -3.64 -5.61 13.49
C ASN A 78 -4.90 -5.99 14.28
N ALA A 79 -5.94 -6.39 13.56
CA ALA A 79 -7.20 -6.77 14.19
C ALA A 79 -7.55 -5.84 15.34
N ASP A 80 -7.09 -4.59 15.25
CA ASP A 80 -7.35 -3.60 16.29
C ASP A 80 -8.09 -2.41 15.71
N GLY A 81 -7.81 -2.08 14.45
CA GLY A 81 -8.46 -0.95 13.81
C GLY A 81 -7.58 -0.28 12.78
N THR A 82 -6.29 -0.64 12.77
CA THR A 82 -5.35 -0.07 11.83
C THR A 82 -4.76 -1.14 10.92
N TYR A 83 -4.18 -0.71 9.80
CA TYR A 83 -3.59 -1.63 8.85
C TYR A 83 -2.09 -1.37 8.69
N GLN A 84 -1.33 -2.44 8.49
CA GLN A 84 0.12 -2.32 8.33
C GLN A 84 0.58 -3.00 7.04
N VAL A 85 0.91 -2.20 6.03
CA VAL A 85 1.37 -2.72 4.75
C VAL A 85 2.88 -2.63 4.63
N GLU A 86 3.51 -3.75 4.29
CA GLU A 86 4.97 -3.80 4.14
C GLU A 86 5.35 -4.10 2.70
N TYR A 87 6.36 -3.40 2.20
CA TYR A 87 6.83 -3.59 0.84
C TYR A 87 8.32 -3.26 0.72
N THR A 88 8.99 -3.93 -0.21
CA THR A 88 10.41 -3.71 -0.42
C THR A 88 10.69 -3.25 -1.85
N PRO A 89 10.89 -1.93 -2.03
CA PRO A 89 11.17 -1.34 -3.34
C PRO A 89 12.55 -1.72 -3.86
N PHE A 90 12.58 -2.37 -5.03
CA PHE A 90 13.84 -2.78 -5.64
C PHE A 90 14.30 -1.76 -6.67
N GLU A 91 14.08 -0.47 -6.37
CA GLU A 91 14.47 0.60 -7.27
C GLU A 91 14.47 1.94 -6.56
N LYS A 92 15.58 2.66 -6.65
CA LYS A 92 15.70 3.97 -6.02
C LYS A 92 14.99 5.04 -6.83
N GLY A 93 13.74 5.34 -6.47
CA GLY A 93 12.98 6.35 -7.18
C GLY A 93 11.62 6.59 -6.56
N LEU A 94 10.88 7.54 -7.12
CA LEU A 94 9.55 7.87 -6.61
C LEU A 94 8.48 6.97 -7.24
N HIS A 95 7.82 6.18 -6.40
CA HIS A 95 6.77 5.28 -6.87
C HIS A 95 5.39 5.82 -6.52
N VAL A 96 4.38 5.35 -7.24
CA VAL A 96 3.01 5.79 -7.01
C VAL A 96 2.18 4.68 -6.36
N VAL A 97 1.85 4.86 -5.09
CA VAL A 97 1.06 3.87 -4.36
C VAL A 97 -0.44 4.21 -4.42
N GLU A 98 -1.22 3.29 -4.97
CA GLU A 98 -2.65 3.48 -5.09
C GLU A 98 -3.40 2.71 -4.00
N VAL A 99 -4.03 3.45 -3.09
CA VAL A 99 -4.78 2.82 -2.00
C VAL A 99 -6.28 2.92 -2.24
N THR A 100 -6.99 1.84 -1.95
CA THR A 100 -8.44 1.79 -2.14
C THR A 100 -9.11 1.01 -1.02
N TYR A 101 -10.02 1.67 -0.31
CA TYR A 101 -10.75 1.04 0.79
C TYR A 101 -12.18 0.72 0.38
N ASP A 102 -12.52 -0.56 0.36
CA ASP A 102 -13.86 -1.00 0.00
C ASP A 102 -14.23 -0.50 -1.39
N ASP A 103 -13.32 -0.67 -2.34
CA ASP A 103 -13.56 -0.23 -3.71
C ASP A 103 -13.73 1.29 -3.78
N VAL A 104 -13.06 2.00 -2.88
CA VAL A 104 -13.13 3.45 -2.84
C VAL A 104 -11.79 4.06 -2.44
N PRO A 105 -11.23 4.88 -3.34
CA PRO A 105 -9.94 5.54 -3.11
C PRO A 105 -10.04 6.63 -2.05
N ILE A 106 -8.91 6.91 -1.40
CA ILE A 106 -8.86 7.93 -0.35
C ILE A 106 -8.45 9.28 -0.92
N PRO A 107 -8.86 10.35 -0.23
CA PRO A 107 -8.55 11.73 -0.65
C PRO A 107 -7.07 12.06 -0.49
N ASN A 108 -6.28 11.07 -0.06
CA ASN A 108 -4.86 11.26 0.13
C ASN A 108 -4.06 10.63 -1.01
N SER A 109 -4.67 9.66 -1.69
CA SER A 109 -4.02 8.98 -2.80
C SER A 109 -4.34 9.68 -4.13
N PRO A 110 -3.52 9.40 -5.15
CA PRO A 110 -2.38 8.49 -5.03
C PRO A 110 -1.26 9.07 -4.17
N PHE A 111 -0.40 8.20 -3.65
CA PHE A 111 0.71 8.63 -2.82
C PHE A 111 2.00 8.70 -3.62
N LYS A 112 3.01 9.35 -3.04
CA LYS A 112 4.30 9.49 -3.71
C LYS A 112 5.45 9.20 -2.74
N VAL A 113 6.06 8.02 -2.89
CA VAL A 113 7.16 7.62 -2.04
C VAL A 113 8.50 7.77 -2.76
N ALA A 114 9.24 8.81 -2.43
CA ALA A 114 10.54 9.06 -3.05
C ALA A 114 11.64 8.26 -2.36
N VAL A 115 11.89 7.05 -2.85
CA VAL A 115 12.91 6.18 -2.27
C VAL A 115 14.30 6.72 -2.56
N THR A 116 15.22 6.49 -1.62
CA THR A 116 16.60 6.96 -1.77
C THR A 116 17.59 5.90 -1.31
N GLU A 117 18.79 5.91 -1.91
CA GLU A 117 19.82 4.95 -1.55
C GLU A 117 20.59 5.42 -0.32
N GLY A 118 20.54 4.62 0.74
CA GLY A 118 21.24 4.97 1.97
C GLY A 118 21.88 3.76 2.63
N CYS A 119 21.19 2.63 2.58
CA CYS A 119 21.70 1.40 3.19
C CYS A 119 22.38 1.69 4.52
N GLN A 120 21.75 2.55 5.32
CA GLN A 120 22.29 2.91 6.62
C GLN A 120 22.42 1.68 7.51
N PRO A 121 23.51 1.65 8.32
CA PRO A 121 23.78 0.55 9.23
C PRO A 121 22.80 0.48 10.39
N SER A 122 21.89 -0.49 10.34
CA SER A 122 20.89 -0.66 11.38
C SER A 122 21.53 -1.12 12.69
N SER A 123 21.26 -0.38 13.76
CA SER A 123 21.81 -0.71 15.07
C SER A 123 20.73 -1.22 16.01
N GLY A 124 21.03 -2.32 16.71
CA GLY A 124 20.06 -2.88 17.63
C GLY A 124 20.05 -4.40 17.58
N PRO A 125 19.44 -4.96 16.54
CA PRO A 125 19.34 -6.41 16.35
C PRO A 125 20.69 -7.05 16.04
N SER A 126 21.74 -6.23 16.02
CA SER A 126 23.08 -6.72 15.72
C SER A 126 23.28 -8.12 16.27
N SER A 127 23.19 -8.26 17.60
CA SER A 127 23.36 -9.55 18.24
C SER A 127 22.27 -10.53 17.82
N GLY A 128 22.58 -11.35 16.81
CA GLY A 128 21.61 -12.32 16.33
C GLY A 128 22.23 -13.35 15.42
N GLY A 1 7.46 -11.51 -11.74
CA GLY A 1 6.88 -10.71 -12.80
C GLY A 1 5.37 -10.83 -12.86
N SER A 2 4.89 -12.03 -13.17
CA SER A 2 3.45 -12.27 -13.26
C SER A 2 2.81 -12.24 -11.87
N SER A 3 1.53 -11.88 -11.83
CA SER A 3 0.80 -11.82 -10.57
C SER A 3 0.19 -13.17 -10.22
N GLY A 4 0.26 -13.53 -8.96
CA GLY A 4 -0.28 -14.81 -8.51
C GLY A 4 -1.61 -14.65 -7.81
N SER A 5 -2.47 -13.79 -8.35
CA SER A 5 -3.78 -13.54 -7.77
C SER A 5 -4.85 -13.49 -8.85
N SER A 6 -6.10 -13.75 -8.46
CA SER A 6 -7.22 -13.74 -9.40
C SER A 6 -8.53 -13.44 -8.68
N GLY A 7 -9.28 -12.48 -9.22
CA GLY A 7 -10.54 -12.11 -8.61
C GLY A 7 -10.90 -10.66 -8.85
N HIS A 8 -10.63 -10.18 -10.06
CA HIS A 8 -10.92 -8.80 -10.41
C HIS A 8 -11.70 -8.72 -11.73
N PHE A 9 -13.01 -8.59 -11.63
CA PHE A 9 -13.87 -8.52 -12.81
C PHE A 9 -13.94 -7.08 -13.32
N PRO A 10 -13.73 -6.92 -14.64
CA PRO A 10 -13.77 -5.61 -15.29
C PRO A 10 -15.17 -5.03 -15.35
N ALA A 11 -15.27 -3.78 -15.81
CA ALA A 11 -16.57 -3.11 -15.91
C ALA A 11 -17.31 -3.13 -14.58
N ARG A 12 -16.62 -2.72 -13.52
CA ARG A 12 -17.21 -2.70 -12.19
C ARG A 12 -18.57 -2.00 -12.21
N VAL A 13 -19.60 -2.69 -11.71
CA VAL A 13 -20.95 -2.15 -11.68
C VAL A 13 -21.01 -0.91 -10.78
N LYS A 14 -21.48 0.19 -11.35
CA LYS A 14 -21.60 1.45 -10.61
C LYS A 14 -22.51 1.27 -9.39
N VAL A 15 -21.99 1.62 -8.21
CA VAL A 15 -22.74 1.50 -6.98
C VAL A 15 -22.38 2.63 -6.01
N GLU A 16 -23.36 3.47 -5.70
CA GLU A 16 -23.14 4.59 -4.79
C GLU A 16 -22.16 4.20 -3.68
N PRO A 17 -21.33 5.17 -3.27
CA PRO A 17 -20.33 4.95 -2.22
C PRO A 17 -20.96 4.77 -0.84
N ALA A 18 -20.65 3.66 -0.19
CA ALA A 18 -21.18 3.38 1.14
C ALA A 18 -20.13 3.62 2.21
N VAL A 19 -19.09 4.38 1.87
CA VAL A 19 -18.03 4.69 2.81
C VAL A 19 -17.52 6.11 2.63
N ASP A 20 -17.04 6.70 3.71
CA ASP A 20 -16.52 8.07 3.67
C ASP A 20 -15.07 8.09 3.21
N THR A 21 -14.21 7.41 3.96
CA THR A 21 -12.79 7.34 3.64
C THR A 21 -12.28 8.71 3.19
N SER A 22 -12.74 9.76 3.85
CA SER A 22 -12.33 11.12 3.51
C SER A 22 -11.48 11.72 4.64
N ARG A 23 -11.39 11.00 5.76
CA ARG A 23 -10.62 11.47 6.91
C ARG A 23 -9.60 10.41 7.33
N ILE A 24 -9.14 9.63 6.37
CA ILE A 24 -8.15 8.58 6.64
C ILE A 24 -6.74 9.15 6.71
N LYS A 25 -6.07 8.89 7.82
CA LYS A 25 -4.70 9.38 8.02
C LYS A 25 -3.71 8.23 7.98
N VAL A 26 -2.61 8.41 7.23
CA VAL A 26 -1.58 7.39 7.11
C VAL A 26 -0.22 7.93 7.53
N PHE A 27 0.46 7.20 8.42
CA PHE A 27 1.78 7.60 8.89
C PHE A 27 2.75 6.45 8.85
N GLY A 28 4.01 6.75 8.54
CA GLY A 28 5.03 5.71 8.46
C GLY A 28 6.04 5.97 7.35
N PRO A 29 7.21 5.32 7.45
CA PRO A 29 8.27 5.46 6.46
C PRO A 29 7.92 4.82 5.12
N GLY A 30 7.14 3.74 5.17
CA GLY A 30 6.74 3.06 3.96
C GLY A 30 5.85 3.91 3.08
N ILE A 31 5.19 4.89 3.69
CA ILE A 31 4.29 5.78 2.97
C ILE A 31 4.89 7.18 2.84
N GLU A 32 5.84 7.49 3.72
CA GLU A 32 6.48 8.80 3.71
C GLU A 32 7.73 8.78 2.82
N GLY A 33 8.55 7.76 3.01
CA GLY A 33 9.77 7.63 2.22
C GLY A 33 11.02 7.90 3.05
N LYS A 34 11.02 7.39 4.28
CA LYS A 34 12.16 7.56 5.17
C LYS A 34 13.18 6.45 4.98
N ASP A 35 12.82 5.25 5.41
CA ASP A 35 13.70 4.09 5.29
C ASP A 35 13.25 3.17 4.17
N VAL A 36 12.68 3.77 3.12
CA VAL A 36 12.20 3.01 1.96
C VAL A 36 13.32 2.78 0.96
N PHE A 37 14.54 3.13 1.34
CA PHE A 37 15.70 2.96 0.48
C PHE A 37 15.62 1.65 -0.29
N ARG A 38 16.23 1.62 -1.47
CA ARG A 38 16.22 0.41 -2.30
C ARG A 38 16.66 -0.81 -1.50
N GLU A 39 15.95 -1.92 -1.69
CA GLU A 39 16.27 -3.15 -0.99
C GLU A 39 16.13 -2.97 0.52
N ALA A 40 15.11 -2.22 0.93
CA ALA A 40 14.87 -1.96 2.34
C ALA A 40 13.43 -2.31 2.72
N THR A 41 13.27 -2.92 3.90
CA THR A 41 11.95 -3.32 4.38
C THR A 41 11.24 -2.14 5.06
N THR A 42 10.28 -1.56 4.36
CA THR A 42 9.53 -0.43 4.90
C THR A 42 8.03 -0.72 4.91
N ASP A 43 7.33 -0.18 5.90
CA ASP A 43 5.90 -0.38 6.03
C ASP A 43 5.23 0.82 6.69
N PHE A 44 3.95 1.02 6.40
CA PHE A 44 3.20 2.14 6.98
C PHE A 44 2.00 1.64 7.76
N THR A 45 1.32 2.55 8.45
CA THR A 45 0.15 2.21 9.24
C THR A 45 -1.06 3.06 8.85
N VAL A 46 -2.19 2.41 8.60
CA VAL A 46 -3.41 3.11 8.23
C VAL A 46 -4.41 3.15 9.38
N ASP A 47 -4.68 4.35 9.88
CA ASP A 47 -5.62 4.53 10.98
C ASP A 47 -7.03 4.77 10.46
N SER A 48 -7.97 3.95 10.91
CA SER A 48 -9.36 4.07 10.49
C SER A 48 -10.30 3.99 11.68
N ARG A 49 -11.30 4.87 11.71
CA ARG A 49 -12.27 4.89 12.80
C ARG A 49 -13.67 4.56 12.29
N PRO A 50 -14.26 5.51 11.55
CA PRO A 50 -15.61 5.34 10.98
C PRO A 50 -15.65 4.30 9.87
N LEU A 51 -14.51 3.65 9.63
CA LEU A 51 -14.41 2.64 8.58
C LEU A 51 -14.30 1.25 9.20
N THR A 52 -13.52 1.14 10.28
CA THR A 52 -13.33 -0.14 10.95
C THR A 52 -13.08 0.07 12.44
N GLN A 53 -13.50 -0.90 13.25
CA GLN A 53 -13.32 -0.84 14.69
C GLN A 53 -12.51 -2.02 15.20
N VAL A 54 -12.71 -3.17 14.57
CA VAL A 54 -11.99 -4.38 14.96
C VAL A 54 -11.22 -4.96 13.78
N GLY A 55 -10.59 -4.09 13.00
CA GLY A 55 -9.82 -4.53 11.85
C GLY A 55 -10.71 -5.03 10.72
N GLY A 56 -10.13 -5.13 9.53
CA GLY A 56 -10.89 -5.59 8.37
C GLY A 56 -9.99 -6.13 7.27
N ASP A 57 -10.61 -6.50 6.15
CA ASP A 57 -9.85 -7.02 5.02
C ASP A 57 -10.30 -6.36 3.71
N HIS A 58 -10.58 -5.06 3.79
CA HIS A 58 -11.01 -4.31 2.61
C HIS A 58 -9.93 -3.33 2.17
N ILE A 59 -8.69 -3.63 2.52
CA ILE A 59 -7.57 -2.76 2.15
C ILE A 59 -6.75 -3.39 1.03
N LYS A 60 -6.21 -2.54 0.16
CA LYS A 60 -5.39 -3.01 -0.96
C LYS A 60 -4.52 -1.87 -1.50
N ALA A 61 -3.24 -2.19 -1.73
CA ALA A 61 -2.30 -1.20 -2.26
C ALA A 61 -1.55 -1.75 -3.47
N HIS A 62 -0.99 -0.84 -4.26
CA HIS A 62 -0.23 -1.23 -5.45
C HIS A 62 0.83 -0.19 -5.78
N ILE A 63 2.08 -0.53 -5.54
CA ILE A 63 3.19 0.38 -5.81
C ILE A 63 3.56 0.36 -7.29
N ALA A 64 4.03 1.49 -7.80
CA ALA A 64 4.42 1.60 -9.20
C ALA A 64 5.78 2.27 -9.34
N ASN A 65 6.79 1.49 -9.72
CA ASN A 65 8.13 2.01 -9.89
C ASN A 65 8.22 2.92 -11.12
N PRO A 66 9.16 3.87 -11.08
CA PRO A 66 9.38 4.82 -12.17
C PRO A 66 9.96 4.15 -13.42
N SER A 67 10.26 2.86 -13.30
CA SER A 67 10.83 2.11 -14.41
C SER A 67 9.74 1.32 -15.14
N GLY A 68 8.64 1.05 -14.44
CA GLY A 68 7.55 0.31 -15.03
C GLY A 68 7.18 -0.91 -14.22
N ALA A 69 8.06 -1.32 -13.32
CA ALA A 69 7.83 -2.48 -12.48
C ALA A 69 6.98 -2.11 -11.26
N SER A 70 6.55 -3.12 -10.51
CA SER A 70 5.73 -2.90 -9.33
C SER A 70 6.20 -3.77 -8.16
N THR A 71 6.34 -3.16 -6.99
CA THR A 71 6.79 -3.88 -5.80
C THR A 71 5.63 -4.61 -5.14
N GLU A 72 5.88 -5.84 -4.71
CA GLU A 72 4.86 -6.64 -4.05
C GLU A 72 4.53 -6.10 -2.66
N CYS A 73 3.26 -5.84 -2.42
CA CYS A 73 2.82 -5.31 -1.13
C CYS A 73 2.11 -6.38 -0.31
N PHE A 74 2.28 -6.32 1.01
CA PHE A 74 1.65 -7.29 1.90
C PHE A 74 0.93 -6.58 3.04
N VAL A 75 -0.39 -6.45 2.90
CA VAL A 75 -1.21 -5.80 3.93
C VAL A 75 -1.45 -6.73 5.11
N THR A 76 -1.28 -6.20 6.31
CA THR A 76 -1.48 -6.98 7.53
C THR A 76 -2.37 -6.23 8.52
N ASP A 77 -3.51 -6.83 8.86
CA ASP A 77 -4.43 -6.22 9.81
C ASP A 77 -4.15 -6.68 11.23
N ASN A 78 -4.00 -5.73 12.15
CA ASN A 78 -3.73 -6.04 13.54
C ASN A 78 -5.02 -6.38 14.28
N ALA A 79 -6.10 -6.55 13.53
CA ALA A 79 -7.39 -6.88 14.12
C ALA A 79 -7.72 -5.95 15.29
N ASP A 80 -7.31 -4.70 15.17
CA ASP A 80 -7.56 -3.71 16.22
C ASP A 80 -8.28 -2.49 15.65
N GLY A 81 -8.00 -2.18 14.39
CA GLY A 81 -8.63 -1.04 13.75
C GLY A 81 -7.73 -0.36 12.73
N THR A 82 -6.47 -0.78 12.71
CA THR A 82 -5.49 -0.21 11.78
C THR A 82 -4.90 -1.28 10.88
N TYR A 83 -4.21 -0.84 9.82
CA TYR A 83 -3.60 -1.77 8.88
C TYR A 83 -2.09 -1.52 8.77
N GLN A 84 -1.35 -2.58 8.47
CA GLN A 84 0.11 -2.47 8.35
C GLN A 84 0.58 -3.10 7.03
N VAL A 85 0.89 -2.24 6.06
CA VAL A 85 1.36 -2.72 4.77
C VAL A 85 2.89 -2.64 4.67
N GLU A 86 3.51 -3.77 4.37
CA GLU A 86 4.97 -3.83 4.25
C GLU A 86 5.38 -4.16 2.81
N TYR A 87 6.36 -3.43 2.32
CA TYR A 87 6.85 -3.64 0.95
C TYR A 87 8.32 -3.25 0.84
N THR A 88 9.05 -3.96 -0.03
CA THR A 88 10.47 -3.68 -0.24
C THR A 88 10.75 -3.35 -1.70
N PRO A 89 10.94 -2.05 -1.98
CA PRO A 89 11.23 -1.56 -3.33
C PRO A 89 12.62 -1.97 -3.81
N PHE A 90 12.67 -2.60 -4.98
CA PHE A 90 13.93 -3.06 -5.55
C PHE A 90 14.41 -2.09 -6.64
N GLU A 91 13.98 -0.84 -6.53
CA GLU A 91 14.37 0.19 -7.50
C GLU A 91 14.39 1.57 -6.86
N LYS A 92 15.51 2.27 -7.03
CA LYS A 92 15.66 3.61 -6.46
C LYS A 92 14.93 4.64 -7.32
N GLY A 93 13.90 5.26 -6.75
CA GLY A 93 13.15 6.26 -7.47
C GLY A 93 11.82 6.58 -6.81
N LEU A 94 11.01 7.40 -7.48
CA LEU A 94 9.70 7.78 -6.95
C LEU A 94 8.61 6.88 -7.49
N HIS A 95 7.94 6.16 -6.59
CA HIS A 95 6.86 5.25 -6.98
C HIS A 95 5.50 5.85 -6.62
N VAL A 96 4.45 5.36 -7.28
CA VAL A 96 3.10 5.84 -7.04
C VAL A 96 2.24 4.77 -6.39
N VAL A 97 1.95 4.94 -5.11
CA VAL A 97 1.14 3.98 -4.37
C VAL A 97 -0.33 4.34 -4.43
N GLU A 98 -1.15 3.42 -4.93
CA GLU A 98 -2.58 3.64 -5.05
C GLU A 98 -3.35 2.87 -3.99
N VAL A 99 -3.95 3.59 -3.04
CA VAL A 99 -4.71 2.98 -1.96
C VAL A 99 -6.20 3.08 -2.23
N THR A 100 -6.93 2.01 -1.91
CA THR A 100 -8.37 1.97 -2.11
C THR A 100 -9.06 1.23 -0.98
N TYR A 101 -10.02 1.89 -0.34
CA TYR A 101 -10.75 1.29 0.77
C TYR A 101 -12.20 0.99 0.36
N ASP A 102 -12.56 -0.28 0.44
CA ASP A 102 -13.91 -0.71 0.07
C ASP A 102 -14.29 -0.20 -1.32
N ASP A 103 -13.35 -0.32 -2.25
CA ASP A 103 -13.59 0.12 -3.62
C ASP A 103 -13.74 1.65 -3.69
N VAL A 104 -13.04 2.34 -2.79
CA VAL A 104 -13.10 3.80 -2.74
C VAL A 104 -11.75 4.38 -2.37
N PRO A 105 -11.17 5.18 -3.29
CA PRO A 105 -9.87 5.82 -3.07
C PRO A 105 -9.93 6.93 -2.01
N ILE A 106 -8.83 7.12 -1.29
CA ILE A 106 -8.77 8.14 -0.26
C ILE A 106 -8.27 9.47 -0.83
N PRO A 107 -8.62 10.58 -0.16
CA PRO A 107 -8.22 11.92 -0.58
C PRO A 107 -6.74 12.17 -0.38
N ASN A 108 -6.02 11.14 0.05
CA ASN A 108 -4.58 11.24 0.27
C ASN A 108 -3.81 10.61 -0.87
N SER A 109 -4.48 9.74 -1.63
CA SER A 109 -3.85 9.06 -2.75
C SER A 109 -4.18 9.76 -4.07
N PRO A 110 -3.37 9.50 -5.10
CA PRO A 110 -2.22 8.59 -5.00
C PRO A 110 -1.11 9.16 -4.14
N PHE A 111 -0.24 8.29 -3.63
CA PHE A 111 0.88 8.70 -2.79
C PHE A 111 2.17 8.76 -3.60
N LYS A 112 3.19 9.40 -3.04
CA LYS A 112 4.48 9.54 -3.71
C LYS A 112 5.62 9.24 -2.74
N VAL A 113 6.28 8.11 -2.95
CA VAL A 113 7.40 7.71 -2.10
C VAL A 113 8.73 7.94 -2.80
N ALA A 114 9.51 8.89 -2.28
CA ALA A 114 10.82 9.21 -2.86
C ALA A 114 11.92 8.41 -2.18
N VAL A 115 12.27 7.27 -2.77
CA VAL A 115 13.31 6.42 -2.22
C VAL A 115 14.69 7.05 -2.38
N THR A 116 15.52 6.94 -1.35
CA THR A 116 16.86 7.50 -1.38
C THR A 116 17.91 6.45 -1.06
N GLU A 117 19.18 6.79 -1.26
CA GLU A 117 20.27 5.88 -0.98
C GLU A 117 20.50 5.73 0.52
N GLY A 118 20.24 4.53 1.05
CA GLY A 118 20.42 4.29 2.46
C GLY A 118 21.46 3.21 2.74
N CYS A 119 21.18 2.00 2.28
CA CYS A 119 22.09 0.88 2.49
C CYS A 119 23.04 0.73 1.31
N GLN A 120 24.33 0.64 1.59
CA GLN A 120 25.34 0.50 0.55
C GLN A 120 25.09 -0.77 -0.28
N PRO A 121 25.14 -0.63 -1.60
CA PRO A 121 24.91 -1.74 -2.54
C PRO A 121 26.06 -2.74 -2.51
N SER A 122 25.91 -3.80 -1.71
CA SER A 122 26.94 -4.83 -1.59
C SER A 122 26.33 -6.22 -1.79
N SER A 123 27.19 -7.23 -1.78
CA SER A 123 26.75 -8.61 -1.96
C SER A 123 27.34 -9.52 -0.88
N GLY A 124 26.54 -10.46 -0.41
CA GLY A 124 27.00 -11.37 0.62
C GLY A 124 27.44 -12.71 0.05
N PRO A 125 28.21 -13.48 0.84
CA PRO A 125 28.71 -14.79 0.42
C PRO A 125 27.60 -15.83 0.33
N SER A 126 27.75 -16.77 -0.60
CA SER A 126 26.75 -17.81 -0.80
C SER A 126 27.42 -19.19 -0.87
N SER A 127 26.89 -20.14 -0.12
CA SER A 127 27.43 -21.49 -0.10
C SER A 127 26.76 -22.36 -1.15
N GLY A 128 25.44 -22.28 -1.21
CA GLY A 128 24.69 -23.08 -2.17
C GLY A 128 23.21 -23.13 -1.86
N GLY A 1 -12.14 -33.42 -1.85
CA GLY A 1 -13.34 -33.55 -2.66
C GLY A 1 -14.49 -32.72 -2.13
N SER A 2 -15.52 -32.54 -2.95
CA SER A 2 -16.68 -31.75 -2.56
C SER A 2 -17.92 -32.18 -3.35
N SER A 3 -19.06 -32.21 -2.67
CA SER A 3 -20.31 -32.61 -3.30
C SER A 3 -21.43 -31.63 -2.97
N GLY A 4 -22.37 -31.47 -3.89
CA GLY A 4 -23.48 -30.56 -3.68
C GLY A 4 -23.12 -29.13 -4.04
N SER A 5 -24.09 -28.41 -4.59
CA SER A 5 -23.88 -27.01 -5.00
C SER A 5 -25.12 -26.17 -4.70
N SER A 6 -24.89 -24.99 -4.15
CA SER A 6 -25.99 -24.07 -3.82
C SER A 6 -25.54 -22.62 -3.92
N GLY A 7 -26.49 -21.73 -4.17
CA GLY A 7 -26.17 -20.33 -4.30
C GLY A 7 -27.24 -19.55 -5.06
N HIS A 8 -27.05 -18.24 -5.17
CA HIS A 8 -28.00 -17.39 -5.88
C HIS A 8 -27.36 -16.78 -7.12
N PHE A 9 -28.14 -16.02 -7.88
CA PHE A 9 -27.65 -15.39 -9.09
C PHE A 9 -28.09 -13.92 -9.15
N PRO A 10 -27.26 -13.03 -8.59
CA PRO A 10 -27.54 -11.59 -8.58
C PRO A 10 -27.45 -10.96 -9.96
N ALA A 11 -27.87 -9.71 -10.07
CA ALA A 11 -27.82 -8.99 -11.33
C ALA A 11 -26.84 -7.83 -11.28
N ARG A 12 -26.59 -7.21 -12.43
CA ARG A 12 -25.66 -6.09 -12.51
C ARG A 12 -26.39 -4.76 -12.31
N VAL A 13 -25.98 -4.03 -11.28
CA VAL A 13 -26.60 -2.74 -10.99
C VAL A 13 -25.56 -1.75 -10.46
N LYS A 14 -25.69 -0.50 -10.88
CA LYS A 14 -24.77 0.56 -10.46
C LYS A 14 -24.39 0.39 -8.99
N VAL A 15 -23.17 0.77 -8.65
CA VAL A 15 -22.68 0.66 -7.28
C VAL A 15 -22.08 1.98 -6.81
N GLU A 16 -22.69 2.56 -5.78
CA GLU A 16 -22.22 3.83 -5.23
C GLU A 16 -21.56 3.62 -3.87
N PRO A 17 -20.58 4.49 -3.55
CA PRO A 17 -19.85 4.42 -2.28
C PRO A 17 -20.72 4.80 -1.08
N ALA A 18 -20.79 3.89 -0.11
CA ALA A 18 -21.59 4.13 1.09
C ALA A 18 -20.71 4.22 2.33
N VAL A 19 -19.40 4.38 2.11
CA VAL A 19 -18.45 4.47 3.21
C VAL A 19 -17.66 5.78 3.15
N ASP A 20 -17.26 6.27 4.31
CA ASP A 20 -16.50 7.51 4.39
C ASP A 20 -15.00 7.24 4.39
N THR A 21 -14.33 7.61 3.30
CA THR A 21 -12.90 7.40 3.17
C THR A 21 -12.18 8.70 2.81
N SER A 22 -12.53 9.78 3.51
CA SER A 22 -11.92 11.08 3.27
C SER A 22 -11.14 11.55 4.50
N ARG A 23 -11.32 10.85 5.61
CA ARG A 23 -10.65 11.20 6.86
C ARG A 23 -9.55 10.18 7.18
N ILE A 24 -9.26 9.31 6.20
CA ILE A 24 -8.23 8.29 6.39
C ILE A 24 -6.84 8.92 6.40
N LYS A 25 -6.10 8.69 7.48
CA LYS A 25 -4.75 9.22 7.62
C LYS A 25 -3.72 8.09 7.68
N VAL A 26 -2.59 8.30 7.02
CA VAL A 26 -1.53 7.30 6.99
C VAL A 26 -0.21 7.89 7.50
N PHE A 27 0.49 7.13 8.33
CA PHE A 27 1.77 7.58 8.88
C PHE A 27 2.79 6.44 8.86
N GLY A 28 4.04 6.78 8.57
CA GLY A 28 5.09 5.79 8.53
C GLY A 28 6.08 6.02 7.41
N PRO A 29 7.22 5.32 7.44
CA PRO A 29 8.27 5.44 6.42
C PRO A 29 7.83 4.85 5.09
N GLY A 30 7.05 3.78 5.14
CA GLY A 30 6.59 3.14 3.92
C GLY A 30 5.74 4.06 3.08
N ILE A 31 5.33 5.19 3.65
CA ILE A 31 4.51 6.15 2.93
C ILE A 31 5.18 7.52 2.90
N GLU A 32 6.15 7.73 3.78
CA GLU A 32 6.86 8.99 3.84
C GLU A 32 8.14 8.94 3.01
N GLY A 33 8.93 7.90 3.22
CA GLY A 33 10.18 7.75 2.47
C GLY A 33 11.40 7.96 3.35
N LYS A 34 11.39 7.34 4.53
CA LYS A 34 12.51 7.46 5.46
C LYS A 34 13.46 6.27 5.33
N ASP A 35 13.01 5.10 5.77
CA ASP A 35 13.81 3.90 5.71
C ASP A 35 13.32 2.99 4.57
N VAL A 36 12.85 3.60 3.49
CA VAL A 36 12.36 2.84 2.35
C VAL A 36 13.47 2.61 1.32
N PHE A 37 14.70 2.89 1.73
CA PHE A 37 15.84 2.72 0.85
C PHE A 37 15.72 1.43 0.04
N ARG A 38 16.34 1.41 -1.14
CA ARG A 38 16.29 0.25 -2.00
C ARG A 38 16.71 -1.02 -1.26
N GLU A 39 16.01 -2.11 -1.52
CA GLU A 39 16.30 -3.38 -0.86
C GLU A 39 16.13 -3.27 0.65
N ALA A 40 15.20 -2.42 1.07
CA ALA A 40 14.93 -2.22 2.49
C ALA A 40 13.50 -2.60 2.84
N THR A 41 13.30 -3.18 4.01
CA THR A 41 11.98 -3.58 4.46
C THR A 41 11.27 -2.44 5.19
N THR A 42 10.32 -1.82 4.51
CA THR A 42 9.56 -0.71 5.10
C THR A 42 8.07 -0.97 5.03
N ASP A 43 7.33 -0.46 6.01
CA ASP A 43 5.89 -0.63 6.07
C ASP A 43 5.22 0.56 6.77
N PHE A 44 4.05 0.95 6.26
CA PHE A 44 3.33 2.07 6.83
C PHE A 44 2.12 1.58 7.63
N THR A 45 1.43 2.52 8.29
CA THR A 45 0.27 2.19 9.09
C THR A 45 -0.93 3.06 8.72
N VAL A 46 -2.09 2.44 8.57
CA VAL A 46 -3.30 3.16 8.23
C VAL A 46 -4.28 3.19 9.40
N ASP A 47 -4.69 4.38 9.80
CA ASP A 47 -5.63 4.54 10.91
C ASP A 47 -7.06 4.67 10.39
N SER A 48 -7.95 3.81 10.88
CA SER A 48 -9.34 3.84 10.46
C SER A 48 -10.27 3.83 11.67
N ARG A 49 -11.19 4.79 11.71
CA ARG A 49 -12.13 4.90 12.81
C ARG A 49 -13.55 4.57 12.35
N PRO A 50 -14.14 5.48 11.56
CA PRO A 50 -15.50 5.31 11.04
C PRO A 50 -15.58 4.21 9.98
N LEU A 51 -14.49 3.46 9.83
CA LEU A 51 -14.44 2.38 8.86
C LEU A 51 -14.40 1.02 9.56
N THR A 52 -13.63 0.95 10.64
CA THR A 52 -13.49 -0.29 11.40
C THR A 52 -12.66 -0.08 12.65
N GLN A 53 -12.97 -0.84 13.70
CA GLN A 53 -12.25 -0.74 14.96
C GLN A 53 -11.52 -2.04 15.28
N VAL A 54 -12.15 -3.16 14.94
CA VAL A 54 -11.56 -4.47 15.19
C VAL A 54 -11.08 -5.12 13.90
N GLY A 55 -10.56 -4.30 12.99
CA GLY A 55 -10.08 -4.81 11.72
C GLY A 55 -11.19 -4.95 10.69
N GLY A 56 -10.81 -4.91 9.42
CA GLY A 56 -11.80 -5.03 8.36
C GLY A 56 -11.32 -5.92 7.22
N ASP A 57 -10.04 -5.81 6.88
CA ASP A 57 -9.46 -6.61 5.82
C ASP A 57 -10.03 -6.18 4.46
N HIS A 58 -10.40 -4.92 4.35
CA HIS A 58 -10.95 -4.38 3.11
C HIS A 58 -10.06 -3.30 2.53
N ILE A 59 -8.76 -3.42 2.76
CA ILE A 59 -7.79 -2.45 2.27
C ILE A 59 -7.01 -3.00 1.08
N LYS A 60 -6.69 -2.13 0.13
CA LYS A 60 -5.95 -2.52 -1.05
C LYS A 60 -4.84 -1.53 -1.37
N ALA A 61 -3.69 -2.04 -1.77
CA ALA A 61 -2.55 -1.18 -2.09
C ALA A 61 -1.84 -1.67 -3.36
N HIS A 62 -1.24 -0.74 -4.08
CA HIS A 62 -0.53 -1.08 -5.32
C HIS A 62 0.62 -0.10 -5.57
N ILE A 63 1.84 -0.60 -5.52
CA ILE A 63 3.02 0.23 -5.74
C ILE A 63 3.41 0.25 -7.21
N ALA A 64 3.94 1.38 -7.66
CA ALA A 64 4.35 1.55 -9.05
C ALA A 64 5.69 2.27 -9.14
N ASN A 65 6.70 1.56 -9.62
CA ASN A 65 8.03 2.14 -9.76
C ASN A 65 8.06 3.18 -10.88
N PRO A 66 9.02 4.11 -10.79
CA PRO A 66 9.18 5.18 -11.79
C PRO A 66 9.68 4.65 -13.13
N SER A 67 9.87 3.34 -13.20
CA SER A 67 10.36 2.71 -14.43
C SER A 67 9.26 1.88 -15.09
N GLY A 68 8.31 1.42 -14.27
CA GLY A 68 7.22 0.62 -14.78
C GLY A 68 6.98 -0.63 -13.95
N ALA A 69 8.03 -1.10 -13.28
CA ALA A 69 7.92 -2.29 -12.45
C ALA A 69 6.92 -2.08 -11.32
N SER A 70 6.63 -3.16 -10.58
CA SER A 70 5.69 -3.09 -9.48
C SER A 70 6.23 -3.82 -8.25
N THR A 71 6.17 -3.16 -7.10
CA THR A 71 6.66 -3.75 -5.86
C THR A 71 5.55 -4.50 -5.13
N GLU A 72 5.81 -5.77 -4.81
CA GLU A 72 4.85 -6.59 -4.11
C GLU A 72 4.50 -6.01 -2.75
N CYS A 73 3.20 -5.82 -2.50
CA CYS A 73 2.74 -5.26 -1.23
C CYS A 73 1.99 -6.31 -0.42
N PHE A 74 2.28 -6.36 0.88
CA PHE A 74 1.63 -7.32 1.76
C PHE A 74 0.89 -6.60 2.89
N VAL A 75 -0.43 -6.57 2.78
CA VAL A 75 -1.26 -5.92 3.79
C VAL A 75 -1.43 -6.80 5.02
N THR A 76 -1.34 -6.20 6.20
CA THR A 76 -1.48 -6.94 7.45
C THR A 76 -2.44 -6.23 8.39
N ASP A 77 -3.61 -6.82 8.60
CA ASP A 77 -4.62 -6.24 9.49
C ASP A 77 -4.30 -6.56 10.94
N ASN A 78 -4.03 -5.51 11.72
CA ASN A 78 -3.71 -5.68 13.13
C ASN A 78 -4.97 -6.02 13.93
N ALA A 79 -6.11 -6.00 13.27
CA ALA A 79 -7.38 -6.31 13.92
C ALA A 79 -7.62 -5.41 15.13
N ASP A 80 -7.07 -4.19 15.06
CA ASP A 80 -7.23 -3.23 16.15
C ASP A 80 -7.77 -1.90 15.63
N GLY A 81 -8.09 -1.88 14.34
CA GLY A 81 -8.61 -0.66 13.74
C GLY A 81 -7.60 0.03 12.83
N THR A 82 -6.50 -0.66 12.58
CA THR A 82 -5.45 -0.11 11.72
C THR A 82 -4.87 -1.18 10.80
N TYR A 83 -4.20 -0.75 9.74
CA TYR A 83 -3.59 -1.67 8.78
C TYR A 83 -2.10 -1.43 8.67
N GLN A 84 -1.37 -2.47 8.28
CA GLN A 84 0.08 -2.38 8.14
C GLN A 84 0.54 -3.06 6.85
N VAL A 85 0.99 -2.26 5.89
CA VAL A 85 1.47 -2.79 4.61
C VAL A 85 2.98 -2.71 4.51
N GLU A 86 3.60 -3.83 4.18
CA GLU A 86 5.05 -3.89 4.05
C GLU A 86 5.46 -4.19 2.61
N TYR A 87 6.48 -3.48 2.14
CA TYR A 87 6.96 -3.66 0.77
C TYR A 87 8.45 -3.35 0.69
N THR A 88 9.15 -4.06 -0.20
CA THR A 88 10.58 -3.86 -0.39
C THR A 88 10.90 -3.41 -1.81
N PRO A 89 11.06 -2.09 -1.98
CA PRO A 89 11.37 -1.50 -3.30
C PRO A 89 12.78 -1.85 -3.78
N PHE A 90 12.88 -2.31 -5.02
CA PHE A 90 14.17 -2.68 -5.60
C PHE A 90 14.64 -1.63 -6.59
N GLU A 91 14.19 -0.39 -6.40
CA GLU A 91 14.56 0.71 -7.29
C GLU A 91 14.58 2.03 -6.54
N LYS A 92 15.64 2.79 -6.74
CA LYS A 92 15.79 4.09 -6.08
C LYS A 92 15.08 5.18 -6.87
N GLY A 93 13.88 5.55 -6.42
CA GLY A 93 13.11 6.57 -7.08
C GLY A 93 11.76 6.81 -6.44
N LEU A 94 10.91 7.58 -7.10
CA LEU A 94 9.58 7.88 -6.59
C LEU A 94 8.54 6.95 -7.21
N HIS A 95 7.89 6.15 -6.36
CA HIS A 95 6.86 5.22 -6.82
C HIS A 95 5.47 5.75 -6.52
N VAL A 96 4.48 5.25 -7.26
CA VAL A 96 3.10 5.67 -7.06
C VAL A 96 2.29 4.60 -6.33
N VAL A 97 2.03 4.83 -5.06
CA VAL A 97 1.27 3.88 -4.25
C VAL A 97 -0.21 4.25 -4.22
N GLU A 98 -1.05 3.30 -4.62
CA GLU A 98 -2.49 3.53 -4.64
C GLU A 98 -3.16 2.93 -3.41
N VAL A 99 -4.24 3.57 -2.96
CA VAL A 99 -4.97 3.10 -1.78
C VAL A 99 -6.47 3.25 -1.98
N THR A 100 -7.19 2.14 -1.86
CA THR A 100 -8.64 2.15 -2.02
C THR A 100 -9.33 1.40 -0.88
N TYR A 101 -10.48 1.90 -0.46
CA TYR A 101 -11.23 1.28 0.62
C TYR A 101 -12.65 0.94 0.18
N ASP A 102 -12.91 -0.36 0.02
CA ASP A 102 -14.23 -0.82 -0.40
C ASP A 102 -14.58 -0.28 -1.78
N ASP A 103 -13.60 -0.25 -2.67
CA ASP A 103 -13.80 0.25 -4.02
C ASP A 103 -13.96 1.76 -4.03
N VAL A 104 -13.24 2.43 -3.13
CA VAL A 104 -13.30 3.88 -3.02
C VAL A 104 -11.93 4.46 -2.68
N PRO A 105 -11.35 5.20 -3.63
CA PRO A 105 -10.03 5.83 -3.44
C PRO A 105 -10.08 6.98 -2.44
N ILE A 106 -9.03 7.09 -1.63
CA ILE A 106 -8.95 8.14 -0.63
C ILE A 106 -8.40 9.43 -1.23
N PRO A 107 -8.74 10.57 -0.61
CA PRO A 107 -8.30 11.89 -1.07
C PRO A 107 -6.80 12.10 -0.84
N ASN A 108 -6.12 11.06 -0.36
CA ASN A 108 -4.70 11.14 -0.10
C ASN A 108 -3.90 10.45 -1.20
N SER A 109 -4.61 9.66 -2.02
CA SER A 109 -3.96 8.93 -3.11
C SER A 109 -4.22 9.62 -4.44
N PRO A 110 -3.36 9.34 -5.43
CA PRO A 110 -2.24 8.42 -5.26
C PRO A 110 -1.15 8.99 -4.35
N PHE A 111 -0.33 8.12 -3.79
CA PHE A 111 0.75 8.54 -2.90
C PHE A 111 2.08 8.61 -3.66
N LYS A 112 3.03 9.35 -3.09
CA LYS A 112 4.35 9.49 -3.70
C LYS A 112 5.45 9.18 -2.69
N VAL A 113 6.12 8.04 -2.88
CA VAL A 113 7.20 7.63 -1.99
C VAL A 113 8.55 7.85 -2.64
N ALA A 114 9.25 8.90 -2.20
CA ALA A 114 10.57 9.22 -2.74
C ALA A 114 11.65 8.37 -2.09
N VAL A 115 11.96 7.23 -2.70
CA VAL A 115 12.97 6.33 -2.18
C VAL A 115 14.37 6.84 -2.49
N THR A 116 15.34 6.48 -1.64
CA THR A 116 16.72 6.90 -1.83
C THR A 116 17.69 5.82 -1.38
N GLU A 117 18.89 5.83 -1.96
CA GLU A 117 19.91 4.84 -1.62
C GLU A 117 20.70 5.28 -0.39
N GLY A 118 20.40 4.67 0.75
CA GLY A 118 21.09 5.01 1.98
C GLY A 118 22.14 3.99 2.36
N CYS A 119 21.71 2.86 2.86
CA CYS A 119 22.63 1.79 3.27
C CYS A 119 21.86 0.52 3.63
N GLN A 120 22.25 -0.59 3.01
CA GLN A 120 21.60 -1.88 3.27
C GLN A 120 22.62 -3.00 3.30
N PRO A 121 22.33 -4.05 4.09
CA PRO A 121 23.20 -5.22 4.22
C PRO A 121 23.24 -6.06 2.97
N SER A 122 24.17 -7.01 2.91
CA SER A 122 24.31 -7.88 1.76
C SER A 122 24.32 -9.35 2.19
N SER A 123 23.44 -9.69 3.13
CA SER A 123 23.35 -11.06 3.63
C SER A 123 23.15 -12.04 2.47
N GLY A 124 22.11 -11.81 1.68
CA GLY A 124 21.82 -12.68 0.55
C GLY A 124 20.53 -13.44 0.72
N PRO A 125 20.18 -14.27 -0.28
CA PRO A 125 18.95 -15.07 -0.25
C PRO A 125 19.02 -16.20 0.78
N SER A 126 18.46 -15.94 1.95
CA SER A 126 18.45 -16.93 3.03
C SER A 126 17.56 -16.48 4.18
N SER A 127 16.94 -17.43 4.86
CA SER A 127 16.06 -17.14 5.98
C SER A 127 16.85 -16.66 7.19
N GLY A 128 16.25 -15.77 7.96
CA GLY A 128 16.92 -15.24 9.15
C GLY A 128 16.04 -15.28 10.37
N GLY A 1 -12.13 -22.97 8.53
CA GLY A 1 -12.65 -23.88 9.53
C GLY A 1 -14.14 -24.16 9.35
N SER A 2 -14.47 -24.84 8.27
CA SER A 2 -15.87 -25.18 7.98
C SER A 2 -16.74 -23.92 8.03
N SER A 3 -16.23 -22.83 7.47
CA SER A 3 -16.97 -21.57 7.45
C SER A 3 -16.41 -20.64 6.37
N GLY A 4 -17.28 -20.23 5.45
CA GLY A 4 -16.85 -19.34 4.39
C GLY A 4 -17.12 -19.91 3.01
N SER A 5 -18.37 -19.80 2.56
CA SER A 5 -18.75 -20.32 1.25
C SER A 5 -19.63 -19.32 0.51
N SER A 6 -19.42 -19.24 -0.81
CA SER A 6 -20.19 -18.31 -1.64
C SER A 6 -20.56 -18.96 -2.97
N GLY A 7 -21.34 -18.24 -3.78
CA GLY A 7 -21.77 -18.77 -5.06
C GLY A 7 -22.55 -17.75 -5.87
N HIS A 8 -21.99 -16.54 -6.01
CA HIS A 8 -22.65 -15.48 -6.77
C HIS A 8 -21.63 -14.48 -7.30
N PHE A 9 -22.05 -13.69 -8.28
CA PHE A 9 -21.18 -12.69 -8.88
C PHE A 9 -21.94 -11.79 -9.84
N PRO A 10 -22.01 -10.49 -9.51
CA PRO A 10 -22.71 -9.50 -10.33
C PRO A 10 -22.01 -9.24 -11.65
N ALA A 11 -22.70 -8.54 -12.56
CA ALA A 11 -22.13 -8.22 -13.86
C ALA A 11 -22.62 -6.86 -14.35
N ARG A 12 -21.69 -6.00 -14.74
CA ARG A 12 -22.02 -4.67 -15.21
C ARG A 12 -23.08 -4.01 -14.33
N VAL A 13 -22.80 -3.97 -13.03
CA VAL A 13 -23.72 -3.37 -12.07
C VAL A 13 -23.27 -1.98 -11.66
N LYS A 14 -24.21 -1.04 -11.61
CA LYS A 14 -23.91 0.33 -11.23
C LYS A 14 -24.40 0.63 -9.81
N VAL A 15 -23.46 0.85 -8.90
CA VAL A 15 -23.79 1.15 -7.51
C VAL A 15 -22.97 2.32 -6.99
N GLU A 16 -23.60 3.16 -6.18
CA GLU A 16 -22.94 4.32 -5.60
C GLU A 16 -22.24 3.97 -4.29
N PRO A 17 -21.16 4.69 -3.98
CA PRO A 17 -20.39 4.47 -2.75
C PRO A 17 -21.15 4.89 -1.50
N ALA A 18 -21.05 4.09 -0.45
CA ALA A 18 -21.72 4.39 0.81
C ALA A 18 -20.73 4.72 1.91
N VAL A 19 -19.51 5.08 1.51
CA VAL A 19 -18.46 5.42 2.46
C VAL A 19 -17.74 6.70 2.05
N ASP A 20 -17.15 7.38 3.02
CA ASP A 20 -16.42 8.62 2.77
C ASP A 20 -14.93 8.34 2.59
N THR A 21 -14.40 7.42 3.38
CA THR A 21 -12.99 7.07 3.31
C THR A 21 -12.12 8.31 3.13
N SER A 22 -12.56 9.43 3.71
CA SER A 22 -11.83 10.69 3.61
C SER A 22 -11.14 11.01 4.94
N ARG A 23 -11.41 10.21 5.95
CA ARG A 23 -10.81 10.42 7.27
C ARG A 23 -9.63 9.47 7.48
N ILE A 24 -9.37 8.63 6.50
CA ILE A 24 -8.26 7.68 6.57
C ILE A 24 -6.91 8.40 6.55
N LYS A 25 -6.10 8.15 7.56
CA LYS A 25 -4.78 8.77 7.65
C LYS A 25 -3.67 7.71 7.59
N VAL A 26 -2.51 8.12 7.10
CA VAL A 26 -1.37 7.21 6.99
C VAL A 26 -0.10 7.85 7.54
N PHE A 27 0.64 7.08 8.34
CA PHE A 27 1.88 7.56 8.93
C PHE A 27 2.93 6.46 8.98
N GLY A 28 4.15 6.79 8.56
CA GLY A 28 5.23 5.83 8.57
C GLY A 28 6.21 6.04 7.44
N PRO A 29 7.34 5.33 7.49
CA PRO A 29 8.39 5.44 6.46
C PRO A 29 7.96 4.86 5.12
N GLY A 30 7.23 3.74 5.17
CA GLY A 30 6.77 3.11 3.95
C GLY A 30 5.90 4.02 3.12
N ILE A 31 5.36 5.06 3.74
CA ILE A 31 4.50 6.02 3.04
C ILE A 31 5.13 7.40 3.03
N GLU A 32 6.07 7.63 3.93
CA GLU A 32 6.75 8.92 4.02
C GLU A 32 8.00 8.93 3.14
N GLY A 33 8.82 7.89 3.27
CA GLY A 33 10.04 7.80 2.49
C GLY A 33 11.28 8.03 3.33
N LYS A 34 11.31 7.43 4.51
CA LYS A 34 12.45 7.56 5.41
C LYS A 34 13.44 6.42 5.21
N ASP A 35 13.04 5.21 5.60
CA ASP A 35 13.89 4.04 5.46
C ASP A 35 13.45 3.19 4.27
N VAL A 36 12.89 3.84 3.26
CA VAL A 36 12.43 3.15 2.07
C VAL A 36 13.56 2.98 1.05
N PHE A 37 14.79 2.95 1.56
CA PHE A 37 15.96 2.80 0.69
C PHE A 37 15.88 1.50 -0.10
N ARG A 38 16.44 1.52 -1.31
CA ARG A 38 16.43 0.34 -2.17
C ARG A 38 16.84 -0.90 -1.39
N GLU A 39 16.13 -2.00 -1.61
CA GLU A 39 16.41 -3.25 -0.93
C GLU A 39 16.24 -3.10 0.58
N ALA A 40 15.28 -2.28 0.98
CA ALA A 40 15.01 -2.05 2.40
C ALA A 40 13.59 -2.47 2.76
N THR A 41 13.43 -2.99 3.97
CA THR A 41 12.11 -3.44 4.44
C THR A 41 11.37 -2.30 5.12
N THR A 42 10.44 -1.68 4.38
CA THR A 42 9.65 -0.59 4.92
C THR A 42 8.16 -0.92 4.92
N ASP A 43 7.45 -0.39 5.90
CA ASP A 43 6.01 -0.64 6.02
C ASP A 43 5.32 0.54 6.70
N PHE A 44 4.09 0.82 6.25
CA PHE A 44 3.32 1.93 6.81
C PHE A 44 2.10 1.41 7.58
N THR A 45 1.37 2.33 8.21
CA THR A 45 0.18 1.96 8.97
C THR A 45 -1.01 2.84 8.59
N VAL A 46 -2.15 2.19 8.32
CA VAL A 46 -3.35 2.92 7.94
C VAL A 46 -4.35 2.96 9.10
N ASP A 47 -4.57 4.15 9.64
CA ASP A 47 -5.50 4.32 10.75
C ASP A 47 -6.93 4.48 10.25
N SER A 48 -7.85 3.72 10.82
CA SER A 48 -9.24 3.78 10.43
C SER A 48 -10.16 3.91 11.65
N ARG A 49 -11.03 4.91 11.63
CA ARG A 49 -11.95 5.14 12.73
C ARG A 49 -13.40 4.98 12.27
N PRO A 50 -13.87 5.95 11.48
CA PRO A 50 -15.25 5.95 10.95
C PRO A 50 -15.47 4.85 9.92
N LEU A 51 -14.46 4.01 9.73
CA LEU A 51 -14.53 2.91 8.76
C LEU A 51 -14.51 1.56 9.48
N THR A 52 -13.75 1.48 10.56
CA THR A 52 -13.64 0.25 11.33
C THR A 52 -12.99 0.50 12.68
N GLN A 53 -13.31 -0.34 13.66
CA GLN A 53 -12.77 -0.21 15.00
C GLN A 53 -12.00 -1.46 15.41
N VAL A 54 -12.42 -2.61 14.87
CA VAL A 54 -11.78 -3.88 15.17
C VAL A 54 -11.01 -4.41 13.96
N GLY A 55 -10.44 -3.50 13.19
CA GLY A 55 -9.69 -3.89 12.01
C GLY A 55 -10.53 -4.67 11.01
N GLY A 56 -10.18 -4.57 9.74
CA GLY A 56 -10.92 -5.26 8.71
C GLY A 56 -10.01 -5.89 7.67
N ASP A 57 -10.62 -6.40 6.59
CA ASP A 57 -9.86 -7.02 5.51
C ASP A 57 -10.35 -6.55 4.15
N HIS A 58 -10.55 -5.24 4.02
CA HIS A 58 -11.03 -4.66 2.77
C HIS A 58 -10.04 -3.61 2.26
N ILE A 59 -8.77 -3.79 2.56
CA ILE A 59 -7.74 -2.86 2.14
C ILE A 59 -6.91 -3.43 0.99
N LYS A 60 -6.47 -2.55 0.09
CA LYS A 60 -5.68 -2.97 -1.05
C LYS A 60 -4.68 -1.89 -1.46
N ALA A 61 -3.45 -2.29 -1.74
CA ALA A 61 -2.41 -1.36 -2.14
C ALA A 61 -1.65 -1.86 -3.36
N HIS A 62 -1.12 -0.93 -4.15
CA HIS A 62 -0.37 -1.28 -5.35
C HIS A 62 0.76 -0.29 -5.59
N ILE A 63 1.99 -0.77 -5.50
CA ILE A 63 3.16 0.08 -5.72
C ILE A 63 3.54 0.13 -7.19
N ALA A 64 3.99 1.30 -7.64
CA ALA A 64 4.39 1.49 -9.03
C ALA A 64 5.70 2.26 -9.12
N ASN A 65 6.73 1.58 -9.60
CA ASN A 65 8.05 2.20 -9.74
C ASN A 65 8.04 3.25 -10.86
N PRO A 66 8.98 4.20 -10.78
CA PRO A 66 9.10 5.28 -11.77
C PRO A 66 9.58 4.77 -13.11
N SER A 67 9.83 3.46 -13.20
CA SER A 67 10.29 2.86 -14.44
C SER A 67 9.19 2.01 -15.08
N GLY A 68 8.25 1.54 -14.26
CA GLY A 68 7.17 0.73 -14.76
C GLY A 68 6.94 -0.51 -13.93
N ALA A 69 8.00 -1.04 -13.34
CA ALA A 69 7.91 -2.23 -12.51
C ALA A 69 6.96 -2.02 -11.34
N SER A 70 6.55 -3.11 -10.71
CA SER A 70 5.63 -3.04 -9.58
C SER A 70 6.18 -3.80 -8.38
N THR A 71 6.15 -3.15 -7.21
CA THR A 71 6.65 -3.76 -5.99
C THR A 71 5.55 -4.52 -5.27
N GLU A 72 5.89 -5.71 -4.77
CA GLU A 72 4.92 -6.55 -4.05
C GLU A 72 4.66 -5.98 -2.67
N CYS A 73 3.38 -5.91 -2.30
CA CYS A 73 3.00 -5.39 -0.99
C CYS A 73 2.22 -6.44 -0.20
N PHE A 74 2.41 -6.44 1.12
CA PHE A 74 1.73 -7.39 1.98
C PHE A 74 0.90 -6.67 3.04
N VAL A 75 -0.42 -6.74 2.90
CA VAL A 75 -1.33 -6.09 3.85
C VAL A 75 -1.56 -6.98 5.07
N THR A 76 -1.49 -6.37 6.25
CA THR A 76 -1.69 -7.10 7.50
C THR A 76 -2.59 -6.32 8.44
N ASP A 77 -3.75 -6.89 8.76
CA ASP A 77 -4.69 -6.25 9.67
C ASP A 77 -4.37 -6.57 11.13
N ASN A 78 -4.12 -5.54 11.91
CA ASN A 78 -3.79 -5.72 13.33
C ASN A 78 -5.04 -6.01 14.15
N ALA A 79 -6.19 -6.00 13.47
CA ALA A 79 -7.47 -6.27 14.14
C ALA A 79 -7.73 -5.26 15.26
N ASP A 80 -7.15 -4.07 15.12
CA ASP A 80 -7.32 -3.03 16.12
C ASP A 80 -7.77 -1.72 15.47
N GLY A 81 -8.40 -1.83 14.31
CA GLY A 81 -8.86 -0.65 13.59
C GLY A 81 -7.76 0.01 12.77
N THR A 82 -6.69 -0.75 12.53
CA THR A 82 -5.57 -0.24 11.74
C THR A 82 -4.98 -1.32 10.85
N TYR A 83 -4.32 -0.90 9.77
CA TYR A 83 -3.72 -1.83 8.83
C TYR A 83 -2.21 -1.61 8.74
N GLN A 84 -1.50 -2.64 8.28
CA GLN A 84 -0.04 -2.57 8.15
C GLN A 84 0.42 -3.22 6.85
N VAL A 85 1.02 -2.43 5.97
CA VAL A 85 1.51 -2.93 4.70
C VAL A 85 3.02 -2.80 4.60
N GLU A 86 3.69 -3.91 4.25
CA GLU A 86 5.13 -3.91 4.13
C GLU A 86 5.55 -4.26 2.71
N TYR A 87 6.54 -3.54 2.19
CA TYR A 87 7.04 -3.76 0.83
C TYR A 87 8.52 -3.46 0.74
N THR A 88 9.20 -4.09 -0.22
CA THR A 88 10.62 -3.90 -0.41
C THR A 88 10.93 -3.53 -1.86
N PRO A 89 11.15 -2.22 -2.10
CA PRO A 89 11.46 -1.72 -3.44
C PRO A 89 12.84 -2.14 -3.92
N PHE A 90 12.96 -2.43 -5.21
CA PHE A 90 14.23 -2.85 -5.79
C PHE A 90 14.78 -1.78 -6.73
N GLU A 91 14.33 -0.54 -6.52
CA GLU A 91 14.78 0.57 -7.36
C GLU A 91 14.71 1.89 -6.59
N LYS A 92 15.69 2.74 -6.82
CA LYS A 92 15.76 4.04 -6.15
C LYS A 92 15.01 5.11 -6.95
N GLY A 93 13.83 5.49 -6.48
CA GLY A 93 13.05 6.49 -7.17
C GLY A 93 11.68 6.71 -6.53
N LEU A 94 10.87 7.56 -7.13
CA LEU A 94 9.55 7.86 -6.61
C LEU A 94 8.50 6.92 -7.22
N HIS A 95 7.87 6.13 -6.36
CA HIS A 95 6.84 5.18 -6.80
C HIS A 95 5.45 5.70 -6.48
N VAL A 96 4.45 5.19 -7.20
CA VAL A 96 3.06 5.60 -6.99
C VAL A 96 2.27 4.51 -6.30
N VAL A 97 2.00 4.71 -5.01
CA VAL A 97 1.24 3.74 -4.23
C VAL A 97 -0.23 4.12 -4.17
N GLU A 98 -1.09 3.22 -4.63
CA GLU A 98 -2.53 3.46 -4.63
C GLU A 98 -3.19 2.76 -3.44
N VAL A 99 -4.26 3.37 -2.92
CA VAL A 99 -4.99 2.81 -1.79
C VAL A 99 -6.49 3.00 -1.96
N THR A 100 -7.23 1.89 -1.90
CA THR A 100 -8.68 1.93 -2.04
C THR A 100 -9.37 1.19 -0.91
N TYR A 101 -10.30 1.86 -0.25
CA TYR A 101 -11.04 1.26 0.85
C TYR A 101 -12.50 1.06 0.50
N ASP A 102 -12.93 -0.20 0.45
CA ASP A 102 -14.31 -0.53 0.13
C ASP A 102 -14.65 -0.08 -1.29
N ASP A 103 -13.71 -0.24 -2.21
CA ASP A 103 -13.91 0.15 -3.60
C ASP A 103 -13.99 1.68 -3.72
N VAL A 104 -13.31 2.38 -2.83
CA VAL A 104 -13.31 3.83 -2.83
C VAL A 104 -11.93 4.39 -2.47
N PRO A 105 -11.35 5.17 -3.38
CA PRO A 105 -10.03 5.78 -3.17
C PRO A 105 -10.06 6.87 -2.11
N ILE A 106 -8.96 6.97 -1.35
CA ILE A 106 -8.86 7.98 -0.30
C ILE A 106 -8.32 9.29 -0.84
N PRO A 107 -8.66 10.40 -0.15
CA PRO A 107 -8.22 11.74 -0.55
C PRO A 107 -6.73 11.95 -0.34
N ASN A 108 -6.03 10.89 0.06
CA ASN A 108 -4.60 10.95 0.30
C ASN A 108 -3.83 10.29 -0.84
N SER A 109 -4.53 9.48 -1.62
CA SER A 109 -3.91 8.79 -2.76
C SER A 109 -4.23 9.49 -4.07
N PRO A 110 -3.41 9.21 -5.09
CA PRO A 110 -2.29 8.29 -4.99
C PRO A 110 -1.16 8.85 -4.14
N PHE A 111 -0.42 7.95 -3.48
CA PHE A 111 0.69 8.35 -2.63
C PHE A 111 1.99 8.46 -3.43
N LYS A 112 2.95 9.20 -2.89
CA LYS A 112 4.24 9.37 -3.56
C LYS A 112 5.38 9.06 -2.61
N VAL A 113 6.05 7.93 -2.85
CA VAL A 113 7.17 7.52 -2.01
C VAL A 113 8.50 7.71 -2.74
N ALA A 114 9.20 8.78 -2.38
CA ALA A 114 10.49 9.09 -3.00
C ALA A 114 11.63 8.39 -2.26
N VAL A 115 12.14 7.31 -2.84
CA VAL A 115 13.23 6.56 -2.23
C VAL A 115 14.57 7.20 -2.54
N THR A 116 15.54 7.02 -1.64
CA THR A 116 16.86 7.58 -1.82
C THR A 116 17.94 6.56 -1.50
N GLU A 117 19.17 6.84 -1.94
CA GLU A 117 20.29 5.93 -1.70
C GLU A 117 20.54 5.76 -0.20
N GLY A 118 20.35 4.56 0.30
CA GLY A 118 20.57 4.29 1.71
C GLY A 118 21.52 3.13 1.94
N CYS A 119 20.96 1.92 2.00
CA CYS A 119 21.77 0.72 2.21
C CYS A 119 21.44 -0.36 1.19
N GLN A 120 22.39 -1.25 0.96
CA GLN A 120 22.20 -2.33 -0.01
C GLN A 120 22.73 -3.65 0.55
N PRO A 121 22.17 -4.76 0.04
CA PRO A 121 22.57 -6.11 0.47
C PRO A 121 23.98 -6.48 -0.01
N SER A 122 24.37 -7.72 0.25
CA SER A 122 25.69 -8.20 -0.16
C SER A 122 25.58 -9.21 -1.29
N SER A 123 26.72 -9.61 -1.83
CA SER A 123 26.77 -10.58 -2.93
C SER A 123 27.33 -11.91 -2.45
N GLY A 124 26.51 -12.96 -2.49
CA GLY A 124 26.95 -14.27 -2.08
C GLY A 124 25.87 -15.32 -2.23
N PRO A 125 25.57 -16.04 -1.15
CA PRO A 125 24.55 -17.09 -1.15
C PRO A 125 23.13 -16.53 -1.30
N SER A 126 23.04 -15.22 -1.45
CA SER A 126 21.74 -14.56 -1.60
C SER A 126 21.18 -14.78 -3.00
N SER A 127 21.06 -16.05 -3.40
CA SER A 127 20.55 -16.39 -4.71
C SER A 127 21.10 -15.45 -5.78
N GLY A 128 22.41 -15.21 -5.72
CA GLY A 128 23.04 -14.34 -6.69
C GLY A 128 24.51 -14.68 -6.92
N GLY A 1 6.74 8.31 -22.36
CA GLY A 1 5.93 7.23 -21.82
C GLY A 1 4.60 7.73 -21.26
N SER A 2 4.00 6.92 -20.39
CA SER A 2 2.73 7.28 -19.78
C SER A 2 2.75 7.03 -18.28
N SER A 3 1.66 7.37 -17.61
CA SER A 3 1.55 7.19 -16.17
C SER A 3 0.14 6.82 -15.76
N GLY A 4 0.01 5.93 -14.78
CA GLY A 4 -1.30 5.51 -14.31
C GLY A 4 -1.69 4.16 -14.87
N SER A 5 -2.43 3.39 -14.07
CA SER A 5 -2.86 2.06 -14.48
C SER A 5 -4.37 1.90 -14.29
N SER A 6 -4.97 1.05 -15.10
CA SER A 6 -6.41 0.81 -15.03
C SER A 6 -6.74 -0.65 -15.35
N GLY A 7 -7.93 -1.08 -14.95
CA GLY A 7 -8.34 -2.45 -15.20
C GLY A 7 -9.28 -2.98 -14.13
N HIS A 8 -10.56 -3.10 -14.49
CA HIS A 8 -11.56 -3.60 -13.55
C HIS A 8 -12.17 -4.91 -14.06
N PHE A 9 -12.42 -5.83 -13.14
CA PHE A 9 -13.00 -7.12 -13.48
C PHE A 9 -14.31 -6.93 -14.26
N PRO A 10 -14.60 -7.89 -15.15
CA PRO A 10 -15.81 -7.86 -15.98
C PRO A 10 -17.08 -8.10 -15.16
N ALA A 11 -17.93 -7.08 -15.10
CA ALA A 11 -19.18 -7.17 -14.35
C ALA A 11 -20.11 -6.02 -14.70
N ARG A 12 -21.35 -6.36 -15.01
CA ARG A 12 -22.36 -5.34 -15.36
C ARG A 12 -23.22 -5.00 -14.16
N VAL A 13 -22.62 -4.98 -12.98
CA VAL A 13 -23.35 -4.66 -11.75
C VAL A 13 -23.07 -3.22 -11.32
N LYS A 14 -24.14 -2.52 -10.94
CA LYS A 14 -24.03 -1.14 -10.50
C LYS A 14 -23.67 -1.07 -9.01
N VAL A 15 -22.54 -0.43 -8.71
CA VAL A 15 -22.09 -0.29 -7.33
C VAL A 15 -21.99 1.18 -6.93
N GLU A 16 -22.46 1.49 -5.73
CA GLU A 16 -22.42 2.86 -5.22
C GLU A 16 -21.58 2.96 -3.96
N PRO A 17 -20.96 4.12 -3.74
CA PRO A 17 -20.11 4.37 -2.57
C PRO A 17 -20.93 4.43 -1.28
N ALA A 18 -20.59 3.57 -0.33
CA ALA A 18 -21.29 3.53 0.96
C ALA A 18 -20.34 3.88 2.10
N VAL A 19 -19.19 4.45 1.76
CA VAL A 19 -18.21 4.84 2.75
C VAL A 19 -17.65 6.22 2.47
N ASP A 20 -17.09 6.85 3.50
CA ASP A 20 -16.52 8.20 3.36
C ASP A 20 -15.04 8.11 2.98
N THR A 21 -14.23 7.55 3.86
CA THR A 21 -12.80 7.41 3.61
C THR A 21 -12.20 8.73 3.16
N SER A 22 -12.66 9.83 3.74
CA SER A 22 -12.17 11.16 3.38
C SER A 22 -11.32 11.74 4.50
N ARG A 23 -11.23 11.01 5.61
CA ARG A 23 -10.44 11.45 6.76
C ARG A 23 -9.41 10.39 7.15
N ILE A 24 -9.01 9.57 6.18
CA ILE A 24 -8.03 8.52 6.43
C ILE A 24 -6.63 9.10 6.49
N LYS A 25 -5.87 8.69 7.52
CA LYS A 25 -4.50 9.15 7.70
C LYS A 25 -3.51 8.01 7.55
N VAL A 26 -2.25 8.35 7.31
CA VAL A 26 -1.20 7.35 7.15
C VAL A 26 0.14 7.86 7.68
N PHE A 27 0.72 7.11 8.61
CA PHE A 27 2.01 7.49 9.19
C PHE A 27 3.00 6.34 9.11
N GLY A 28 4.25 6.67 8.79
CA GLY A 28 5.29 5.66 8.67
C GLY A 28 6.20 5.89 7.50
N PRO A 29 7.33 5.17 7.46
CA PRO A 29 8.32 5.30 6.39
C PRO A 29 7.81 4.73 5.07
N GLY A 30 7.10 3.61 5.14
CA GLY A 30 6.57 2.98 3.95
C GLY A 30 5.77 3.95 3.09
N ILE A 31 5.36 5.07 3.69
CA ILE A 31 4.58 6.07 2.98
C ILE A 31 5.25 7.43 3.07
N GLU A 32 6.19 7.57 4.01
CA GLU A 32 6.90 8.84 4.20
C GLU A 32 8.18 8.87 3.37
N GLY A 33 8.94 7.78 3.41
CA GLY A 33 10.18 7.71 2.66
C GLY A 33 11.40 7.91 3.54
N LYS A 34 11.44 7.20 4.67
CA LYS A 34 12.56 7.30 5.58
C LYS A 34 13.54 6.14 5.39
N ASP A 35 13.11 4.95 5.77
CA ASP A 35 13.94 3.75 5.64
C ASP A 35 13.45 2.87 4.51
N VAL A 36 12.78 3.48 3.53
CA VAL A 36 12.25 2.75 2.39
C VAL A 36 13.32 2.51 1.34
N PHE A 37 14.58 2.72 1.73
CA PHE A 37 15.70 2.53 0.83
C PHE A 37 15.51 1.27 -0.03
N ARG A 38 16.17 1.24 -1.17
CA ARG A 38 16.08 0.10 -2.08
C ARG A 38 16.49 -1.19 -1.38
N GLU A 39 15.74 -2.26 -1.63
CA GLU A 39 16.03 -3.55 -1.02
C GLU A 39 15.90 -3.48 0.50
N ALA A 40 15.01 -2.62 0.97
CA ALA A 40 14.78 -2.45 2.40
C ALA A 40 13.33 -2.75 2.76
N THR A 41 13.13 -3.49 3.85
CA THR A 41 11.79 -3.84 4.30
C THR A 41 11.13 -2.66 5.01
N THR A 42 10.24 -1.98 4.30
CA THR A 42 9.54 -0.84 4.86
C THR A 42 8.04 -1.05 4.85
N ASP A 43 7.35 -0.52 5.85
CA ASP A 43 5.90 -0.67 5.95
C ASP A 43 5.28 0.53 6.67
N PHE A 44 4.07 0.91 6.27
CA PHE A 44 3.38 2.03 6.87
C PHE A 44 2.15 1.56 7.65
N THR A 45 1.50 2.50 8.33
CA THR A 45 0.30 2.19 9.11
C THR A 45 -0.85 3.11 8.74
N VAL A 46 -2.01 2.51 8.45
CA VAL A 46 -3.19 3.28 8.09
C VAL A 46 -4.17 3.39 9.26
N ASP A 47 -4.39 4.61 9.72
CA ASP A 47 -5.30 4.85 10.84
C ASP A 47 -6.73 5.04 10.34
N SER A 48 -7.66 4.27 10.90
CA SER A 48 -9.07 4.36 10.51
C SER A 48 -9.97 4.39 11.74
N ARG A 49 -11.02 5.19 11.67
CA ARG A 49 -11.96 5.31 12.78
C ARG A 49 -13.39 5.00 12.32
N PRO A 50 -13.97 5.92 11.54
CA PRO A 50 -15.34 5.76 11.02
C PRO A 50 -15.43 4.67 9.96
N LEU A 51 -14.31 4.00 9.71
CA LEU A 51 -14.27 2.93 8.72
C LEU A 51 -14.25 1.56 9.40
N THR A 52 -13.46 1.45 10.46
CA THR A 52 -13.35 0.20 11.19
C THR A 52 -12.98 0.45 12.65
N GLN A 53 -13.16 -0.57 13.48
CA GLN A 53 -12.85 -0.46 14.91
C GLN A 53 -12.05 -1.66 15.39
N VAL A 54 -12.34 -2.83 14.82
CA VAL A 54 -11.65 -4.06 15.18
C VAL A 54 -10.89 -4.64 14.00
N GLY A 55 -10.35 -3.76 13.15
CA GLY A 55 -9.61 -4.20 12.00
C GLY A 55 -10.51 -4.76 10.90
N GLY A 56 -10.01 -4.76 9.67
CA GLY A 56 -10.78 -5.26 8.56
C GLY A 56 -9.91 -5.88 7.48
N ASP A 57 -10.55 -6.47 6.47
CA ASP A 57 -9.84 -7.10 5.37
C ASP A 57 -10.31 -6.55 4.03
N HIS A 58 -10.58 -5.25 3.98
CA HIS A 58 -11.04 -4.61 2.76
C HIS A 58 -10.04 -3.55 2.29
N ILE A 59 -8.77 -3.76 2.61
CA ILE A 59 -7.72 -2.84 2.23
C ILE A 59 -6.88 -3.39 1.08
N LYS A 60 -6.52 -2.52 0.14
CA LYS A 60 -5.72 -2.93 -1.01
C LYS A 60 -4.72 -1.84 -1.39
N ALA A 61 -3.52 -2.26 -1.76
CA ALA A 61 -2.48 -1.31 -2.15
C ALA A 61 -1.79 -1.76 -3.44
N HIS A 62 -1.16 -0.81 -4.12
CA HIS A 62 -0.47 -1.10 -5.37
C HIS A 62 0.68 -0.11 -5.60
N ILE A 63 1.91 -0.62 -5.58
CA ILE A 63 3.08 0.21 -5.78
C ILE A 63 3.42 0.32 -7.26
N ALA A 64 3.93 1.48 -7.66
CA ALA A 64 4.31 1.71 -9.05
C ALA A 64 5.64 2.45 -9.14
N ASN A 65 6.65 1.77 -9.66
CA ASN A 65 7.98 2.35 -9.81
C ASN A 65 8.01 3.36 -10.95
N PRO A 66 8.92 4.34 -10.86
CA PRO A 66 9.07 5.37 -11.88
C PRO A 66 9.65 4.83 -13.19
N SER A 67 9.99 3.55 -13.18
CA SER A 67 10.56 2.90 -14.36
C SER A 67 9.49 2.13 -15.12
N GLY A 68 8.38 1.82 -14.44
CA GLY A 68 7.31 1.09 -15.08
C GLY A 68 6.98 -0.21 -14.35
N ALA A 69 7.92 -0.68 -13.54
CA ALA A 69 7.73 -1.91 -12.78
C ALA A 69 6.78 -1.70 -11.62
N SER A 70 6.37 -2.79 -10.99
CA SER A 70 5.45 -2.73 -9.85
C SER A 70 5.96 -3.59 -8.70
N THR A 71 5.99 -3.01 -7.51
CA THR A 71 6.45 -3.72 -6.32
C THR A 71 5.29 -4.41 -5.61
N GLU A 72 5.54 -5.60 -5.10
CA GLU A 72 4.51 -6.36 -4.38
C GLU A 72 4.35 -5.85 -2.96
N CYS A 73 3.10 -5.68 -2.53
CA CYS A 73 2.81 -5.20 -1.19
C CYS A 73 2.08 -6.26 -0.38
N PHE A 74 2.31 -6.27 0.93
CA PHE A 74 1.67 -7.23 1.81
C PHE A 74 0.90 -6.52 2.92
N VAL A 75 -0.43 -6.59 2.85
CA VAL A 75 -1.28 -5.96 3.85
C VAL A 75 -1.30 -6.76 5.15
N THR A 76 -1.22 -6.06 6.28
CA THR A 76 -1.23 -6.71 7.59
C THR A 76 -2.16 -5.99 8.56
N ASP A 77 -3.29 -6.62 8.86
CA ASP A 77 -4.27 -6.04 9.77
C ASP A 77 -3.96 -6.43 11.21
N ASN A 78 -3.81 -5.42 12.08
CA ASN A 78 -3.52 -5.66 13.48
C ASN A 78 -4.78 -6.01 14.25
N ALA A 79 -5.88 -6.18 13.53
CA ALA A 79 -7.16 -6.52 14.14
C ALA A 79 -7.46 -5.61 15.33
N ASP A 80 -7.05 -4.36 15.23
CA ASP A 80 -7.27 -3.39 16.31
C ASP A 80 -7.99 -2.15 15.77
N GLY A 81 -7.83 -1.89 14.48
CA GLY A 81 -8.47 -0.73 13.88
C GLY A 81 -7.61 -0.08 12.82
N THR A 82 -6.38 -0.55 12.68
CA THR A 82 -5.45 0.00 11.70
C THR A 82 -4.83 -1.11 10.85
N TYR A 83 -4.26 -0.73 9.71
CA TYR A 83 -3.64 -1.68 8.80
C TYR A 83 -2.17 -1.35 8.59
N GLN A 84 -1.41 -2.35 8.15
CA GLN A 84 0.02 -2.17 7.90
C GLN A 84 0.45 -2.90 6.64
N VAL A 85 0.94 -2.14 5.65
CA VAL A 85 1.39 -2.72 4.40
C VAL A 85 2.91 -2.68 4.28
N GLU A 86 3.53 -3.84 4.14
CA GLU A 86 4.98 -3.93 4.03
C GLU A 86 5.39 -4.28 2.60
N TYR A 87 6.37 -3.56 2.08
CA TYR A 87 6.85 -3.79 0.72
C TYR A 87 8.34 -3.48 0.61
N THR A 88 9.01 -4.13 -0.34
CA THR A 88 10.43 -3.92 -0.55
C THR A 88 10.72 -3.44 -1.97
N PRO A 89 10.89 -2.11 -2.12
CA PRO A 89 11.16 -1.50 -3.42
C PRO A 89 12.56 -1.83 -3.94
N PHE A 90 12.63 -2.30 -5.18
CA PHE A 90 13.90 -2.66 -5.79
C PHE A 90 14.38 -1.57 -6.75
N GLU A 91 13.99 -0.33 -6.46
CA GLU A 91 14.36 0.81 -7.30
C GLU A 91 14.40 2.10 -6.49
N LYS A 92 15.50 2.84 -6.60
CA LYS A 92 15.66 4.09 -5.88
C LYS A 92 14.97 5.23 -6.62
N GLY A 93 13.72 5.52 -6.24
CA GLY A 93 12.98 6.59 -6.88
C GLY A 93 11.60 6.79 -6.26
N LEU A 94 10.82 7.69 -6.83
CA LEU A 94 9.49 7.99 -6.33
C LEU A 94 8.45 7.08 -6.99
N HIS A 95 7.82 6.23 -6.19
CA HIS A 95 6.81 5.31 -6.69
C HIS A 95 5.40 5.81 -6.35
N VAL A 96 4.41 5.33 -7.10
CA VAL A 96 3.03 5.74 -6.89
C VAL A 96 2.23 4.61 -6.25
N VAL A 97 2.02 4.71 -4.94
CA VAL A 97 1.26 3.71 -4.20
C VAL A 97 -0.22 4.05 -4.18
N GLU A 98 -1.03 3.14 -4.72
CA GLU A 98 -2.48 3.34 -4.76
C GLU A 98 -3.16 2.70 -3.55
N VAL A 99 -4.28 3.27 -3.13
CA VAL A 99 -5.03 2.75 -1.99
C VAL A 99 -6.53 2.90 -2.20
N THR A 100 -7.26 1.83 -1.92
CA THR A 100 -8.72 1.85 -2.08
C THR A 100 -9.40 1.14 -0.91
N TYR A 101 -10.41 1.79 -0.34
CA TYR A 101 -11.14 1.23 0.78
C TYR A 101 -12.58 0.90 0.38
N ASP A 102 -12.84 -0.38 0.15
CA ASP A 102 -14.17 -0.83 -0.24
C ASP A 102 -14.56 -0.27 -1.60
N ASP A 103 -13.63 -0.35 -2.55
CA ASP A 103 -13.87 0.15 -3.90
C ASP A 103 -13.98 1.67 -3.90
N VAL A 104 -13.34 2.31 -2.92
CA VAL A 104 -13.38 3.77 -2.82
C VAL A 104 -11.98 4.33 -2.55
N PRO A 105 -11.44 5.05 -3.53
CA PRO A 105 -10.10 5.66 -3.43
C PRO A 105 -10.07 6.81 -2.43
N ILE A 106 -8.99 6.89 -1.67
CA ILE A 106 -8.83 7.95 -0.67
C ILE A 106 -8.34 9.24 -1.32
N PRO A 107 -8.65 10.38 -0.68
CA PRO A 107 -8.25 11.70 -1.16
C PRO A 107 -6.75 11.93 -1.04
N ASN A 108 -6.03 10.90 -0.62
CA ASN A 108 -4.58 10.99 -0.46
C ASN A 108 -3.86 10.19 -1.54
N SER A 109 -4.62 9.33 -2.23
CA SER A 109 -4.05 8.50 -3.30
C SER A 109 -4.27 9.14 -4.66
N PRO A 110 -3.35 8.87 -5.59
CA PRO A 110 -2.20 8.00 -5.34
C PRO A 110 -1.19 8.66 -4.39
N PHE A 111 -0.37 7.83 -3.75
CA PHE A 111 0.64 8.33 -2.82
C PHE A 111 1.98 8.51 -3.53
N LYS A 112 2.90 9.21 -2.86
CA LYS A 112 4.22 9.46 -3.42
C LYS A 112 5.31 9.08 -2.42
N VAL A 113 5.99 7.96 -2.70
CA VAL A 113 7.05 7.48 -1.83
C VAL A 113 8.42 7.70 -2.46
N ALA A 114 9.11 8.76 -2.04
CA ALA A 114 10.42 9.07 -2.58
C ALA A 114 11.51 8.29 -1.85
N VAL A 115 12.02 7.25 -2.49
CA VAL A 115 13.08 6.42 -1.90
C VAL A 115 14.45 7.07 -2.08
N THR A 116 15.37 6.73 -1.18
CA THR A 116 16.72 7.28 -1.24
C THR A 116 17.75 6.21 -0.92
N GLU A 117 19.03 6.54 -1.13
CA GLU A 117 20.11 5.60 -0.88
C GLU A 117 20.29 5.37 0.63
N GLY A 118 20.28 4.11 1.03
CA GLY A 118 20.43 3.78 2.43
C GLY A 118 21.76 3.12 2.73
N CYS A 119 21.72 1.87 3.20
CA CYS A 119 22.92 1.13 3.52
C CYS A 119 22.64 -0.37 3.58
N GLN A 120 23.63 -1.17 3.19
CA GLN A 120 23.49 -2.62 3.19
C GLN A 120 24.30 -3.25 4.32
N PRO A 121 23.69 -4.20 5.03
CA PRO A 121 24.34 -4.89 6.15
C PRO A 121 25.44 -5.84 5.68
N SER A 122 26.14 -6.44 6.63
CA SER A 122 27.23 -7.37 6.31
C SER A 122 26.71 -8.81 6.27
N SER A 123 26.69 -9.39 5.08
CA SER A 123 26.22 -10.76 4.90
C SER A 123 27.40 -11.69 4.60
N GLY A 124 27.78 -12.50 5.58
CA GLY A 124 28.88 -13.43 5.39
C GLY A 124 28.56 -14.51 4.37
N PRO A 125 29.44 -14.68 3.39
CA PRO A 125 29.27 -15.68 2.32
C PRO A 125 29.44 -17.11 2.84
N SER A 126 28.38 -17.90 2.72
CA SER A 126 28.41 -19.29 3.18
C SER A 126 29.31 -20.14 2.30
N SER A 127 30.28 -20.82 2.91
CA SER A 127 31.21 -21.67 2.19
C SER A 127 31.24 -23.07 2.76
N GLY A 128 30.38 -23.95 2.24
CA GLY A 128 30.32 -25.31 2.72
C GLY A 128 28.92 -25.72 3.15
N GLY A 1 -3.43 -31.41 -7.52
CA GLY A 1 -4.75 -31.46 -8.13
C GLY A 1 -5.84 -31.02 -7.17
N SER A 2 -7.09 -31.22 -7.58
CA SER A 2 -8.24 -30.83 -6.76
C SER A 2 -8.21 -29.34 -6.47
N SER A 3 -7.88 -28.54 -7.49
CA SER A 3 -7.82 -27.09 -7.33
C SER A 3 -8.21 -26.40 -8.64
N GLY A 4 -9.33 -25.69 -8.60
CA GLY A 4 -9.80 -24.99 -9.79
C GLY A 4 -10.72 -23.82 -9.45
N SER A 5 -10.35 -23.07 -8.41
CA SER A 5 -11.14 -21.93 -7.99
C SER A 5 -10.86 -20.71 -8.86
N SER A 6 -11.68 -20.53 -9.90
CA SER A 6 -11.51 -19.41 -10.82
C SER A 6 -12.85 -19.02 -11.43
N GLY A 7 -12.83 -17.98 -12.27
CA GLY A 7 -14.04 -17.52 -12.91
C GLY A 7 -14.41 -16.10 -12.53
N HIS A 8 -13.57 -15.15 -12.93
CA HIS A 8 -13.80 -13.74 -12.63
C HIS A 8 -13.83 -12.91 -13.91
N PHE A 9 -14.85 -12.05 -14.02
CA PHE A 9 -14.99 -11.20 -15.20
C PHE A 9 -14.68 -9.74 -14.85
N PRO A 10 -13.50 -9.27 -15.26
CA PRO A 10 -13.07 -7.89 -15.00
C PRO A 10 -13.87 -6.87 -15.81
N ALA A 11 -14.05 -5.69 -15.24
CA ALA A 11 -14.80 -4.62 -15.91
C ALA A 11 -14.31 -3.26 -15.46
N ARG A 12 -14.49 -2.26 -16.33
CA ARG A 12 -14.07 -0.89 -16.03
C ARG A 12 -15.25 -0.04 -15.60
N VAL A 13 -16.15 -0.63 -14.82
CA VAL A 13 -17.33 0.09 -14.35
C VAL A 13 -17.17 0.52 -12.90
N LYS A 14 -17.47 1.79 -12.62
CA LYS A 14 -17.36 2.34 -11.28
C LYS A 14 -18.68 2.20 -10.53
N VAL A 15 -18.59 2.12 -9.20
CA VAL A 15 -19.78 1.99 -8.37
C VAL A 15 -19.82 3.07 -7.30
N GLU A 16 -20.94 3.80 -7.24
CA GLU A 16 -21.10 4.86 -6.26
C GLU A 16 -20.58 4.43 -4.89
N PRO A 17 -19.80 5.32 -4.25
CA PRO A 17 -19.23 5.05 -2.94
C PRO A 17 -20.29 5.04 -1.83
N ALA A 18 -20.19 4.06 -0.94
CA ALA A 18 -21.13 3.95 0.16
C ALA A 18 -20.42 3.99 1.51
N VAL A 19 -19.15 4.41 1.49
CA VAL A 19 -18.36 4.50 2.71
C VAL A 19 -17.61 5.83 2.77
N ASP A 20 -17.35 6.28 4.00
CA ASP A 20 -16.63 7.54 4.20
C ASP A 20 -15.13 7.30 4.38
N THR A 21 -14.35 7.70 3.39
CA THR A 21 -12.90 7.52 3.43
C THR A 21 -12.18 8.81 3.04
N SER A 22 -12.62 9.92 3.61
CA SER A 22 -12.00 11.21 3.33
C SER A 22 -11.28 11.76 4.55
N ARG A 23 -11.22 10.95 5.60
CA ARG A 23 -10.55 11.35 6.84
C ARG A 23 -9.49 10.33 7.24
N ILE A 24 -9.18 9.41 6.32
CA ILE A 24 -8.18 8.39 6.58
C ILE A 24 -6.78 8.99 6.64
N LYS A 25 -6.03 8.62 7.68
CA LYS A 25 -4.67 9.11 7.85
C LYS A 25 -3.66 7.98 7.75
N VAL A 26 -2.53 8.24 7.09
CA VAL A 26 -1.48 7.25 6.92
C VAL A 26 -0.12 7.83 7.29
N PHE A 27 0.57 7.16 8.22
CA PHE A 27 1.89 7.60 8.65
C PHE A 27 2.90 6.46 8.59
N GLY A 28 4.18 6.80 8.66
CA GLY A 28 5.22 5.79 8.62
C GLY A 28 6.21 6.02 7.49
N PRO A 29 7.33 5.30 7.52
CA PRO A 29 8.37 5.42 6.50
C PRO A 29 7.94 4.85 5.16
N GLY A 30 7.10 3.82 5.20
CA GLY A 30 6.62 3.20 3.98
C GLY A 30 5.80 4.16 3.12
N ILE A 31 5.25 5.19 3.75
CA ILE A 31 4.45 6.18 3.05
C ILE A 31 5.12 7.55 3.06
N GLU A 32 6.11 7.72 3.95
CA GLU A 32 6.82 8.98 4.06
C GLU A 32 8.08 8.97 3.19
N GLY A 33 8.80 7.86 3.21
CA GLY A 33 10.01 7.73 2.42
C GLY A 33 11.27 7.93 3.25
N LYS A 34 11.29 7.32 4.43
CA LYS A 34 12.45 7.42 5.32
C LYS A 34 13.39 6.25 5.12
N ASP A 35 12.97 5.07 5.55
CA ASP A 35 13.78 3.86 5.41
C ASP A 35 13.28 2.99 4.26
N VAL A 36 12.68 3.63 3.26
CA VAL A 36 12.15 2.91 2.11
C VAL A 36 13.24 2.66 1.07
N PHE A 37 14.50 2.76 1.52
CA PHE A 37 15.63 2.53 0.63
C PHE A 37 15.44 1.26 -0.20
N ARG A 38 16.21 1.14 -1.28
CA ARG A 38 16.12 -0.02 -2.15
C ARG A 38 16.53 -1.29 -1.41
N GLU A 39 15.77 -2.36 -1.61
CA GLU A 39 16.06 -3.64 -0.96
C GLU A 39 15.91 -3.52 0.55
N ALA A 40 15.01 -2.64 0.99
CA ALA A 40 14.76 -2.43 2.41
C ALA A 40 13.31 -2.76 2.77
N THR A 41 13.13 -3.38 3.93
CA THR A 41 11.80 -3.75 4.39
C THR A 41 11.14 -2.59 5.13
N THR A 42 10.24 -1.88 4.45
CA THR A 42 9.55 -0.76 5.05
C THR A 42 8.03 -0.94 4.99
N ASP A 43 7.33 -0.41 5.98
CA ASP A 43 5.88 -0.52 6.04
C ASP A 43 5.27 0.69 6.74
N PHE A 44 3.98 0.92 6.51
CA PHE A 44 3.27 2.04 7.12
C PHE A 44 2.04 1.56 7.89
N THR A 45 1.39 2.49 8.58
CA THR A 45 0.21 2.16 9.36
C THR A 45 -0.99 2.98 8.90
N VAL A 46 -2.15 2.34 8.82
CA VAL A 46 -3.37 3.01 8.40
C VAL A 46 -4.34 3.18 9.56
N ASP A 47 -4.70 4.42 9.86
CA ASP A 47 -5.63 4.71 10.95
C ASP A 47 -7.06 4.81 10.43
N SER A 48 -7.92 3.93 10.91
CA SER A 48 -9.31 3.91 10.49
C SER A 48 -10.24 3.88 11.71
N ARG A 49 -11.19 4.80 11.75
CA ARG A 49 -12.15 4.88 12.85
C ARG A 49 -13.55 4.51 12.38
N PRO A 50 -14.17 5.40 11.60
CA PRO A 50 -15.52 5.18 11.08
C PRO A 50 -15.57 4.09 10.01
N LEU A 51 -14.43 3.44 9.80
CA LEU A 51 -14.33 2.37 8.80
C LEU A 51 -14.16 1.02 9.49
N THR A 52 -13.33 0.98 10.51
CA THR A 52 -13.08 -0.25 11.25
C THR A 52 -12.93 0.02 12.74
N GLN A 53 -13.02 -1.04 13.55
CA GLN A 53 -12.89 -0.90 15.00
C GLN A 53 -11.94 -1.94 15.56
N VAL A 54 -11.97 -3.15 14.97
CA VAL A 54 -11.10 -4.23 15.42
C VAL A 54 -10.35 -4.84 14.24
N GLY A 55 -9.91 -3.99 13.33
CA GLY A 55 -9.17 -4.46 12.16
C GLY A 55 -10.08 -5.08 11.11
N GLY A 56 -9.54 -5.29 9.92
CA GLY A 56 -10.33 -5.87 8.84
C GLY A 56 -9.47 -6.30 7.66
N ASP A 57 -10.13 -6.72 6.58
CA ASP A 57 -9.41 -7.16 5.39
C ASP A 57 -9.97 -6.48 4.14
N HIS A 58 -10.33 -5.21 4.28
CA HIS A 58 -10.88 -4.44 3.16
C HIS A 58 -9.88 -3.41 2.68
N ILE A 59 -8.59 -3.69 2.86
CA ILE A 59 -7.53 -2.79 2.43
C ILE A 59 -6.71 -3.39 1.31
N LYS A 60 -6.26 -2.55 0.39
CA LYS A 60 -5.46 -2.99 -0.74
C LYS A 60 -4.59 -1.86 -1.29
N ALA A 61 -3.34 -2.17 -1.57
CA ALA A 61 -2.41 -1.17 -2.11
C ALA A 61 -1.65 -1.72 -3.31
N HIS A 62 -1.07 -0.81 -4.10
CA HIS A 62 -0.31 -1.20 -5.28
C HIS A 62 0.75 -0.17 -5.61
N ILE A 63 2.01 -0.53 -5.39
CA ILE A 63 3.13 0.37 -5.66
C ILE A 63 3.48 0.37 -7.14
N ALA A 64 3.90 1.53 -7.65
CA ALA A 64 4.28 1.65 -9.05
C ALA A 64 5.62 2.36 -9.19
N ASN A 65 6.64 1.61 -9.61
CA ASN A 65 7.98 2.16 -9.78
C ASN A 65 8.01 3.17 -10.93
N PRO A 66 8.92 4.14 -10.85
CA PRO A 66 9.08 5.18 -11.87
C PRO A 66 9.63 4.61 -13.18
N SER A 67 9.92 3.32 -13.20
CA SER A 67 10.47 2.68 -14.37
C SER A 67 9.40 1.85 -15.09
N GLY A 68 8.33 1.52 -14.36
CA GLY A 68 7.26 0.75 -14.94
C GLY A 68 6.92 -0.49 -14.12
N ALA A 69 7.90 -0.98 -13.37
CA ALA A 69 7.70 -2.15 -12.53
C ALA A 69 6.82 -1.83 -11.32
N SER A 70 6.39 -2.87 -10.62
CA SER A 70 5.54 -2.69 -9.44
C SER A 70 5.99 -3.60 -8.31
N THR A 71 6.08 -3.03 -7.10
CA THR A 71 6.51 -3.79 -5.93
C THR A 71 5.30 -4.37 -5.19
N GLU A 72 5.30 -5.70 -5.04
CA GLU A 72 4.21 -6.38 -4.35
C GLU A 72 4.03 -5.83 -2.94
N CYS A 73 2.78 -5.53 -2.58
CA CYS A 73 2.48 -4.99 -1.26
C CYS A 73 1.83 -6.06 -0.39
N PHE A 74 2.17 -6.03 0.91
CA PHE A 74 1.63 -7.00 1.85
C PHE A 74 0.88 -6.30 2.99
N VAL A 75 -0.44 -6.37 2.95
CA VAL A 75 -1.27 -5.74 3.96
C VAL A 75 -1.46 -6.66 5.16
N THR A 76 -1.29 -6.11 6.36
CA THR A 76 -1.43 -6.89 7.59
C THR A 76 -2.26 -6.13 8.62
N ASP A 77 -3.42 -6.68 8.97
CA ASP A 77 -4.30 -6.05 9.95
C ASP A 77 -3.93 -6.47 11.36
N ASN A 78 -3.78 -5.50 12.25
CA ASN A 78 -3.43 -5.77 13.64
C ASN A 78 -4.67 -6.11 14.45
N ALA A 79 -5.76 -6.43 13.77
CA ALA A 79 -7.01 -6.77 14.43
C ALA A 79 -7.29 -5.83 15.60
N ASP A 80 -6.92 -4.57 15.43
CA ASP A 80 -7.13 -3.56 16.47
C ASP A 80 -7.91 -2.37 15.93
N GLY A 81 -7.68 -2.06 14.65
CA GLY A 81 -8.36 -0.94 14.04
C GLY A 81 -7.53 -0.28 12.96
N THR A 82 -6.26 -0.67 12.87
CA THR A 82 -5.36 -0.11 11.87
C THR A 82 -4.76 -1.21 10.99
N TYR A 83 -4.18 -0.80 9.87
CA TYR A 83 -3.57 -1.75 8.94
C TYR A 83 -2.08 -1.46 8.77
N GLN A 84 -1.31 -2.51 8.47
CA GLN A 84 0.12 -2.38 8.27
C GLN A 84 0.55 -3.01 6.95
N VAL A 85 0.92 -2.17 5.99
CA VAL A 85 1.36 -2.64 4.69
C VAL A 85 2.88 -2.61 4.57
N GLU A 86 3.47 -3.78 4.34
CA GLU A 86 4.92 -3.88 4.20
C GLU A 86 5.31 -4.23 2.77
N TYR A 87 6.31 -3.53 2.25
CA TYR A 87 6.78 -3.76 0.90
C TYR A 87 8.27 -3.42 0.77
N THR A 88 8.94 -4.09 -0.15
CA THR A 88 10.36 -3.87 -0.39
C THR A 88 10.63 -3.45 -1.83
N PRO A 89 10.84 -2.13 -2.03
CA PRO A 89 11.12 -1.58 -3.36
C PRO A 89 12.49 -1.98 -3.88
N PHE A 90 12.52 -2.46 -5.12
CA PHE A 90 13.77 -2.89 -5.75
C PHE A 90 14.27 -1.83 -6.73
N GLU A 91 13.95 -0.57 -6.45
CA GLU A 91 14.36 0.52 -7.32
C GLU A 91 14.26 1.85 -6.59
N LYS A 92 15.34 2.63 -6.62
CA LYS A 92 15.37 3.93 -5.96
C LYS A 92 14.70 4.99 -6.83
N GLY A 93 13.53 5.45 -6.39
CA GLY A 93 12.80 6.47 -7.13
C GLY A 93 11.42 6.73 -6.56
N LEU A 94 10.71 7.68 -7.15
CA LEU A 94 9.36 8.03 -6.69
C LEU A 94 8.32 7.08 -7.28
N HIS A 95 7.68 6.30 -6.42
CA HIS A 95 6.65 5.36 -6.86
C HIS A 95 5.26 5.89 -6.57
N VAL A 96 4.27 5.37 -7.29
CA VAL A 96 2.89 5.79 -7.11
C VAL A 96 2.05 4.70 -6.48
N VAL A 97 1.76 4.85 -5.19
CA VAL A 97 0.96 3.86 -4.47
C VAL A 97 -0.53 4.22 -4.51
N GLU A 98 -1.34 3.26 -4.93
CA GLU A 98 -2.79 3.47 -5.03
C GLU A 98 -3.52 2.71 -3.92
N VAL A 99 -4.14 3.46 -3.01
CA VAL A 99 -4.88 2.87 -1.90
C VAL A 99 -6.38 2.97 -2.12
N THR A 100 -7.09 1.87 -1.91
CA THR A 100 -8.54 1.84 -2.07
C THR A 100 -9.21 1.12 -0.92
N TYR A 101 -10.18 1.79 -0.30
CA TYR A 101 -10.90 1.22 0.84
C TYR A 101 -12.36 0.96 0.47
N ASP A 102 -12.71 -0.31 0.28
CA ASP A 102 -14.07 -0.69 -0.08
C ASP A 102 -14.47 -0.10 -1.43
N ASP A 103 -13.61 -0.32 -2.42
CA ASP A 103 -13.87 0.18 -3.77
C ASP A 103 -13.96 1.71 -3.78
N VAL A 104 -13.25 2.34 -2.84
CA VAL A 104 -13.26 3.79 -2.73
C VAL A 104 -11.88 4.31 -2.32
N PRO A 105 -11.19 4.95 -3.26
CA PRO A 105 -9.84 5.51 -3.02
C PRO A 105 -9.89 6.71 -2.10
N ILE A 106 -8.82 6.90 -1.32
CA ILE A 106 -8.73 8.02 -0.40
C ILE A 106 -8.31 9.31 -1.12
N PRO A 107 -8.62 10.46 -0.51
CA PRO A 107 -8.29 11.77 -1.07
C PRO A 107 -6.79 12.04 -1.04
N ASN A 108 -6.02 11.03 -0.66
CA ASN A 108 -4.57 11.16 -0.59
C ASN A 108 -3.88 10.34 -1.68
N SER A 109 -4.64 9.42 -2.28
CA SER A 109 -4.12 8.57 -3.34
C SER A 109 -4.37 9.18 -4.71
N PRO A 110 -3.45 8.92 -5.65
CA PRO A 110 -2.27 8.09 -5.40
C PRO A 110 -1.27 8.77 -4.47
N PHE A 111 -0.34 7.99 -3.92
CA PHE A 111 0.67 8.53 -3.02
C PHE A 111 2.00 8.69 -3.74
N LYS A 112 2.94 9.39 -3.11
CA LYS A 112 4.25 9.62 -3.69
C LYS A 112 5.35 9.29 -2.68
N VAL A 113 6.02 8.16 -2.89
CA VAL A 113 7.09 7.72 -2.01
C VAL A 113 8.45 7.92 -2.67
N ALA A 114 9.14 8.99 -2.27
CA ALA A 114 10.46 9.28 -2.81
C ALA A 114 11.56 8.54 -2.04
N VAL A 115 12.06 7.47 -2.65
CA VAL A 115 13.12 6.67 -2.03
C VAL A 115 14.49 7.30 -2.25
N THR A 116 15.40 7.05 -1.32
CA THR A 116 16.75 7.60 -1.40
C THR A 116 17.78 6.58 -0.94
N GLU A 117 18.98 6.63 -1.54
CA GLU A 117 20.05 5.72 -1.19
C GLU A 117 20.20 5.60 0.32
N GLY A 118 19.95 4.41 0.85
CA GLY A 118 20.07 4.19 2.28
C GLY A 118 20.31 2.74 2.62
N CYS A 119 21.44 2.47 3.28
CA CYS A 119 21.79 1.11 3.67
C CYS A 119 21.41 0.84 5.12
N GLN A 120 21.42 -0.43 5.50
CA GLN A 120 21.07 -0.83 6.86
C GLN A 120 21.68 -2.18 7.22
N PRO A 121 21.94 -2.38 8.51
CA PRO A 121 22.53 -3.63 9.01
C PRO A 121 21.56 -4.81 8.92
N SER A 122 21.99 -5.87 8.25
CA SER A 122 21.16 -7.06 8.08
C SER A 122 21.75 -8.24 8.85
N SER A 123 20.87 -9.11 9.35
CA SER A 123 21.30 -10.28 10.10
C SER A 123 21.64 -11.43 9.17
N GLY A 124 22.89 -11.90 9.23
CA GLY A 124 23.32 -12.99 8.38
C GLY A 124 23.61 -14.25 9.17
N PRO A 125 23.39 -15.42 8.54
CA PRO A 125 23.61 -16.72 9.17
C PRO A 125 25.09 -17.01 9.39
N SER A 126 25.41 -17.60 10.54
CA SER A 126 26.79 -17.92 10.86
C SER A 126 26.97 -19.43 11.00
N SER A 127 28.15 -19.92 10.62
CA SER A 127 28.46 -21.34 10.70
C SER A 127 29.84 -21.57 11.31
N GLY A 128 29.86 -22.12 12.52
CA GLY A 128 31.11 -22.38 13.20
C GLY A 128 31.63 -21.17 13.96
#